data_8VTA
#
_entry.id   8VTA
#
_cell.length_a   1.00
_cell.length_b   1.00
_cell.length_c   1.00
_cell.angle_alpha   90.00
_cell.angle_beta   90.00
_cell.angle_gamma   90.00
#
_symmetry.space_group_name_H-M   'P 1'
#
loop_
_entity.id
_entity.type
_entity.pdbx_description
1 polymer 'Transcriptional regulator, Crp/Fnr family'
2 non-polymer "ADENOSINE-3',5'-CYCLIC-MONOPHOSPHATE"
3 non-polymer '[(2R)-1-octadecanoyloxy-3-[oxidanyl-[(1R,2R,3S,4R,5R,6S)-2,3,6-tris(oxidanyl)-4,5-diphosphonooxy-cyclohexyl]oxy-phospho ryl]oxy-propan-2-yl] (8Z)-icosa-5,8,11,14-tetraenoate'
4 non-polymer 1,2-DIOLEOYL-SN-GLYCERO-3-PHOSPHOCHOLINE
#
_entity_poly.entity_id   1
_entity_poly.type   'polypeptide(L)'
_entity_poly.pdbx_seq_one_letter_code
;MAKDIGINSDPNSSSVMKSSGVSNPTYTLVWKVWILAVTLYYAIRIPLTLVFPSLFSPLLPLDILASLALIADIPLDLAF
ESRRTSGRKPTLLAPSRLPDLLAALPLDLLVFALHLPSPLSLLSLVRLLKLISVQASATRILSYRINPALLRLLSLVGFI
LLAAHGIACGWMSLQPPSENPAGTRYLSAFYWTITTLTTIGYGDITPSTPTQTVYTIVIELLGAAMYGLVIGNIASLVSK
LDAAKLLHRERVERVTAFLSYKRISPELQRRIIEYFDYLWETRRGYEEREVLKELPHPLRLAVAMEIHGDVIEKVPLFKG
AGEEFIRDIILHLEPVIYGPGEYIIRAGEMGSDVYFINRGSVEVLSADEKTRYAILSEGQFFGEMALILRAPRTATVRAR
AFCDLYRLDKETFDRILSRYPEIAAQIQELAVRRKELESSGLVPRGSVKHHHH
;
_entity_poly.pdbx_strand_id   A,B,C,D
#
# COMPACT_ATOMS: atom_id res chain seq x y z
N THR A 26 16.68 11.06 -32.41
CA THR A 26 17.34 12.09 -31.63
C THR A 26 18.81 11.77 -31.44
N TYR A 27 19.66 12.79 -31.61
CA TYR A 27 21.09 12.61 -31.41
C TYR A 27 21.41 12.34 -29.94
N THR A 28 20.66 12.94 -29.02
CA THR A 28 20.89 12.71 -27.60
C THR A 28 20.64 11.26 -27.23
N LEU A 29 19.55 10.67 -27.76
CA LEU A 29 19.21 9.29 -27.42
C LEU A 29 20.26 8.32 -27.94
N VAL A 30 20.69 8.49 -29.19
CA VAL A 30 21.68 7.58 -29.74
C VAL A 30 23.04 7.79 -29.08
N TRP A 31 23.37 9.02 -28.68
CA TRP A 31 24.60 9.24 -27.94
C TRP A 31 24.56 8.59 -26.58
N LYS A 32 23.40 8.65 -25.90
CA LYS A 32 23.27 7.98 -24.61
C LYS A 32 23.35 6.47 -24.76
N VAL A 33 22.79 5.94 -25.85
CA VAL A 33 22.90 4.50 -26.11
C VAL A 33 24.35 4.11 -26.34
N TRP A 34 25.09 4.93 -27.10
CA TRP A 34 26.50 4.66 -27.34
C TRP A 34 27.29 4.73 -26.03
N ILE A 35 26.98 5.70 -25.18
CA ILE A 35 27.67 5.83 -23.88
C ILE A 35 27.36 4.62 -23.01
N LEU A 36 26.10 4.16 -23.02
CA LEU A 36 25.75 2.97 -22.26
C LEU A 36 26.49 1.74 -22.76
N ALA A 37 26.60 1.60 -24.09
CA ALA A 37 27.34 0.47 -24.65
C ALA A 37 28.82 0.55 -24.29
N VAL A 38 29.39 1.75 -24.32
CA VAL A 38 30.80 1.93 -23.97
C VAL A 38 31.03 1.59 -22.50
N THR A 39 30.13 2.03 -21.63
CA THR A 39 30.29 1.74 -20.20
C THR A 39 30.06 0.26 -19.90
N LEU A 40 29.14 -0.39 -20.62
CA LEU A 40 29.00 -1.84 -20.48
C LEU A 40 30.26 -2.56 -20.93
N TYR A 41 30.86 -2.10 -22.03
CA TYR A 41 32.13 -2.65 -22.48
C TYR A 41 33.22 -2.47 -21.44
N TYR A 42 33.28 -1.29 -20.82
CA TYR A 42 34.26 -1.05 -19.77
C TYR A 42 34.00 -1.94 -18.55
N ALA A 43 32.74 -2.09 -18.14
CA ALA A 43 32.43 -2.92 -16.99
C ALA A 43 32.77 -4.38 -17.26
N ILE A 44 32.58 -4.84 -18.49
CA ILE A 44 32.95 -6.20 -18.85
C ILE A 44 34.47 -6.35 -18.89
N ARG A 45 35.17 -5.36 -19.43
CA ARG A 45 36.57 -5.55 -19.79
C ARG A 45 37.54 -5.19 -18.67
N ILE A 46 37.31 -4.08 -17.96
CA ILE A 46 38.30 -3.58 -17.00
C ILE A 46 38.68 -4.60 -15.94
N PRO A 47 37.73 -5.28 -15.27
CA PRO A 47 38.17 -6.38 -14.39
C PRO A 47 38.73 -7.56 -15.18
N LEU A 48 38.18 -7.84 -16.36
CA LEU A 48 38.66 -8.95 -17.17
C LEU A 48 40.10 -8.72 -17.62
N THR A 49 40.43 -7.50 -18.02
CA THR A 49 41.81 -7.20 -18.36
C THR A 49 42.66 -6.92 -17.13
N LEU A 50 42.04 -6.67 -15.98
CA LEU A 50 42.78 -6.59 -14.73
C LEU A 50 43.33 -7.95 -14.34
N VAL A 51 42.53 -9.00 -14.55
CA VAL A 51 43.01 -10.35 -14.29
C VAL A 51 43.69 -10.98 -15.49
N PHE A 52 43.54 -10.40 -16.68
CA PHE A 52 44.21 -10.85 -17.89
C PHE A 52 44.89 -9.66 -18.53
N PRO A 53 46.09 -9.30 -18.05
CA PRO A 53 46.80 -8.15 -18.64
C PRO A 53 47.11 -8.34 -20.12
N SER A 54 47.28 -9.58 -20.57
CA SER A 54 47.53 -9.85 -21.98
C SER A 54 46.36 -9.45 -22.87
N LEU A 55 45.18 -9.24 -22.29
CA LEU A 55 44.03 -8.76 -23.04
C LEU A 55 44.06 -7.25 -23.26
N PHE A 56 44.94 -6.52 -22.55
CA PHE A 56 44.93 -5.06 -22.65
C PHE A 56 45.39 -4.59 -24.02
N SER A 57 46.47 -5.19 -24.53
CA SER A 57 47.02 -4.75 -25.82
C SER A 57 46.09 -4.99 -27.01
N PRO A 58 45.48 -6.17 -27.21
CA PRO A 58 44.65 -6.36 -28.41
C PRO A 58 43.44 -5.45 -28.48
N LEU A 59 42.91 -5.00 -27.33
CA LEU A 59 41.75 -4.14 -27.30
C LEU A 59 42.11 -2.68 -27.05
N LEU A 60 43.39 -2.33 -27.22
CA LEU A 60 43.81 -0.94 -27.09
C LEU A 60 43.11 0.02 -28.06
N PRO A 61 42.92 -0.29 -29.36
CA PRO A 61 42.22 0.68 -30.23
C PRO A 61 40.80 0.99 -29.79
N LEU A 62 40.11 0.03 -29.17
CA LEU A 62 38.77 0.32 -28.66
C LEU A 62 38.82 1.29 -27.50
N ASP A 63 39.70 1.01 -26.52
CA ASP A 63 39.73 1.75 -25.26
C ASP A 63 39.86 3.25 -25.48
N ILE A 64 40.85 3.65 -26.27
CA ILE A 64 41.06 5.07 -26.54
C ILE A 64 39.81 5.68 -27.14
N LEU A 65 39.19 4.99 -28.11
CA LEU A 65 37.91 5.45 -28.65
C LEU A 65 36.89 5.59 -27.53
N ALA A 66 36.75 4.54 -26.72
CA ALA A 66 35.91 4.63 -25.54
C ALA A 66 36.36 5.76 -24.63
N SER A 67 37.67 5.88 -24.43
CA SER A 67 38.18 6.98 -23.61
C SER A 67 37.82 8.32 -24.22
N LEU A 68 37.87 8.42 -25.56
CA LEU A 68 37.41 9.63 -26.21
C LEU A 68 35.94 9.89 -25.90
N ALA A 69 35.11 8.85 -26.03
CA ALA A 69 33.72 8.97 -25.63
C ALA A 69 33.64 9.33 -24.15
N LEU A 70 34.53 8.75 -23.35
CA LEU A 70 34.52 9.00 -21.91
C LEU A 70 34.81 10.46 -21.59
N ILE A 71 35.48 11.18 -22.48
CA ILE A 71 35.58 12.62 -22.30
C ILE A 71 34.60 13.38 -23.19
N ALA A 72 34.16 12.78 -24.29
CA ALA A 72 33.19 13.45 -25.15
C ALA A 72 31.85 13.63 -24.45
N ASP A 73 31.56 12.81 -23.45
CA ASP A 73 30.34 12.96 -22.67
C ASP A 73 30.46 14.04 -21.60
N ILE A 74 31.67 14.58 -21.36
CA ILE A 74 31.81 15.65 -20.38
C ILE A 74 31.03 16.91 -20.76
N PRO A 75 31.20 17.50 -21.97
CA PRO A 75 30.38 18.68 -22.28
C PRO A 75 28.98 18.34 -22.77
N LEU A 76 28.85 17.24 -23.52
CA LEU A 76 27.59 16.94 -24.20
C LEU A 76 26.47 16.72 -23.20
N ASP A 77 26.75 16.00 -22.10
CA ASP A 77 25.78 15.86 -21.03
C ASP A 77 25.37 17.24 -20.50
N LEU A 78 26.36 18.08 -20.22
CA LEU A 78 26.06 19.47 -19.83
C LEU A 78 25.31 20.20 -20.94
N ALA A 79 25.57 19.84 -22.19
CA ALA A 79 24.75 20.37 -23.29
C ALA A 79 23.36 19.76 -23.24
N PHE A 80 23.27 18.44 -23.02
CA PHE A 80 21.99 17.77 -23.16
C PHE A 80 21.05 18.10 -22.00
N GLU A 81 21.60 18.43 -20.83
CA GLU A 81 20.78 18.95 -19.75
C GLU A 81 20.49 20.44 -19.92
N SER A 82 21.26 21.13 -20.77
CA SER A 82 20.98 22.54 -21.01
C SER A 82 19.75 22.74 -21.89
N ARG A 83 19.53 21.82 -22.84
CA ARG A 83 18.35 21.92 -23.68
C ARG A 83 17.07 21.68 -22.90
N ARG A 84 17.12 20.85 -21.86
CA ARG A 84 15.95 20.52 -21.04
C ARG A 84 16.03 21.34 -19.76
N THR A 85 15.50 22.57 -19.80
CA THR A 85 15.39 23.46 -18.64
C THR A 85 16.74 23.59 -17.91
N SER A 86 17.67 24.25 -18.60
CA SER A 86 19.06 24.35 -18.15
C SER A 86 19.16 24.79 -16.68
N GLY A 87 18.60 25.96 -16.36
CA GLY A 87 18.67 26.49 -15.01
C GLY A 87 20.09 26.61 -14.49
N ARG A 88 20.40 25.86 -13.45
CA ARG A 88 21.76 25.78 -12.93
C ARG A 88 22.38 24.43 -13.26
N LYS A 89 23.64 24.45 -13.67
CA LYS A 89 24.41 23.24 -14.00
C LYS A 89 25.74 23.27 -13.26
N PRO A 90 25.72 23.06 -11.93
CA PRO A 90 26.97 23.10 -11.17
C PRO A 90 27.82 21.85 -11.35
N THR A 91 28.59 21.81 -12.44
CA THR A 91 29.48 20.67 -12.65
C THR A 91 30.73 20.82 -11.78
N LEU A 92 31.55 19.77 -11.78
CA LEU A 92 32.77 19.63 -10.99
C LEU A 92 32.47 19.64 -9.49
N LEU A 93 31.23 19.41 -9.10
CA LEU A 93 30.79 19.38 -7.71
C LEU A 93 29.43 18.69 -7.67
N ALA A 94 28.83 18.64 -6.47
CA ALA A 94 27.50 18.10 -6.17
C ALA A 94 27.48 16.58 -6.35
N PRO A 95 26.52 15.88 -5.74
CA PRO A 95 26.44 14.42 -5.97
C PRO A 95 26.20 14.05 -7.42
N SER A 96 25.55 14.91 -8.20
CA SER A 96 25.41 14.68 -9.62
C SER A 96 26.63 15.19 -10.37
N ARG A 97 26.98 14.48 -11.45
CA ARG A 97 28.06 14.81 -12.39
C ARG A 97 29.45 14.68 -11.79
N LEU A 98 29.58 14.38 -10.50
CA LEU A 98 30.89 14.12 -9.90
C LEU A 98 31.40 12.72 -10.23
N PRO A 99 30.60 11.65 -10.05
CA PRO A 99 31.08 10.34 -10.53
C PRO A 99 31.30 10.29 -12.04
N ASP A 100 30.51 11.04 -12.80
CA ASP A 100 30.70 11.09 -14.25
C ASP A 100 32.07 11.67 -14.60
N LEU A 101 32.46 12.76 -13.94
CA LEU A 101 33.74 13.36 -14.23
C LEU A 101 34.88 12.51 -13.67
N LEU A 102 34.67 11.87 -12.53
CA LEU A 102 35.70 11.00 -11.96
C LEU A 102 35.98 9.80 -12.86
N ALA A 103 34.93 9.19 -13.41
CA ALA A 103 35.11 8.11 -14.35
C ALA A 103 35.58 8.58 -15.71
N ALA A 104 35.41 9.88 -16.01
CA ALA A 104 35.75 10.39 -17.33
C ALA A 104 37.25 10.41 -17.58
N LEU A 105 38.05 10.64 -16.56
CA LEU A 105 39.49 10.73 -16.75
C LEU A 105 40.08 9.37 -17.13
N PRO A 106 41.05 9.33 -18.05
CA PRO A 106 41.60 8.05 -18.55
C PRO A 106 42.61 7.42 -17.59
N LEU A 107 42.15 7.06 -16.40
CA LEU A 107 43.01 6.37 -15.44
C LEU A 107 43.37 4.97 -15.93
N ASP A 108 42.40 4.27 -16.52
CA ASP A 108 42.59 2.87 -16.88
C ASP A 108 43.71 2.70 -17.89
N LEU A 109 43.76 3.58 -18.91
CA LEU A 109 44.78 3.46 -19.94
C LEU A 109 46.18 3.60 -19.35
N LEU A 110 46.38 4.60 -18.49
CA LEU A 110 47.71 4.82 -17.93
C LEU A 110 48.09 3.70 -16.96
N VAL A 111 47.15 3.21 -16.15
CA VAL A 111 47.54 2.18 -15.19
C VAL A 111 47.83 0.87 -15.90
N PHE A 112 47.06 0.53 -16.94
CA PHE A 112 47.35 -0.68 -17.68
C PHE A 112 48.60 -0.54 -18.54
N ALA A 113 48.96 0.69 -18.93
CA ALA A 113 50.23 0.88 -19.62
C ALA A 113 51.41 0.71 -18.66
N LEU A 114 51.28 1.24 -17.43
CA LEU A 114 52.37 1.16 -16.47
C LEU A 114 52.49 -0.22 -15.83
N HIS A 115 51.46 -1.07 -15.95
CA HIS A 115 51.46 -2.41 -15.38
C HIS A 115 51.71 -2.39 -13.87
N LEU A 116 51.00 -1.50 -13.17
CA LEU A 116 51.19 -1.35 -11.74
C LEU A 116 50.64 -2.56 -10.99
N PRO A 117 51.15 -2.83 -9.79
CA PRO A 117 50.66 -3.98 -9.01
C PRO A 117 49.19 -3.86 -8.65
N SER A 118 48.65 -4.97 -8.13
CA SER A 118 47.21 -5.08 -7.90
C SER A 118 46.64 -4.04 -6.95
N PRO A 119 47.23 -3.74 -5.77
CA PRO A 119 46.63 -2.70 -4.92
C PRO A 119 46.54 -1.34 -5.57
N LEU A 120 47.49 -1.00 -6.44
CA LEU A 120 47.44 0.27 -7.15
C LEU A 120 46.68 0.19 -8.46
N SER A 121 46.70 -0.97 -9.13
CA SER A 121 45.95 -1.12 -10.37
C SER A 121 44.47 -1.36 -10.13
N LEU A 122 44.05 -1.58 -8.88
CA LEU A 122 42.63 -1.67 -8.57
C LEU A 122 41.91 -0.35 -8.80
N LEU A 123 42.65 0.76 -8.90
CA LEU A 123 42.06 2.07 -9.14
C LEU A 123 41.52 2.22 -10.55
N SER A 124 41.78 1.26 -11.45
CA SER A 124 41.21 1.31 -12.79
C SER A 124 39.69 1.14 -12.77
N LEU A 125 39.13 0.67 -11.65
CA LEU A 125 37.69 0.55 -11.50
C LEU A 125 36.98 1.90 -11.37
N VAL A 126 37.74 3.00 -11.23
CA VAL A 126 37.15 4.33 -11.21
C VAL A 126 36.42 4.60 -12.52
N ARG A 127 36.90 4.00 -13.62
CA ARG A 127 36.19 4.10 -14.90
C ARG A 127 34.78 3.56 -14.80
N LEU A 128 34.55 2.55 -13.97
CA LEU A 128 33.22 1.96 -13.81
C LEU A 128 32.27 2.84 -13.01
N LEU A 129 32.76 3.94 -12.41
CA LEU A 129 31.88 4.84 -11.68
C LEU A 129 30.91 5.59 -12.58
N LYS A 130 31.10 5.52 -13.91
CA LYS A 130 30.16 6.10 -14.85
C LYS A 130 28.83 5.36 -14.86
N LEU A 131 28.77 4.17 -14.27
CA LEU A 131 27.58 3.34 -14.33
C LEU A 131 26.39 3.98 -13.61
N ILE A 132 26.63 4.71 -12.51
CA ILE A 132 25.52 5.35 -11.82
C ILE A 132 24.92 6.45 -12.68
N SER A 133 25.76 7.23 -13.36
CA SER A 133 25.25 8.26 -14.27
C SER A 133 24.56 7.63 -15.47
N VAL A 134 25.06 6.49 -15.95
CA VAL A 134 24.43 5.78 -17.05
C VAL A 134 23.05 5.28 -16.64
N GLN A 135 22.95 4.74 -15.42
CA GLN A 135 21.65 4.29 -14.91
C GLN A 135 20.68 5.47 -14.76
N ALA A 136 21.17 6.61 -14.26
CA ALA A 136 20.32 7.78 -14.14
C ALA A 136 19.84 8.27 -15.50
N SER A 137 20.72 8.31 -16.49
CA SER A 137 20.34 8.75 -17.82
C SER A 137 19.36 7.78 -18.46
N ALA A 138 19.59 6.47 -18.31
CA ALA A 138 18.66 5.48 -18.84
C ALA A 138 17.31 5.56 -18.14
N THR A 139 17.30 5.93 -16.86
CA THR A 139 16.04 6.20 -16.18
C THR A 139 15.34 7.40 -16.78
N ARG A 140 16.07 8.49 -17.02
CA ARG A 140 15.47 9.70 -17.54
C ARG A 140 14.92 9.51 -18.95
N ILE A 141 15.64 8.76 -19.80
CA ILE A 141 15.17 8.53 -21.16
C ILE A 141 14.16 7.40 -21.25
N LEU A 142 13.88 6.70 -20.14
CA LEU A 142 12.93 5.60 -20.17
C LEU A 142 12.01 5.60 -18.96
N SER A 143 11.69 6.78 -18.42
CA SER A 143 10.75 6.89 -17.32
C SER A 143 9.32 7.12 -17.81
N TYR A 144 9.08 7.01 -19.11
CA TYR A 144 7.79 7.32 -19.69
C TYR A 144 7.04 6.09 -20.17
N ARG A 145 7.68 5.27 -21.01
CA ARG A 145 7.05 4.06 -21.51
C ARG A 145 7.34 2.84 -20.65
N ILE A 146 8.17 2.97 -19.63
CA ILE A 146 8.57 1.87 -18.77
C ILE A 146 8.13 2.18 -17.34
N ASN A 147 7.59 1.18 -16.67
CA ASN A 147 7.21 1.32 -15.27
C ASN A 147 8.46 1.60 -14.44
N PRO A 148 8.41 2.56 -13.51
CA PRO A 148 9.59 2.85 -12.67
C PRO A 148 10.02 1.67 -11.83
N ALA A 149 9.10 0.84 -11.35
CA ALA A 149 9.48 -0.37 -10.63
C ALA A 149 10.20 -1.34 -11.55
N LEU A 150 9.65 -1.56 -12.76
CA LEU A 150 10.29 -2.45 -13.71
C LEU A 150 11.60 -1.87 -14.21
N LEU A 151 11.67 -0.55 -14.39
CA LEU A 151 12.93 0.07 -14.80
C LEU A 151 13.99 -0.09 -13.72
N ARG A 152 13.60 0.09 -12.45
CA ARG A 152 14.55 -0.10 -11.35
C ARG A 152 15.00 -1.56 -11.28
N LEU A 153 14.07 -2.50 -11.48
CA LEU A 153 14.42 -3.91 -11.45
C LEU A 153 15.36 -4.27 -12.60
N LEU A 154 15.12 -3.72 -13.79
CA LEU A 154 15.98 -3.99 -14.93
C LEU A 154 17.37 -3.41 -14.72
N SER A 155 17.45 -2.19 -14.19
CA SER A 155 18.75 -1.60 -13.88
C SER A 155 19.47 -2.41 -12.82
N LEU A 156 18.73 -2.89 -11.81
CA LEU A 156 19.33 -3.72 -10.78
C LEU A 156 19.84 -5.03 -11.34
N VAL A 157 19.09 -5.63 -12.26
CA VAL A 157 19.52 -6.90 -12.84
C VAL A 157 20.75 -6.71 -13.72
N GLY A 158 20.78 -5.63 -14.51
CA GLY A 158 21.97 -5.34 -15.29
C GLY A 158 23.19 -5.07 -14.43
N PHE A 159 23.01 -4.27 -13.36
CA PHE A 159 24.09 -4.01 -12.44
C PHE A 159 24.52 -5.28 -11.72
N ILE A 160 23.57 -6.19 -11.46
CA ILE A 160 23.90 -7.45 -10.80
C ILE A 160 24.71 -8.34 -11.73
N LEU A 161 24.37 -8.34 -13.02
CA LEU A 161 25.16 -9.12 -13.99
C LEU A 161 26.57 -8.55 -14.12
N LEU A 162 26.69 -7.22 -14.19
CA LEU A 162 28.02 -6.60 -14.25
C LEU A 162 28.81 -6.86 -12.98
N ALA A 163 28.15 -6.79 -11.82
CA ALA A 163 28.79 -7.07 -10.56
C ALA A 163 29.18 -8.53 -10.45
N ALA A 164 28.38 -9.43 -11.01
CA ALA A 164 28.73 -10.85 -11.03
C ALA A 164 29.96 -11.08 -11.87
N HIS A 165 30.07 -10.41 -13.02
CA HIS A 165 31.28 -10.51 -13.82
C HIS A 165 32.49 -9.97 -13.07
N GLY A 166 32.34 -8.82 -12.41
CA GLY A 166 33.44 -8.26 -11.65
C GLY A 166 33.84 -9.13 -10.48
N ILE A 167 32.86 -9.74 -9.82
CA ILE A 167 33.14 -10.61 -8.68
C ILE A 167 33.82 -11.89 -9.15
N ALA A 168 33.41 -12.42 -10.30
CA ALA A 168 34.10 -13.56 -10.87
C ALA A 168 35.54 -13.22 -11.22
N CYS A 169 35.76 -12.00 -11.73
CA CYS A 169 37.12 -11.56 -11.98
C CYS A 169 37.94 -11.47 -10.69
N GLY A 170 37.32 -10.96 -9.62
CA GLY A 170 37.99 -10.98 -8.33
C GLY A 170 38.32 -12.39 -7.88
N TRP A 171 37.42 -13.33 -8.17
CA TRP A 171 37.64 -14.72 -7.80
C TRP A 171 38.82 -15.30 -8.59
N MET A 172 38.93 -14.95 -9.87
CA MET A 172 40.16 -15.21 -10.61
C MET A 172 41.38 -14.67 -9.89
N SER A 173 41.31 -13.39 -9.52
CA SER A 173 42.47 -12.71 -8.95
C SER A 173 42.88 -13.29 -7.61
N LEU A 174 41.97 -13.98 -6.92
CA LEU A 174 42.34 -14.65 -5.69
C LEU A 174 42.48 -16.16 -5.82
N GLN A 175 42.23 -16.71 -7.01
CA GLN A 175 42.55 -18.12 -7.25
C GLN A 175 44.06 -18.32 -7.33
N PRO A 176 44.56 -19.47 -6.91
CA PRO A 176 45.97 -19.79 -7.11
C PRO A 176 46.29 -19.88 -8.59
N PRO A 177 47.49 -19.46 -9.01
CA PRO A 177 47.86 -19.54 -10.42
C PRO A 177 47.90 -20.99 -10.90
N SER A 178 47.45 -21.19 -12.14
CA SER A 178 47.42 -22.53 -12.73
C SER A 178 47.39 -22.39 -14.24
N GLU A 179 47.68 -23.50 -14.91
CA GLU A 179 47.64 -23.55 -16.37
C GLU A 179 46.26 -23.93 -16.90
N ASN A 180 45.21 -23.71 -16.11
CA ASN A 180 43.86 -23.94 -16.58
C ASN A 180 43.52 -22.94 -17.69
N PRO A 181 42.74 -23.36 -18.69
CA PRO A 181 42.36 -22.42 -19.75
C PRO A 181 41.57 -21.24 -19.19
N ALA A 182 41.78 -20.08 -19.79
CA ALA A 182 41.16 -18.85 -19.29
C ALA A 182 39.64 -18.93 -19.34
N GLY A 183 39.10 -19.49 -20.42
CA GLY A 183 37.66 -19.63 -20.52
C GLY A 183 37.09 -20.55 -19.46
N THR A 184 37.74 -21.69 -19.23
CA THR A 184 37.23 -22.65 -18.25
C THR A 184 37.26 -22.07 -16.83
N ARG A 185 38.34 -21.39 -16.47
CA ARG A 185 38.41 -20.80 -15.14
C ARG A 185 37.49 -19.59 -15.00
N TYR A 186 37.26 -18.84 -16.08
CA TYR A 186 36.24 -17.79 -16.00
C TYR A 186 34.86 -18.39 -15.81
N LEU A 187 34.59 -19.49 -16.48
CA LEU A 187 33.31 -20.17 -16.31
C LEU A 187 33.15 -20.65 -14.87
N SER A 188 34.21 -21.20 -14.28
CA SER A 188 34.15 -21.64 -12.90
C SER A 188 33.94 -20.46 -11.94
N ALA A 189 34.61 -19.34 -12.20
CA ALA A 189 34.45 -18.17 -11.34
C ALA A 189 33.06 -17.58 -11.44
N PHE A 190 32.52 -17.50 -12.65
CA PHE A 190 31.17 -16.99 -12.82
C PHE A 190 30.15 -17.95 -12.21
N TYR A 191 30.42 -19.24 -12.29
CA TYR A 191 29.55 -20.22 -11.64
C TYR A 191 29.57 -20.04 -10.14
N TRP A 192 30.75 -19.82 -9.56
CA TRP A 192 30.83 -19.59 -8.12
C TRP A 192 30.08 -18.33 -7.72
N THR A 193 30.26 -17.23 -8.46
CA THR A 193 29.60 -16.00 -8.06
C THR A 193 28.10 -16.04 -8.32
N ILE A 194 27.63 -16.88 -9.24
CA ILE A 194 26.19 -17.03 -9.39
C ILE A 194 25.62 -17.92 -8.29
N THR A 195 26.37 -18.95 -7.86
CA THR A 195 25.95 -19.69 -6.68
C THR A 195 25.86 -18.80 -5.46
N THR A 196 26.84 -17.91 -5.30
CA THR A 196 26.88 -17.03 -4.13
C THR A 196 25.80 -15.97 -4.19
N LEU A 197 25.66 -15.31 -5.35
CA LEU A 197 24.76 -14.16 -5.45
C LEU A 197 23.30 -14.58 -5.39
N THR A 198 22.99 -15.77 -5.89
CA THR A 198 21.62 -16.27 -5.88
C THR A 198 21.30 -17.01 -4.58
N THR A 199 22.22 -17.02 -3.63
CA THR A 199 22.06 -17.69 -2.33
C THR A 199 21.75 -19.17 -2.49
N ILE A 200 22.29 -19.79 -3.53
CA ILE A 200 22.10 -21.23 -3.74
C ILE A 200 23.24 -21.98 -3.06
N GLY A 201 24.48 -21.72 -3.49
CA GLY A 201 25.63 -22.23 -2.78
C GLY A 201 25.76 -23.73 -2.78
N TYR A 202 26.08 -24.31 -3.93
CA TYR A 202 26.30 -25.75 -4.00
C TYR A 202 27.47 -26.17 -3.12
N GLY A 203 28.54 -25.40 -3.12
CA GLY A 203 29.71 -25.73 -2.35
C GLY A 203 30.69 -26.67 -3.01
N ASP A 204 30.49 -26.97 -4.29
CA ASP A 204 31.47 -27.80 -5.00
C ASP A 204 32.80 -27.07 -5.14
N ILE A 205 32.76 -25.78 -5.40
CA ILE A 205 33.95 -24.93 -5.37
C ILE A 205 33.79 -23.92 -4.24
N THR A 206 34.82 -23.81 -3.42
CA THR A 206 34.75 -23.17 -2.12
C THR A 206 36.06 -22.43 -1.87
N PRO A 207 36.08 -21.50 -0.91
CA PRO A 207 37.34 -20.85 -0.53
C PRO A 207 38.37 -21.86 -0.05
N SER A 208 39.62 -21.59 -0.36
CA SER A 208 40.74 -22.38 0.12
C SER A 208 41.71 -21.59 0.98
N THR A 209 42.05 -20.38 0.58
CA THR A 209 42.96 -19.50 1.28
C THR A 209 42.18 -18.52 2.15
N PRO A 210 42.80 -18.00 3.21
CA PRO A 210 42.09 -17.02 4.05
C PRO A 210 41.66 -15.77 3.32
N THR A 211 42.47 -15.28 2.36
CA THR A 211 42.05 -14.13 1.58
C THR A 211 40.83 -14.45 0.73
N GLN A 212 40.80 -15.66 0.13
CA GLN A 212 39.61 -16.11 -0.57
C GLN A 212 38.42 -16.21 0.37
N THR A 213 38.66 -16.56 1.63
CA THR A 213 37.56 -16.69 2.58
C THR A 213 36.99 -15.32 2.94
N VAL A 214 37.85 -14.33 3.16
CA VAL A 214 37.39 -12.97 3.39
C VAL A 214 36.62 -12.45 2.19
N TYR A 215 37.14 -12.70 1.00
CA TYR A 215 36.47 -12.29 -0.22
C TYR A 215 35.12 -12.95 -0.37
N THR A 216 35.04 -14.24 -0.04
CA THR A 216 33.78 -14.95 -0.11
C THR A 216 32.80 -14.43 0.93
N ILE A 217 33.28 -14.04 2.11
CA ILE A 217 32.39 -13.47 3.12
C ILE A 217 31.77 -12.18 2.61
N VAL A 218 32.60 -11.27 2.09
CA VAL A 218 32.05 -9.99 1.64
C VAL A 218 31.20 -10.17 0.39
N ILE A 219 31.55 -11.12 -0.49
CA ILE A 219 30.73 -11.39 -1.65
C ILE A 219 29.42 -12.04 -1.25
N GLU A 220 29.42 -12.87 -0.22
CA GLU A 220 28.19 -13.46 0.29
C GLU A 220 27.27 -12.39 0.85
N LEU A 221 27.82 -11.45 1.61
CA LEU A 221 27.01 -10.35 2.12
C LEU A 221 26.45 -9.51 0.98
N LEU A 222 27.29 -9.19 -0.01
CA LEU A 222 26.81 -8.40 -1.15
C LEU A 222 25.78 -9.16 -1.97
N GLY A 223 25.97 -10.47 -2.15
CA GLY A 223 25.04 -11.25 -2.92
C GLY A 223 23.71 -11.43 -2.21
N ALA A 224 23.74 -11.62 -0.90
CA ALA A 224 22.51 -11.65 -0.13
C ALA A 224 21.80 -10.31 -0.18
N ALA A 225 22.56 -9.21 -0.10
CA ALA A 225 21.96 -7.88 -0.19
C ALA A 225 21.29 -7.67 -1.54
N MET A 226 21.98 -8.03 -2.63
CA MET A 226 21.42 -7.77 -3.95
C MET A 226 20.34 -8.79 -4.32
N TYR A 227 20.37 -9.99 -3.76
CA TYR A 227 19.27 -10.92 -3.97
C TYR A 227 18.04 -10.47 -3.20
N GLY A 228 18.23 -9.94 -1.99
CA GLY A 228 17.13 -9.30 -1.29
C GLY A 228 16.61 -8.10 -2.05
N LEU A 229 17.51 -7.36 -2.71
CA LEU A 229 17.08 -6.26 -3.56
C LEU A 229 16.23 -6.75 -4.73
N VAL A 230 16.65 -7.85 -5.37
CA VAL A 230 15.87 -8.41 -6.47
C VAL A 230 14.51 -8.87 -5.99
N ILE A 231 14.47 -9.56 -4.85
CA ILE A 231 13.21 -10.06 -4.32
C ILE A 231 12.31 -8.91 -3.92
N GLY A 232 12.87 -7.87 -3.30
CA GLY A 232 12.07 -6.71 -2.93
C GLY A 232 11.54 -5.95 -4.13
N ASN A 233 12.36 -5.80 -5.17
CA ASN A 233 11.89 -5.13 -6.38
C ASN A 233 10.80 -5.94 -7.07
N ILE A 234 10.94 -7.26 -7.08
CA ILE A 234 9.91 -8.11 -7.65
C ILE A 234 8.63 -8.02 -6.83
N ALA A 235 8.76 -8.00 -5.51
CA ALA A 235 7.59 -7.86 -4.64
C ALA A 235 6.89 -6.53 -4.86
N SER A 236 7.66 -5.45 -5.00
CA SER A 236 7.06 -4.16 -5.31
C SER A 236 6.38 -4.18 -6.67
N LEU A 237 7.00 -4.82 -7.66
CA LEU A 237 6.43 -4.87 -8.99
C LEU A 237 5.11 -5.63 -9.01
N VAL A 238 5.04 -6.75 -8.28
CA VAL A 238 3.82 -7.55 -8.29
C VAL A 238 2.80 -7.10 -7.25
N SER A 239 3.17 -6.21 -6.33
CA SER A 239 2.19 -5.70 -5.38
C SER A 239 1.21 -4.76 -6.05
N LYS A 240 1.64 -4.06 -7.10
CA LYS A 240 0.77 -3.18 -7.87
C LYS A 240 0.67 -3.64 -9.33
N LEU A 241 0.89 -4.93 -9.59
CA LEU A 241 0.73 -5.45 -10.95
C LEU A 241 -0.73 -5.47 -11.37
N ASP A 242 -1.64 -5.66 -10.41
CA ASP A 242 -3.08 -5.65 -10.66
C ASP A 242 -3.77 -4.72 -9.68
N ALA A 243 -3.22 -3.51 -9.55
CA ALA A 243 -3.72 -2.56 -8.55
C ALA A 243 -5.17 -2.17 -8.81
N ALA A 244 -5.53 -1.96 -10.08
CA ALA A 244 -6.91 -1.61 -10.40
C ALA A 244 -7.86 -2.75 -10.08
N LYS A 245 -7.49 -3.97 -10.47
CA LYS A 245 -8.35 -5.11 -10.20
C LYS A 245 -8.47 -5.38 -8.72
N LEU A 246 -7.36 -5.27 -7.98
CA LEU A 246 -7.41 -5.48 -6.54
C LEU A 246 -8.24 -4.42 -5.84
N LEU A 247 -8.10 -3.16 -6.28
CA LEU A 247 -8.88 -2.08 -5.69
C LEU A 247 -10.37 -2.28 -5.95
N HIS A 248 -10.73 -2.63 -7.18
CA HIS A 248 -12.14 -2.88 -7.50
C HIS A 248 -12.68 -4.07 -6.73
N ARG A 249 -11.88 -5.14 -6.62
CA ARG A 249 -12.34 -6.33 -5.92
C ARG A 249 -12.51 -6.08 -4.44
N GLU A 250 -11.61 -5.29 -3.83
CA GLU A 250 -11.78 -5.01 -2.42
C GLU A 250 -12.93 -4.03 -2.18
N ARG A 251 -13.19 -3.13 -3.12
CA ARG A 251 -14.39 -2.31 -3.02
C ARG A 251 -15.65 -3.16 -3.10
N VAL A 252 -15.66 -4.13 -4.01
CA VAL A 252 -16.80 -5.04 -4.15
C VAL A 252 -16.97 -5.86 -2.88
N GLU A 253 -15.86 -6.36 -2.33
CA GLU A 253 -15.93 -7.14 -1.10
C GLU A 253 -16.45 -6.30 0.06
N ARG A 254 -16.00 -5.04 0.16
CA ARG A 254 -16.49 -4.16 1.21
C ARG A 254 -17.98 -3.92 1.08
N VAL A 255 -18.44 -3.62 -0.14
CA VAL A 255 -19.86 -3.37 -0.36
C VAL A 255 -20.67 -4.62 -0.05
N THR A 256 -20.21 -5.78 -0.51
CA THR A 256 -20.94 -7.02 -0.30
C THR A 256 -21.00 -7.38 1.17
N ALA A 257 -19.90 -7.20 1.90
CA ALA A 257 -19.90 -7.48 3.33
C ALA A 257 -20.85 -6.55 4.07
N PHE A 258 -20.85 -5.27 3.70
CA PHE A 258 -21.78 -4.32 4.33
C PHE A 258 -23.22 -4.70 4.05
N LEU A 259 -23.53 -5.08 2.81
CA LEU A 259 -24.91 -5.44 2.47
C LEU A 259 -25.34 -6.72 3.16
N SER A 260 -24.44 -7.70 3.25
CA SER A 260 -24.75 -8.93 3.97
C SER A 260 -24.97 -8.66 5.44
N TYR A 261 -24.25 -7.70 6.01
CA TYR A 261 -24.54 -7.27 7.37
C TYR A 261 -25.92 -6.65 7.46
N LYS A 262 -26.30 -5.87 6.44
CA LYS A 262 -27.59 -5.19 6.42
C LYS A 262 -28.74 -6.11 6.02
N ARG A 263 -28.48 -7.41 5.86
CA ARG A 263 -29.50 -8.39 5.48
C ARG A 263 -30.16 -8.00 4.15
N ILE A 264 -29.34 -7.52 3.22
CA ILE A 264 -29.83 -7.19 1.89
C ILE A 264 -30.22 -8.45 1.15
N SER A 265 -31.34 -8.39 0.44
CA SER A 265 -31.86 -9.56 -0.26
C SER A 265 -30.87 -10.02 -1.32
N PRO A 266 -30.75 -11.33 -1.56
CA PRO A 266 -29.77 -11.82 -2.53
C PRO A 266 -30.02 -11.35 -3.96
N GLU A 267 -31.26 -11.00 -4.31
CA GLU A 267 -31.52 -10.46 -5.64
C GLU A 267 -30.83 -9.12 -5.83
N LEU A 268 -30.96 -8.23 -4.85
CA LEU A 268 -30.29 -6.93 -4.94
C LEU A 268 -28.78 -7.07 -4.85
N GLN A 269 -28.30 -8.02 -4.04
CA GLN A 269 -26.86 -8.28 -3.99
C GLN A 269 -26.34 -8.76 -5.34
N ARG A 270 -27.10 -9.64 -6.01
CA ARG A 270 -26.69 -10.09 -7.34
C ARG A 270 -26.73 -8.95 -8.35
N ARG A 271 -27.73 -8.07 -8.24
CA ARG A 271 -27.80 -6.93 -9.14
C ARG A 271 -26.60 -6.00 -8.94
N ILE A 272 -26.21 -5.77 -7.68
CA ILE A 272 -25.06 -4.93 -7.40
C ILE A 272 -23.77 -5.61 -7.88
N ILE A 273 -23.69 -6.93 -7.73
CA ILE A 273 -22.52 -7.67 -8.18
C ILE A 273 -22.37 -7.56 -9.69
N GLU A 274 -23.47 -7.73 -10.43
CA GLU A 274 -23.38 -7.63 -11.88
C GLU A 274 -23.16 -6.19 -12.33
N TYR A 275 -23.65 -5.21 -11.57
CA TYR A 275 -23.33 -3.83 -11.87
C TYR A 275 -21.83 -3.58 -11.73
N PHE A 276 -21.24 -4.09 -10.66
CA PHE A 276 -19.80 -3.92 -10.46
C PHE A 276 -19.00 -4.69 -11.51
N ASP A 277 -19.52 -5.84 -11.96
CA ASP A 277 -18.88 -6.56 -13.05
C ASP A 277 -18.90 -5.75 -14.33
N TYR A 278 -20.04 -5.10 -14.62
CA TYR A 278 -20.12 -4.22 -15.78
C TYR A 278 -19.16 -3.05 -15.64
N LEU A 279 -19.09 -2.46 -14.46
CA LEU A 279 -18.20 -1.33 -14.21
C LEU A 279 -16.74 -1.73 -14.43
N TRP A 280 -16.35 -2.89 -13.93
CA TRP A 280 -14.98 -3.38 -14.11
C TRP A 280 -14.70 -3.69 -15.57
N GLU A 281 -15.64 -4.32 -16.26
CA GLU A 281 -15.40 -4.71 -17.65
C GLU A 281 -15.46 -3.52 -18.60
N THR A 282 -16.04 -2.41 -18.18
CA THR A 282 -16.10 -1.22 -19.04
C THR A 282 -15.03 -0.20 -18.72
N ARG A 283 -15.00 0.31 -17.50
CA ARG A 283 -14.08 1.39 -17.14
C ARG A 283 -13.14 1.00 -16.02
N ARG A 284 -12.84 -0.30 -15.91
CA ARG A 284 -11.92 -0.85 -14.92
C ARG A 284 -12.36 -0.53 -13.49
N GLY A 285 -13.65 -0.39 -13.27
CA GLY A 285 -14.16 -0.10 -11.95
C GLY A 285 -13.93 1.31 -11.47
N TYR A 286 -13.48 2.20 -12.35
CA TYR A 286 -13.18 3.57 -11.97
C TYR A 286 -14.46 4.40 -11.94
N GLU A 287 -14.67 5.12 -10.85
CA GLU A 287 -15.79 6.05 -10.77
C GLU A 287 -15.52 7.24 -11.68
N GLU A 288 -16.52 7.61 -12.47
CA GLU A 288 -16.32 8.67 -13.46
C GLU A 288 -16.03 10.01 -12.80
N ARG A 289 -16.74 10.32 -11.73
CA ARG A 289 -16.55 11.61 -11.05
C ARG A 289 -15.13 11.73 -10.51
N GLU A 290 -14.63 10.67 -9.87
CA GLU A 290 -13.29 10.70 -9.28
C GLU A 290 -12.23 10.87 -10.36
N VAL A 291 -12.41 10.22 -11.51
CA VAL A 291 -11.48 10.39 -12.62
C VAL A 291 -11.53 11.82 -13.15
N LEU A 292 -12.74 12.39 -13.24
CA LEU A 292 -12.87 13.73 -13.81
C LEU A 292 -12.28 14.81 -12.92
N LYS A 293 -12.36 14.65 -11.59
CA LYS A 293 -11.72 15.66 -10.73
C LYS A 293 -10.20 15.69 -10.86
N GLU A 294 -9.57 14.64 -11.40
CA GLU A 294 -8.13 14.68 -11.59
C GLU A 294 -7.75 15.68 -12.68
N LEU A 295 -8.62 15.91 -13.64
CA LEU A 295 -8.37 16.82 -14.73
C LEU A 295 -8.58 18.27 -14.30
N PRO A 296 -7.86 19.21 -14.88
CA PRO A 296 -8.11 20.63 -14.61
C PRO A 296 -9.36 21.08 -15.36
N HIS A 297 -9.76 22.33 -15.07
CA HIS A 297 -11.00 22.85 -15.64
C HIS A 297 -11.04 22.87 -17.16
N PRO A 298 -10.00 23.32 -17.89
CA PRO A 298 -10.11 23.27 -19.36
C PRO A 298 -10.13 21.85 -19.91
N LEU A 299 -9.30 20.97 -19.35
CA LEU A 299 -9.29 19.60 -19.84
C LEU A 299 -10.57 18.86 -19.47
N ARG A 300 -11.10 19.10 -18.27
CA ARG A 300 -12.39 18.54 -17.92
C ARG A 300 -13.49 19.07 -18.83
N LEU A 301 -13.42 20.36 -19.16
CA LEU A 301 -14.38 20.96 -20.08
C LEU A 301 -14.33 20.28 -21.44
N ALA A 302 -13.12 20.10 -21.98
CA ALA A 302 -12.99 19.48 -23.29
C ALA A 302 -13.43 18.02 -23.26
N VAL A 303 -13.06 17.29 -22.21
CA VAL A 303 -13.43 15.89 -22.08
C VAL A 303 -14.94 15.74 -22.02
N ALA A 304 -15.60 16.54 -21.19
CA ALA A 304 -17.04 16.43 -21.08
C ALA A 304 -17.76 17.03 -22.27
N MET A 305 -17.11 17.90 -23.04
CA MET A 305 -17.72 18.40 -24.26
C MET A 305 -17.72 17.35 -25.35
N GLU A 306 -16.59 16.66 -25.54
CA GLU A 306 -16.55 15.69 -26.62
C GLU A 306 -16.98 14.29 -26.19
N ILE A 307 -17.18 14.07 -24.88
CA ILE A 307 -17.95 12.90 -24.45
C ILE A 307 -19.39 13.02 -24.92
N HIS A 308 -19.96 14.21 -24.75
CA HIS A 308 -21.27 14.55 -25.28
C HIS A 308 -21.18 15.31 -26.60
N GLY A 309 -20.17 14.99 -27.42
CA GLY A 309 -19.93 15.66 -28.68
C GLY A 309 -21.09 15.55 -29.64
N ASP A 310 -21.78 16.67 -29.86
CA ASP A 310 -23.00 16.82 -30.66
C ASP A 310 -24.17 16.11 -29.99
N VAL A 311 -23.90 15.42 -28.89
CA VAL A 311 -24.95 14.75 -28.13
C VAL A 311 -25.75 15.76 -27.32
N ILE A 312 -25.06 16.69 -26.66
CA ILE A 312 -25.75 17.65 -25.80
C ILE A 312 -26.52 18.67 -26.64
N GLU A 313 -25.95 19.11 -27.76
CA GLU A 313 -26.67 20.01 -28.65
C GLU A 313 -27.56 19.28 -29.64
N LYS A 314 -27.84 17.98 -29.41
CA LYS A 314 -28.81 17.26 -30.23
C LYS A 314 -30.24 17.45 -29.75
N VAL A 315 -30.40 17.94 -28.51
CA VAL A 315 -31.75 18.12 -27.92
C VAL A 315 -32.30 19.51 -28.31
N PRO A 316 -33.64 19.71 -28.37
CA PRO A 316 -34.20 20.98 -28.82
C PRO A 316 -34.05 22.16 -27.85
N LEU A 317 -34.20 21.92 -26.54
CA LEU A 317 -34.18 23.03 -25.57
C LEU A 317 -32.77 23.69 -25.55
N PHE A 318 -31.73 22.94 -25.93
CA PHE A 318 -30.35 23.48 -25.92
C PHE A 318 -29.96 23.93 -27.34
N LYS A 319 -30.94 24.01 -28.24
CA LYS A 319 -30.67 24.50 -29.62
C LYS A 319 -30.63 26.02 -29.62
N GLY A 320 -30.06 26.62 -30.67
CA GLY A 320 -30.02 28.10 -30.79
C GLY A 320 -29.47 28.73 -29.52
N ALA A 321 -28.83 27.95 -28.66
CA ALA A 321 -28.24 28.50 -27.45
C ALA A 321 -26.77 28.80 -27.66
N GLY A 322 -26.23 29.67 -26.80
CA GLY A 322 -24.82 29.96 -26.85
C GLY A 322 -24.00 28.76 -26.40
N GLU A 323 -22.82 28.61 -26.99
CA GLU A 323 -21.94 27.51 -26.62
C GLU A 323 -21.48 27.62 -25.17
N GLU A 324 -21.46 28.83 -24.62
CA GLU A 324 -21.14 29.00 -23.21
C GLU A 324 -22.19 28.33 -22.33
N PHE A 325 -23.47 28.48 -22.68
CA PHE A 325 -24.52 27.82 -21.90
C PHE A 325 -24.47 26.32 -22.08
N ILE A 326 -24.08 25.87 -23.28
CA ILE A 326 -23.87 24.44 -23.52
C ILE A 326 -22.79 23.91 -22.60
N ARG A 327 -21.67 24.63 -22.48
CA ARG A 327 -20.60 24.18 -21.61
C ARG A 327 -20.97 24.28 -20.15
N ASP A 328 -21.83 25.23 -19.79
CA ASP A 328 -22.31 25.31 -18.41
C ASP A 328 -23.21 24.13 -18.07
N ILE A 329 -23.99 23.66 -19.04
CA ILE A 329 -24.65 22.35 -18.89
C ILE A 329 -23.61 21.25 -18.76
N ILE A 330 -22.58 21.31 -19.60
CA ILE A 330 -21.68 20.19 -19.81
C ILE A 330 -20.88 19.86 -18.56
N LEU A 331 -20.34 20.88 -17.89
CA LEU A 331 -19.61 20.62 -16.66
C LEU A 331 -20.51 20.17 -15.52
N HIS A 332 -21.82 20.37 -15.63
CA HIS A 332 -22.74 20.04 -14.55
C HIS A 332 -23.51 18.74 -14.80
N LEU A 333 -23.15 18.00 -15.83
CA LEU A 333 -23.79 16.70 -16.07
C LEU A 333 -23.24 15.67 -15.10
N GLU A 334 -24.14 14.96 -14.43
CA GLU A 334 -23.74 13.95 -13.45
C GLU A 334 -23.91 12.57 -14.04
N PRO A 335 -22.83 11.81 -14.22
CA PRO A 335 -22.97 10.43 -14.71
C PRO A 335 -23.66 9.54 -13.69
N VAL A 336 -24.40 8.56 -14.20
CA VAL A 336 -25.10 7.61 -13.35
C VAL A 336 -25.40 6.36 -14.16
N ILE A 337 -25.14 5.19 -13.58
CA ILE A 337 -25.30 3.91 -14.27
C ILE A 337 -26.60 3.28 -13.79
N TYR A 338 -27.50 3.02 -14.73
CA TYR A 338 -28.74 2.32 -14.45
C TYR A 338 -28.63 0.89 -14.97
N GLY A 339 -28.75 -0.09 -14.09
CA GLY A 339 -28.65 -1.47 -14.46
C GLY A 339 -29.87 -1.90 -15.26
N PRO A 340 -29.77 -3.06 -15.92
CA PRO A 340 -30.89 -3.53 -16.74
C PRO A 340 -32.12 -3.80 -15.89
N GLY A 341 -33.28 -3.47 -16.43
CA GLY A 341 -34.52 -3.65 -15.70
C GLY A 341 -34.78 -2.66 -14.59
N GLU A 342 -34.02 -1.57 -14.53
CA GLU A 342 -34.19 -0.57 -13.49
C GLU A 342 -34.96 0.63 -14.02
N TYR A 343 -35.85 1.16 -13.19
CA TYR A 343 -36.64 2.33 -13.56
C TYR A 343 -35.81 3.59 -13.39
N ILE A 344 -35.57 4.29 -14.49
CA ILE A 344 -34.93 5.60 -14.40
C ILE A 344 -35.90 6.64 -13.86
N ILE A 345 -37.00 6.85 -14.58
CA ILE A 345 -38.10 7.68 -14.09
C ILE A 345 -39.40 6.96 -14.42
N ARG A 346 -40.33 6.97 -13.47
CA ARG A 346 -41.64 6.36 -13.66
C ARG A 346 -42.66 7.42 -14.03
N ALA A 347 -43.69 7.02 -14.75
CA ALA A 347 -44.79 7.92 -15.04
C ALA A 347 -45.54 8.26 -13.76
N GLY A 348 -45.89 9.53 -13.61
CA GLY A 348 -46.48 10.02 -12.39
C GLY A 348 -45.49 10.51 -11.36
N GLU A 349 -44.22 10.14 -11.50
CA GLU A 349 -43.18 10.70 -10.65
C GLU A 349 -43.04 12.20 -10.92
N MET A 350 -42.84 12.97 -9.85
CA MET A 350 -42.87 14.43 -9.98
C MET A 350 -41.70 14.91 -10.84
N GLY A 351 -40.52 14.32 -10.69
CA GLY A 351 -39.44 14.50 -11.64
C GLY A 351 -38.68 15.81 -11.48
N SER A 352 -37.35 15.72 -11.37
CA SER A 352 -36.55 16.92 -11.20
C SER A 352 -35.23 16.83 -11.96
N ASP A 353 -35.20 16.12 -13.08
CA ASP A 353 -33.95 15.93 -13.79
C ASP A 353 -34.22 15.52 -15.23
N VAL A 354 -33.18 15.67 -16.05
CA VAL A 354 -33.18 15.21 -17.43
C VAL A 354 -32.00 14.27 -17.60
N TYR A 355 -32.10 13.37 -18.58
CA TYR A 355 -31.09 12.34 -18.77
C TYR A 355 -30.65 12.29 -20.22
N PHE A 356 -29.33 12.21 -20.42
CA PHE A 356 -28.74 12.06 -21.74
C PHE A 356 -28.06 10.70 -21.80
N ILE A 357 -28.58 9.81 -22.64
CA ILE A 357 -28.00 8.48 -22.77
C ILE A 357 -26.66 8.59 -23.48
N ASN A 358 -25.63 7.99 -22.89
CA ASN A 358 -24.31 8.02 -23.49
C ASN A 358 -24.07 6.82 -24.40
N ARG A 359 -24.14 5.61 -23.85
CA ARG A 359 -23.94 4.43 -24.66
C ARG A 359 -24.92 3.30 -24.35
N GLY A 360 -25.83 3.46 -23.41
CA GLY A 360 -26.79 2.43 -23.08
C GLY A 360 -28.03 2.52 -23.94
N SER A 361 -29.09 1.84 -23.46
CA SER A 361 -30.37 1.83 -24.16
C SER A 361 -31.49 1.77 -23.13
N VAL A 362 -32.52 2.58 -23.34
CA VAL A 362 -33.69 2.63 -22.48
C VAL A 362 -34.92 2.45 -23.34
N GLU A 363 -36.03 2.13 -22.68
CA GLU A 363 -37.33 2.02 -23.32
C GLU A 363 -38.31 2.93 -22.60
N VAL A 364 -39.02 3.75 -23.36
CA VAL A 364 -40.09 4.58 -22.84
C VAL A 364 -41.39 3.80 -22.98
N LEU A 365 -42.04 3.53 -21.85
CA LEU A 365 -43.28 2.77 -21.75
C LEU A 365 -44.30 3.62 -21.02
N SER A 366 -45.50 3.06 -20.85
CA SER A 366 -46.57 3.74 -20.15
C SER A 366 -46.37 3.63 -18.64
N ALA A 367 -47.34 4.16 -17.89
CA ALA A 367 -47.32 3.96 -16.44
C ALA A 367 -47.53 2.50 -16.09
N ASP A 368 -48.34 1.79 -16.87
CA ASP A 368 -48.51 0.36 -16.69
C ASP A 368 -47.35 -0.47 -17.26
N GLU A 369 -46.46 0.15 -18.04
CA GLU A 369 -45.25 -0.50 -18.59
C GLU A 369 -45.60 -1.74 -19.42
N LYS A 370 -46.71 -1.69 -20.15
CA LYS A 370 -47.07 -2.73 -21.10
C LYS A 370 -46.93 -2.28 -22.55
N THR A 371 -47.32 -1.04 -22.86
CA THR A 371 -47.17 -0.50 -24.20
C THR A 371 -45.86 0.29 -24.29
N ARG A 372 -44.97 -0.16 -25.18
CA ARG A 372 -43.67 0.52 -25.35
C ARG A 372 -43.84 1.71 -26.27
N TYR A 373 -43.64 2.91 -25.73
CA TYR A 373 -43.73 4.11 -26.56
C TYR A 373 -42.54 4.21 -27.50
N ALA A 374 -41.33 4.00 -26.98
CA ALA A 374 -40.14 4.23 -27.80
C ALA A 374 -38.95 3.47 -27.23
N ILE A 375 -37.89 3.41 -28.02
CA ILE A 375 -36.60 2.88 -27.61
C ILE A 375 -35.55 3.94 -27.92
N LEU A 376 -34.78 4.33 -26.91
CA LEU A 376 -33.80 5.40 -27.04
C LEU A 376 -32.41 4.87 -26.71
N SER A 377 -31.45 5.13 -27.58
CA SER A 377 -30.08 4.67 -27.35
C SER A 377 -29.12 5.52 -28.16
N GLU A 378 -27.85 5.49 -27.74
CA GLU A 378 -26.74 6.07 -28.48
C GLU A 378 -26.93 7.57 -28.72
N GLY A 379 -26.97 8.32 -27.64
CA GLY A 379 -26.89 9.76 -27.71
C GLY A 379 -28.19 10.52 -27.60
N GLN A 380 -29.34 9.84 -27.68
CA GLN A 380 -30.58 10.55 -27.49
C GLN A 380 -30.89 10.66 -26.00
N PHE A 381 -32.05 11.24 -25.69
CA PHE A 381 -32.33 11.73 -24.35
C PHE A 381 -33.79 11.51 -24.01
N PHE A 382 -34.14 11.81 -22.76
CA PHE A 382 -35.53 11.76 -22.31
C PHE A 382 -35.67 12.60 -21.06
N GLY A 383 -36.91 12.95 -20.74
CA GLY A 383 -37.20 13.68 -19.52
C GLY A 383 -37.08 15.18 -19.62
N GLU A 384 -37.21 15.75 -20.82
CA GLU A 384 -37.01 17.18 -20.98
C GLU A 384 -38.23 18.00 -20.57
N MET A 385 -39.42 17.39 -20.49
CA MET A 385 -40.59 18.11 -20.01
C MET A 385 -40.37 18.63 -18.60
N ALA A 386 -39.82 17.80 -17.72
CA ALA A 386 -39.52 18.23 -16.37
C ALA A 386 -38.47 19.32 -16.33
N LEU A 387 -37.78 19.58 -17.44
CA LEU A 387 -36.82 20.66 -17.49
C LEU A 387 -37.46 22.02 -17.72
N ILE A 388 -38.72 22.07 -18.18
CA ILE A 388 -39.40 23.34 -18.36
C ILE A 388 -40.76 23.40 -17.67
N LEU A 389 -41.12 22.37 -16.90
CA LEU A 389 -42.31 22.43 -16.05
C LEU A 389 -42.11 21.46 -14.89
N ARG A 390 -42.91 21.63 -13.85
CA ARG A 390 -42.87 20.76 -12.68
C ARG A 390 -43.99 19.72 -12.69
N ALA A 391 -44.70 19.58 -13.81
CA ALA A 391 -45.70 18.55 -13.92
C ALA A 391 -45.04 17.16 -13.92
N PRO A 392 -45.75 16.13 -13.46
CA PRO A 392 -45.12 14.80 -13.36
C PRO A 392 -44.77 14.23 -14.73
N ARG A 393 -43.97 13.17 -14.70
CA ARG A 393 -43.50 12.52 -15.91
C ARG A 393 -44.68 11.96 -16.72
N THR A 394 -44.63 12.18 -18.03
CA THR A 394 -45.69 11.69 -18.90
C THR A 394 -45.57 10.21 -19.22
N ALA A 395 -44.41 9.62 -18.97
CA ALA A 395 -44.21 8.21 -19.29
C ALA A 395 -43.11 7.65 -18.40
N THR A 396 -43.07 6.32 -18.32
CA THR A 396 -42.07 5.62 -17.54
C THR A 396 -40.88 5.28 -18.43
N VAL A 397 -39.67 5.38 -17.87
CA VAL A 397 -38.45 5.04 -18.59
C VAL A 397 -37.79 3.89 -17.86
N ARG A 398 -37.54 2.80 -18.58
CA ARG A 398 -36.98 1.57 -18.03
C ARG A 398 -35.69 1.25 -18.73
N ALA A 399 -34.66 0.89 -17.97
CA ALA A 399 -33.36 0.59 -18.55
C ALA A 399 -33.37 -0.78 -19.20
N ARG A 400 -33.15 -0.82 -20.51
CA ARG A 400 -33.00 -2.10 -21.21
C ARG A 400 -31.76 -2.84 -20.74
N ALA A 401 -30.63 -2.14 -20.67
CA ALA A 401 -29.37 -2.69 -20.20
C ALA A 401 -28.68 -1.61 -19.38
N PHE A 402 -27.40 -1.81 -19.12
CA PHE A 402 -26.62 -0.78 -18.44
C PHE A 402 -26.54 0.46 -19.32
N CYS A 403 -26.83 1.61 -18.73
CA CYS A 403 -27.12 2.82 -19.51
C CYS A 403 -25.95 3.79 -19.60
N ASP A 404 -25.22 4.01 -18.52
CA ASP A 404 -24.11 4.97 -18.47
C ASP A 404 -24.57 6.39 -18.85
N LEU A 405 -25.83 6.71 -18.57
CA LEU A 405 -26.36 7.99 -18.97
C LEU A 405 -25.96 9.08 -17.96
N TYR A 406 -26.20 10.33 -18.36
CA TYR A 406 -25.82 11.48 -17.56
C TYR A 406 -27.07 12.21 -17.10
N ARG A 407 -27.09 12.58 -15.82
CA ARG A 407 -28.25 13.21 -15.20
C ARG A 407 -27.96 14.67 -14.93
N LEU A 408 -28.87 15.54 -15.34
CA LEU A 408 -28.80 16.97 -15.05
C LEU A 408 -30.00 17.33 -14.19
N ASP A 409 -29.73 17.85 -13.00
CA ASP A 409 -30.79 18.15 -12.04
C ASP A 409 -31.52 19.43 -12.44
N LYS A 410 -32.79 19.51 -12.04
CA LYS A 410 -33.56 20.73 -12.25
C LYS A 410 -32.97 21.90 -11.47
N GLU A 411 -32.61 21.67 -10.21
CA GLU A 411 -32.11 22.76 -9.38
C GLU A 411 -30.78 23.29 -9.92
N THR A 412 -29.90 22.41 -10.38
CA THR A 412 -28.67 22.86 -11.01
C THR A 412 -28.96 23.59 -12.32
N PHE A 413 -29.99 23.14 -13.04
CA PHE A 413 -30.36 23.77 -14.30
C PHE A 413 -30.81 25.21 -14.06
N ASP A 414 -31.65 25.44 -13.05
CA ASP A 414 -32.03 26.82 -12.72
C ASP A 414 -30.86 27.61 -12.13
N ARG A 415 -29.98 26.94 -11.37
CA ARG A 415 -28.82 27.61 -10.79
C ARG A 415 -27.91 28.18 -11.88
N ILE A 416 -27.71 27.43 -12.97
CA ILE A 416 -26.92 27.97 -14.07
C ILE A 416 -27.76 28.83 -15.01
N LEU A 417 -29.10 28.68 -14.99
CA LEU A 417 -29.95 29.53 -15.81
C LEU A 417 -30.08 30.93 -15.25
N SER A 418 -29.81 31.11 -13.96
CA SER A 418 -29.99 32.41 -13.34
C SER A 418 -29.08 33.47 -13.96
N ARG A 419 -27.85 33.11 -14.28
CA ARG A 419 -26.89 34.07 -14.81
C ARG A 419 -26.81 34.11 -16.34
N TYR A 420 -27.67 33.38 -17.04
CA TYR A 420 -27.96 33.63 -18.47
C TYR A 420 -29.41 34.04 -18.59
N PRO A 421 -29.72 35.34 -18.55
CA PRO A 421 -31.12 35.77 -18.63
C PRO A 421 -31.75 35.58 -20.01
N GLU A 422 -30.98 35.71 -21.09
CA GLU A 422 -31.57 35.65 -22.42
C GLU A 422 -32.11 34.25 -22.73
N ILE A 423 -31.33 33.21 -22.42
CA ILE A 423 -31.86 31.87 -22.64
C ILE A 423 -32.84 31.48 -21.54
N ALA A 424 -32.79 32.15 -20.38
CA ALA A 424 -33.85 31.99 -19.39
C ALA A 424 -35.18 32.48 -19.93
N ALA A 425 -35.17 33.59 -20.69
CA ALA A 425 -36.38 34.01 -21.38
C ALA A 425 -36.72 33.07 -22.54
N GLN A 426 -35.70 32.50 -23.18
CA GLN A 426 -35.94 31.64 -24.34
C GLN A 426 -36.70 30.38 -23.93
N ILE A 427 -36.24 29.71 -22.87
CA ILE A 427 -36.68 28.35 -22.58
C ILE A 427 -38.13 28.27 -22.09
N GLN A 428 -38.79 29.42 -21.90
CA GLN A 428 -40.23 29.40 -21.72
C GLN A 428 -40.95 28.88 -22.96
N GLU A 429 -40.34 29.02 -24.13
CA GLU A 429 -40.87 28.40 -25.34
C GLU A 429 -40.17 27.05 -25.54
N THR B 26 -20.88 -25.21 -19.67
CA THR B 26 -20.54 -24.44 -20.86
C THR B 26 -19.54 -25.19 -21.73
N TYR B 27 -19.79 -25.20 -23.04
CA TYR B 27 -18.87 -25.85 -23.97
C TYR B 27 -17.52 -25.12 -24.03
N THR B 28 -17.54 -23.79 -23.89
CA THR B 28 -16.31 -23.02 -23.91
C THR B 28 -15.41 -23.39 -22.73
N LEU B 29 -15.99 -23.54 -21.54
CA LEU B 29 -15.20 -23.85 -20.35
C LEU B 29 -14.57 -25.23 -20.46
N VAL B 30 -15.35 -26.24 -20.88
CA VAL B 30 -14.80 -27.58 -20.99
C VAL B 30 -13.79 -27.67 -22.12
N TRP B 31 -13.98 -26.90 -23.20
CA TRP B 31 -12.99 -26.87 -24.26
C TRP B 31 -11.69 -26.24 -23.79
N LYS B 32 -11.79 -25.17 -22.99
CA LYS B 32 -10.60 -24.54 -22.45
C LYS B 32 -9.89 -25.47 -21.47
N VAL B 33 -10.65 -26.23 -20.69
CA VAL B 33 -10.04 -27.22 -19.79
C VAL B 33 -9.31 -28.29 -20.59
N TRP B 34 -9.94 -28.76 -21.68
CA TRP B 34 -9.28 -29.75 -22.54
C TRP B 34 -8.02 -29.18 -23.17
N ILE B 35 -8.06 -27.92 -23.60
CA ILE B 35 -6.87 -27.29 -24.19
C ILE B 35 -5.77 -27.16 -23.15
N LEU B 36 -6.14 -26.78 -21.92
CA LEU B 36 -5.16 -26.69 -20.85
C LEU B 36 -4.53 -28.04 -20.56
N ALA B 37 -5.35 -29.11 -20.53
CA ALA B 37 -4.81 -30.45 -20.31
C ALA B 37 -3.88 -30.87 -21.45
N VAL B 38 -4.25 -30.56 -22.69
CA VAL B 38 -3.42 -30.89 -23.83
C VAL B 38 -2.09 -30.16 -23.78
N THR B 39 -2.13 -28.87 -23.42
CA THR B 39 -0.89 -28.10 -23.34
C THR B 39 -0.03 -28.53 -22.17
N LEU B 40 -0.63 -28.94 -21.06
CA LEU B 40 0.14 -29.52 -19.96
C LEU B 40 0.80 -30.83 -20.39
N TYR B 41 0.06 -31.66 -21.15
CA TYR B 41 0.62 -32.88 -21.69
C TYR B 41 1.80 -32.58 -22.62
N TYR B 42 1.66 -31.55 -23.47
CA TYR B 42 2.75 -31.17 -24.35
C TYR B 42 3.95 -30.65 -23.57
N ALA B 43 3.71 -29.83 -22.55
CA ALA B 43 4.81 -29.30 -21.75
C ALA B 43 5.54 -30.41 -21.02
N ILE B 44 4.80 -31.43 -20.56
CA ILE B 44 5.44 -32.56 -19.90
C ILE B 44 6.21 -33.41 -20.90
N ARG B 45 5.65 -33.63 -22.09
CA ARG B 45 6.16 -34.66 -22.98
C ARG B 45 7.24 -34.16 -23.95
N ILE B 46 7.05 -32.97 -24.53
CA ILE B 46 7.95 -32.52 -25.61
C ILE B 46 9.41 -32.47 -25.18
N PRO B 47 9.79 -31.90 -24.04
CA PRO B 47 11.19 -32.07 -23.61
C PRO B 47 11.51 -33.50 -23.22
N LEU B 48 10.55 -34.21 -22.62
CA LEU B 48 10.77 -35.59 -22.21
C LEU B 48 11.01 -36.49 -23.42
N THR B 49 10.26 -36.30 -24.49
CA THR B 49 10.53 -37.06 -25.71
C THR B 49 11.66 -36.47 -26.53
N LEU B 50 12.05 -35.22 -26.24
CA LEU B 50 13.25 -34.66 -26.86
C LEU B 50 14.49 -35.37 -26.32
N VAL B 51 14.50 -35.67 -25.03
CA VAL B 51 15.62 -36.42 -24.45
C VAL B 51 15.41 -37.93 -24.52
N PHE B 52 14.19 -38.38 -24.80
CA PHE B 52 13.88 -39.80 -24.97
C PHE B 52 13.13 -39.95 -26.29
N PRO B 53 13.85 -40.02 -27.41
CA PRO B 53 13.18 -40.18 -28.71
C PRO B 53 12.38 -41.46 -28.80
N SER B 54 12.78 -42.50 -28.07
CA SER B 54 12.04 -43.77 -28.07
C SER B 54 10.64 -43.60 -27.47
N LEU B 55 10.38 -42.52 -26.76
CA LEU B 55 9.05 -42.23 -26.25
C LEU B 55 8.13 -41.62 -27.30
N PHE B 56 8.67 -41.17 -28.43
CA PHE B 56 7.85 -40.48 -29.42
C PHE B 56 6.85 -41.44 -30.07
N SER B 57 7.30 -42.63 -30.47
CA SER B 57 6.42 -43.57 -31.15
C SER B 57 5.26 -44.08 -30.30
N PRO B 58 5.44 -44.53 -29.04
CA PRO B 58 4.28 -45.06 -28.31
C PRO B 58 3.19 -44.05 -28.04
N LEU B 59 3.52 -42.76 -27.97
CA LEU B 59 2.55 -41.72 -27.70
C LEU B 59 2.15 -40.97 -28.96
N LEU B 60 2.45 -41.52 -30.13
CA LEU B 60 2.02 -40.92 -31.39
C LEU B 60 0.50 -40.76 -31.53
N PRO B 61 -0.35 -41.74 -31.18
CA PRO B 61 -1.80 -41.51 -31.32
C PRO B 61 -2.32 -40.34 -30.50
N LEU B 62 -1.72 -40.06 -29.34
CA LEU B 62 -2.14 -38.91 -28.56
C LEU B 62 -1.79 -37.61 -29.26
N ASP B 63 -0.53 -37.50 -29.71
CA ASP B 63 0.00 -36.25 -30.24
C ASP B 63 -0.87 -35.69 -31.36
N ILE B 64 -1.17 -36.51 -32.35
CA ILE B 64 -1.99 -36.08 -33.47
C ILE B 64 -3.34 -35.56 -32.97
N LEU B 65 -3.96 -36.30 -32.04
CA LEU B 65 -5.19 -35.82 -31.42
C LEU B 65 -4.96 -34.47 -30.77
N ALA B 66 -3.89 -34.37 -29.97
CA ALA B 66 -3.51 -33.09 -29.40
C ALA B 66 -3.23 -32.08 -30.51
N SER B 67 -2.52 -32.51 -31.56
CA SER B 67 -2.26 -31.63 -32.69
C SER B 67 -3.57 -31.18 -33.32
N LEU B 68 -4.55 -32.09 -33.42
CA LEU B 68 -5.86 -31.70 -33.91
C LEU B 68 -6.47 -30.64 -33.01
N ALA B 69 -6.42 -30.86 -31.69
CA ALA B 69 -6.85 -29.83 -30.77
C ALA B 69 -6.03 -28.56 -30.95
N LEU B 70 -4.73 -28.74 -31.22
CA LEU B 70 -3.84 -27.59 -31.38
C LEU B 70 -4.23 -26.75 -32.59
N ILE B 71 -4.92 -27.33 -33.58
CA ILE B 71 -5.48 -26.50 -34.63
C ILE B 71 -6.98 -26.26 -34.43
N ALA B 72 -7.66 -27.13 -33.68
CA ALA B 72 -9.09 -26.92 -33.42
C ALA B 72 -9.31 -25.68 -32.57
N ASP B 73 -8.31 -25.26 -31.81
CA ASP B 73 -8.42 -24.04 -31.02
C ASP B 73 -8.15 -22.78 -31.85
N ILE B 74 -7.70 -22.92 -33.10
CA ILE B 74 -7.48 -21.74 -33.94
C ILE B 74 -8.77 -20.99 -34.22
N PRO B 75 -9.86 -21.61 -34.74
CA PRO B 75 -11.08 -20.82 -34.95
C PRO B 75 -11.92 -20.65 -33.69
N LEU B 76 -11.95 -21.69 -32.84
CA LEU B 76 -12.87 -21.71 -31.71
C LEU B 76 -12.58 -20.57 -30.74
N ASP B 77 -11.30 -20.31 -30.47
CA ASP B 77 -10.93 -19.15 -29.66
C ASP B 77 -11.44 -17.87 -30.30
N LEU B 78 -11.22 -17.72 -31.61
CA LEU B 78 -11.80 -16.59 -32.33
C LEU B 78 -13.32 -16.62 -32.27
N ALA B 79 -13.91 -17.81 -32.22
CA ALA B 79 -15.34 -17.91 -31.97
C ALA B 79 -15.67 -17.52 -30.54
N PHE B 80 -14.87 -17.99 -29.58
CA PHE B 80 -15.23 -17.81 -28.18
C PHE B 80 -15.02 -16.37 -27.72
N GLU B 81 -14.09 -15.65 -28.36
CA GLU B 81 -13.99 -14.22 -28.12
C GLU B 81 -15.02 -13.43 -28.92
N SER B 82 -15.61 -14.04 -29.94
CA SER B 82 -16.64 -13.33 -30.71
C SER B 82 -17.95 -13.26 -29.93
N ARG B 83 -18.27 -14.28 -29.14
CA ARG B 83 -19.48 -14.26 -28.34
C ARG B 83 -19.40 -13.20 -27.24
N ARG B 84 -18.21 -12.93 -26.73
CA ARG B 84 -18.02 -11.96 -25.65
C ARG B 84 -17.49 -10.66 -26.26
N THR B 85 -18.41 -9.81 -26.71
CA THR B 85 -18.09 -8.48 -27.25
C THR B 85 -17.00 -8.56 -28.32
N SER B 86 -17.39 -9.14 -29.45
CA SER B 86 -16.45 -9.44 -30.53
C SER B 86 -15.60 -8.24 -30.92
N GLY B 87 -16.23 -7.14 -31.30
CA GLY B 87 -15.52 -5.95 -31.73
C GLY B 87 -14.54 -6.21 -32.85
N ARG B 88 -13.25 -6.03 -32.57
CA ARG B 88 -12.19 -6.36 -33.51
C ARG B 88 -11.43 -7.60 -33.05
N LYS B 89 -11.14 -8.50 -33.99
CA LYS B 89 -10.38 -9.72 -33.72
C LYS B 89 -9.23 -9.83 -34.71
N PRO B 90 -8.19 -9.00 -34.57
CA PRO B 90 -7.07 -9.06 -35.52
C PRO B 90 -6.16 -10.25 -35.28
N THR B 91 -6.54 -11.41 -35.81
CA THR B 91 -5.68 -12.57 -35.69
C THR B 91 -4.54 -12.50 -36.70
N LEU B 92 -3.61 -13.45 -36.59
CA LEU B 92 -2.39 -13.55 -37.40
C LEU B 92 -1.47 -12.35 -37.20
N LEU B 93 -1.67 -11.59 -36.13
CA LEU B 93 -0.87 -10.41 -35.80
C LEU B 93 -1.14 -10.08 -34.32
N ALA B 94 -0.54 -8.98 -33.86
CA ALA B 94 -0.69 -8.40 -32.52
C ALA B 94 -0.04 -9.30 -31.47
N PRO B 95 0.31 -8.77 -30.29
CA PRO B 95 0.86 -9.65 -29.23
C PRO B 95 -0.09 -10.75 -28.79
N SER B 96 -1.41 -10.54 -28.91
CA SER B 96 -2.38 -11.58 -28.64
C SER B 96 -2.58 -12.44 -29.88
N ARG B 97 -2.82 -13.73 -29.66
CA ARG B 97 -3.15 -14.75 -30.66
C ARG B 97 -1.98 -15.07 -31.59
N LEU B 98 -0.86 -14.38 -31.49
CA LEU B 98 0.32 -14.73 -32.28
C LEU B 98 1.06 -15.94 -31.68
N PRO B 99 1.36 -15.99 -30.37
CA PRO B 99 1.93 -17.23 -29.83
C PRO B 99 0.99 -18.42 -29.95
N ASP B 100 -0.32 -18.18 -29.88
CA ASP B 100 -1.29 -19.27 -30.05
C ASP B 100 -1.18 -19.88 -31.44
N LEU B 101 -1.09 -19.04 -32.47
CA LEU B 101 -0.99 -19.55 -33.82
C LEU B 101 0.37 -20.17 -34.09
N LEU B 102 1.43 -19.59 -33.49
CA LEU B 102 2.77 -20.15 -33.66
C LEU B 102 2.89 -21.53 -33.04
N ALA B 103 2.30 -21.71 -31.86
CA ALA B 103 2.28 -23.03 -31.24
C ALA B 103 1.28 -23.97 -31.91
N ALA B 104 0.32 -23.43 -32.65
CA ALA B 104 -0.73 -24.26 -33.25
C ALA B 104 -0.20 -25.15 -34.36
N LEU B 105 0.81 -24.71 -35.11
CA LEU B 105 1.30 -25.50 -36.23
C LEU B 105 2.01 -26.75 -35.73
N PRO B 106 1.84 -27.90 -36.41
CA PRO B 106 2.41 -29.18 -35.94
C PRO B 106 3.89 -29.32 -36.25
N LEU B 107 4.71 -28.44 -35.67
CA LEU B 107 6.16 -28.54 -35.84
C LEU B 107 6.71 -29.78 -35.15
N ASP B 108 6.19 -30.10 -33.96
CA ASP B 108 6.74 -31.18 -33.14
C ASP B 108 6.64 -32.52 -33.84
N LEU B 109 5.50 -32.80 -34.47
CA LEU B 109 5.30 -34.08 -35.14
C LEU B 109 6.32 -34.28 -36.25
N LEU B 110 6.51 -33.25 -37.09
CA LEU B 110 7.42 -33.40 -38.21
C LEU B 110 8.87 -33.48 -37.75
N VAL B 111 9.25 -32.71 -36.72
CA VAL B 111 10.66 -32.75 -36.30
C VAL B 111 10.97 -34.07 -35.62
N PHE B 112 10.04 -34.60 -34.82
CA PHE B 112 10.27 -35.91 -34.21
C PHE B 112 10.18 -37.04 -35.21
N ALA B 113 9.44 -36.85 -36.31
CA ALA B 113 9.47 -37.85 -37.37
C ALA B 113 10.79 -37.84 -38.12
N LEU B 114 11.34 -36.65 -38.39
CA LEU B 114 12.58 -36.54 -39.14
C LEU B 114 13.81 -36.86 -38.29
N HIS B 115 13.67 -36.89 -36.96
CA HIS B 115 14.77 -37.18 -36.03
C HIS B 115 15.95 -36.23 -36.25
N LEU B 116 15.65 -34.93 -36.34
CA LEU B 116 16.67 -33.94 -36.59
C LEU B 116 17.57 -33.78 -35.36
N PRO B 117 18.81 -33.32 -35.56
CA PRO B 117 19.73 -33.13 -34.42
C PRO B 117 19.23 -32.10 -33.43
N SER B 118 19.90 -32.05 -32.28
CA SER B 118 19.45 -31.25 -31.15
C SER B 118 19.31 -29.75 -31.45
N PRO B 119 20.27 -29.07 -32.09
CA PRO B 119 20.06 -27.63 -32.36
C PRO B 119 18.85 -27.34 -33.23
N LEU B 120 18.50 -28.24 -34.14
CA LEU B 120 17.32 -28.05 -34.96
C LEU B 120 16.07 -28.65 -34.34
N SER B 121 16.20 -29.73 -33.57
CA SER B 121 15.05 -30.31 -32.91
C SER B 121 14.62 -29.55 -31.66
N LEU B 122 15.44 -28.58 -31.22
CA LEU B 122 15.03 -27.72 -30.12
C LEU B 122 13.84 -26.85 -30.49
N LEU B 123 13.54 -26.70 -31.78
CA LEU B 123 12.41 -25.90 -32.25
C LEU B 123 11.07 -26.55 -31.94
N SER B 124 11.06 -27.80 -31.48
CA SER B 124 9.81 -28.44 -31.08
C SER B 124 9.19 -27.77 -29.86
N LEU B 125 9.95 -26.95 -29.14
CA LEU B 125 9.44 -26.20 -28.00
C LEU B 125 8.50 -25.08 -28.40
N VAL B 126 8.39 -24.78 -29.70
CA VAL B 126 7.44 -23.79 -30.18
C VAL B 126 6.02 -24.21 -29.82
N ARG B 127 5.77 -25.52 -29.77
CA ARG B 127 4.48 -26.03 -29.31
C ARG B 127 4.15 -25.55 -27.90
N LEU B 128 5.16 -25.37 -27.05
CA LEU B 128 4.94 -24.92 -25.68
C LEU B 128 4.60 -23.44 -25.59
N LEU B 129 4.69 -22.69 -26.70
CA LEU B 129 4.33 -21.28 -26.67
C LEU B 129 2.84 -21.06 -26.46
N LYS B 130 2.02 -22.10 -26.55
CA LYS B 130 0.60 -22.02 -26.26
C LYS B 130 0.34 -21.76 -24.77
N LEU B 131 1.36 -21.94 -23.92
CA LEU B 131 1.17 -21.83 -22.47
C LEU B 131 0.79 -20.41 -22.05
N ILE B 132 1.30 -19.38 -22.73
CA ILE B 132 0.94 -18.01 -22.35
C ILE B 132 -0.54 -17.75 -22.67
N SER B 133 -1.02 -18.24 -23.81
CA SER B 133 -2.43 -18.10 -24.13
C SER B 133 -3.29 -18.93 -23.19
N VAL B 134 -2.80 -20.10 -22.78
CA VAL B 134 -3.53 -20.93 -21.83
C VAL B 134 -3.63 -20.23 -20.48
N GLN B 135 -2.54 -19.61 -20.04
CA GLN B 135 -2.56 -18.84 -18.79
C GLN B 135 -3.51 -17.66 -18.88
N ALA B 136 -3.53 -16.97 -20.02
CA ALA B 136 -4.45 -15.85 -20.19
C ALA B 136 -5.89 -16.31 -20.16
N SER B 137 -6.19 -17.43 -20.84
CA SER B 137 -7.56 -17.95 -20.85
C SER B 137 -7.98 -18.42 -19.47
N ALA B 138 -7.09 -19.10 -18.74
CA ALA B 138 -7.39 -19.53 -17.39
C ALA B 138 -7.58 -18.35 -16.46
N THR B 139 -6.86 -17.25 -16.71
CA THR B 139 -7.11 -16.01 -15.98
C THR B 139 -8.50 -15.48 -16.27
N ARG B 140 -8.87 -15.44 -17.55
CA ARG B 140 -10.17 -14.88 -17.93
C ARG B 140 -11.33 -15.71 -17.39
N ILE B 141 -11.21 -17.03 -17.41
CA ILE B 141 -12.27 -17.89 -16.90
C ILE B 141 -12.23 -18.04 -15.39
N LEU B 142 -11.22 -17.49 -14.72
CA LEU B 142 -11.12 -17.62 -13.27
C LEU B 142 -10.69 -16.32 -12.60
N SER B 143 -11.08 -15.18 -13.18
CA SER B 143 -10.80 -13.88 -12.56
C SER B 143 -11.95 -13.40 -11.68
N TYR B 144 -12.94 -14.27 -11.42
CA TYR B 144 -14.13 -13.88 -10.68
C TYR B 144 -14.18 -14.49 -9.30
N ARG B 145 -14.06 -15.82 -9.19
CA ARG B 145 -14.09 -16.50 -7.91
C ARG B 145 -12.71 -16.67 -7.30
N ILE B 146 -11.65 -16.28 -8.00
CA ILE B 146 -10.28 -16.45 -7.55
C ILE B 146 -9.64 -15.07 -7.44
N ASN B 147 -8.89 -14.84 -6.35
CA ASN B 147 -8.15 -13.61 -6.20
C ASN B 147 -7.11 -13.48 -7.30
N PRO B 148 -6.97 -12.31 -7.92
CA PRO B 148 -5.96 -12.15 -8.98
C PRO B 148 -4.55 -12.39 -8.50
N ALA B 149 -4.21 -12.02 -7.26
CA ALA B 149 -2.90 -12.34 -6.73
C ALA B 149 -2.72 -13.84 -6.57
N LEU B 150 -3.72 -14.52 -6.03
CA LEU B 150 -3.63 -15.97 -5.89
C LEU B 150 -3.67 -16.66 -7.24
N LEU B 151 -4.43 -16.14 -8.19
CA LEU B 151 -4.45 -16.71 -9.53
C LEU B 151 -3.09 -16.56 -10.20
N ARG B 152 -2.47 -15.38 -10.05
CA ARG B 152 -1.15 -15.17 -10.61
C ARG B 152 -0.12 -16.09 -9.96
N LEU B 153 -0.23 -16.26 -8.63
CA LEU B 153 0.70 -17.15 -7.93
C LEU B 153 0.52 -18.60 -8.36
N LEU B 154 -0.74 -19.04 -8.54
CA LEU B 154 -0.99 -20.40 -9.00
C LEU B 154 -0.48 -20.62 -10.42
N SER B 155 -0.69 -19.66 -11.30
CA SER B 155 -0.17 -19.77 -12.65
C SER B 155 1.36 -19.79 -12.64
N LEU B 156 1.97 -18.98 -11.78
CA LEU B 156 3.42 -18.97 -11.66
C LEU B 156 3.93 -20.29 -11.13
N VAL B 157 3.24 -20.89 -10.16
CA VAL B 157 3.68 -22.17 -9.61
C VAL B 157 3.55 -23.28 -10.64
N GLY B 158 2.44 -23.29 -11.40
CA GLY B 158 2.30 -24.27 -12.46
C GLY B 158 3.35 -24.11 -13.55
N PHE B 159 3.61 -22.87 -13.95
CA PHE B 159 4.66 -22.61 -14.94
C PHE B 159 6.02 -22.97 -14.38
N ILE B 160 6.23 -22.80 -13.08
CA ILE B 160 7.50 -23.15 -12.46
C ILE B 160 7.69 -24.67 -12.44
N LEU B 161 6.61 -25.41 -12.17
CA LEU B 161 6.70 -26.87 -12.23
C LEU B 161 6.99 -27.36 -13.65
N LEU B 162 6.31 -26.77 -14.65
CA LEU B 162 6.57 -27.14 -16.03
C LEU B 162 7.99 -26.77 -16.44
N ALA B 163 8.45 -25.59 -16.02
CA ALA B 163 9.81 -25.17 -16.30
C ALA B 163 10.83 -26.05 -15.58
N ALA B 164 10.51 -26.51 -14.38
CA ALA B 164 11.39 -27.42 -13.67
C ALA B 164 11.51 -28.74 -14.42
N HIS B 165 10.39 -29.25 -14.94
CA HIS B 165 10.44 -30.46 -15.75
C HIS B 165 11.28 -30.23 -17.02
N GLY B 166 11.08 -29.10 -17.69
CA GLY B 166 11.86 -28.82 -18.88
C GLY B 166 13.33 -28.65 -18.59
N ILE B 167 13.65 -28.02 -17.47
CA ILE B 167 15.05 -27.81 -17.09
C ILE B 167 15.70 -29.13 -16.71
N ALA B 168 14.95 -30.01 -16.03
CA ALA B 168 15.46 -31.34 -15.76
C ALA B 168 15.73 -32.10 -17.04
N CYS B 169 14.84 -31.95 -18.04
CA CYS B 169 15.08 -32.56 -19.34
C CYS B 169 16.34 -31.99 -19.99
N GLY B 170 16.54 -30.69 -19.90
CA GLY B 170 17.79 -30.12 -20.38
C GLY B 170 19.00 -30.69 -19.66
N TRP B 171 18.85 -30.94 -18.37
CA TRP B 171 19.93 -31.51 -17.58
C TRP B 171 20.23 -32.93 -18.04
N MET B 172 19.19 -33.72 -18.36
CA MET B 172 19.39 -34.97 -19.07
C MET B 172 20.19 -34.77 -20.34
N SER B 173 19.77 -33.82 -21.16
CA SER B 173 20.38 -33.63 -22.48
C SER B 173 21.83 -33.19 -22.39
N LEU B 174 22.24 -32.63 -21.26
CA LEU B 174 23.64 -32.27 -21.07
C LEU B 174 24.39 -33.23 -20.15
N GLN B 175 23.72 -34.23 -19.58
CA GLN B 175 24.42 -35.28 -18.86
C GLN B 175 25.19 -36.18 -19.84
N PRO B 176 26.32 -36.72 -19.42
CA PRO B 176 27.02 -37.72 -20.23
C PRO B 176 26.15 -38.96 -20.40
N PRO B 177 26.21 -39.62 -21.56
CA PRO B 177 25.42 -40.83 -21.76
C PRO B 177 25.85 -41.93 -20.81
N SER B 178 24.86 -42.70 -20.33
CA SER B 178 25.12 -43.79 -19.40
C SER B 178 23.95 -44.76 -19.46
N GLU B 179 24.18 -45.96 -18.91
CA GLU B 179 23.16 -46.99 -18.83
C GLU B 179 22.32 -46.88 -17.57
N ASN B 180 22.27 -45.70 -16.96
CA ASN B 180 21.41 -45.49 -15.81
C ASN B 180 19.94 -45.59 -16.24
N PRO B 181 19.07 -46.13 -15.39
CA PRO B 181 17.65 -46.20 -15.74
C PRO B 181 17.07 -44.82 -15.95
N ALA B 182 16.13 -44.73 -16.90
CA ALA B 182 15.57 -43.44 -17.28
C ALA B 182 14.84 -42.78 -16.12
N GLY B 183 14.11 -43.56 -15.33
CA GLY B 183 13.43 -43.00 -14.19
C GLY B 183 14.38 -42.45 -13.15
N THR B 184 15.46 -43.20 -12.84
CA THR B 184 16.41 -42.76 -11.83
C THR B 184 17.12 -41.48 -12.25
N ARG B 185 17.54 -41.40 -13.51
CA ARG B 185 18.22 -40.20 -13.97
C ARG B 185 17.26 -39.02 -14.11
N TYR B 186 15.99 -39.28 -14.45
CA TYR B 186 15.02 -38.19 -14.42
C TYR B 186 14.81 -37.69 -13.01
N LEU B 187 14.77 -38.59 -12.05
CA LEU B 187 14.63 -38.20 -10.66
C LEU B 187 15.83 -37.36 -10.22
N SER B 188 17.04 -37.76 -10.63
CA SER B 188 18.22 -36.98 -10.29
C SER B 188 18.19 -35.60 -10.94
N ALA B 189 17.75 -35.53 -12.20
CA ALA B 189 17.69 -34.23 -12.88
C ALA B 189 16.64 -33.32 -12.25
N PHE B 190 15.47 -33.86 -11.91
CA PHE B 190 14.45 -33.06 -11.27
C PHE B 190 14.90 -32.63 -9.88
N TYR B 191 15.63 -33.50 -9.19
CA TYR B 191 16.19 -33.13 -7.90
C TYR B 191 17.18 -31.98 -8.03
N TRP B 192 18.03 -32.03 -9.05
CA TRP B 192 18.98 -30.94 -9.27
C TRP B 192 18.26 -29.64 -9.59
N THR B 193 17.25 -29.69 -10.46
CA THR B 193 16.58 -28.44 -10.82
C THR B 193 15.71 -27.92 -9.69
N ILE B 194 15.27 -28.77 -8.77
CA ILE B 194 14.55 -28.25 -7.62
C ILE B 194 15.51 -27.66 -6.59
N THR B 195 16.71 -28.25 -6.45
CA THR B 195 17.74 -27.61 -5.64
C THR B 195 18.11 -26.25 -6.20
N THR B 196 18.22 -26.14 -7.52
CA THR B 196 18.61 -24.90 -8.14
C THR B 196 17.50 -23.86 -8.08
N LEU B 197 16.28 -24.26 -8.41
CA LEU B 197 15.19 -23.29 -8.54
C LEU B 197 14.74 -22.76 -7.19
N THR B 198 14.86 -23.57 -6.14
CA THR B 198 14.49 -23.16 -4.80
C THR B 198 15.63 -22.47 -4.07
N THR B 199 16.76 -22.26 -4.74
CA THR B 199 17.95 -21.62 -4.17
C THR B 199 18.45 -22.35 -2.93
N ILE B 200 18.29 -23.66 -2.90
CA ILE B 200 18.80 -24.46 -1.80
C ILE B 200 20.21 -24.93 -2.12
N GLY B 201 20.35 -25.69 -3.20
CA GLY B 201 21.67 -26.02 -3.69
C GLY B 201 22.51 -26.87 -2.77
N TYR B 202 22.14 -28.14 -2.60
CA TYR B 202 22.94 -29.04 -1.77
C TYR B 202 24.34 -29.21 -2.35
N GLY B 203 24.44 -29.33 -3.67
CA GLY B 203 25.73 -29.53 -4.30
C GLY B 203 26.20 -30.96 -4.37
N ASP B 204 25.36 -31.93 -4.01
CA ASP B 204 25.75 -33.33 -4.17
C ASP B 204 25.90 -33.69 -5.63
N ILE B 205 25.03 -33.19 -6.49
CA ILE B 205 25.18 -33.31 -7.93
C ILE B 205 25.39 -31.91 -8.50
N THR B 206 26.41 -31.78 -9.34
CA THR B 206 26.97 -30.49 -9.74
C THR B 206 27.39 -30.57 -11.20
N PRO B 207 27.59 -29.42 -11.84
CA PRO B 207 28.13 -29.44 -13.21
C PRO B 207 29.49 -30.12 -13.28
N SER B 208 29.72 -30.81 -14.39
CA SER B 208 31.01 -31.44 -14.67
C SER B 208 31.67 -30.89 -15.91
N THR B 209 30.93 -30.72 -16.98
CA THR B 209 31.40 -30.21 -18.27
C THR B 209 31.14 -28.71 -18.36
N PRO B 210 31.93 -27.99 -19.16
CA PRO B 210 31.69 -26.55 -19.33
C PRO B 210 30.30 -26.20 -19.86
N THR B 211 29.76 -27.01 -20.77
CA THR B 211 28.40 -26.76 -21.25
C THR B 211 27.39 -26.94 -20.13
N GLN B 212 27.57 -27.97 -19.30
CA GLN B 212 26.73 -28.11 -18.11
C GLN B 212 26.89 -26.93 -17.17
N THR B 213 28.09 -26.35 -17.11
CA THR B 213 28.29 -25.21 -16.22
C THR B 213 27.58 -23.96 -16.75
N VAL B 214 27.63 -23.72 -18.05
CA VAL B 214 26.87 -22.61 -18.64
C VAL B 214 25.39 -22.82 -18.42
N TYR B 215 24.92 -24.04 -18.63
CA TYR B 215 23.51 -24.35 -18.42
C TYR B 215 23.11 -24.15 -16.96
N THR B 216 23.98 -24.55 -16.04
CA THR B 216 23.69 -24.35 -14.63
C THR B 216 23.69 -22.87 -14.26
N ILE B 217 24.56 -22.07 -14.89
CA ILE B 217 24.56 -20.63 -14.63
C ILE B 217 23.23 -20.02 -15.06
N VAL B 218 22.79 -20.32 -16.29
CA VAL B 218 21.55 -19.71 -16.76
C VAL B 218 20.35 -20.26 -15.99
N ILE B 219 20.38 -21.53 -15.62
CA ILE B 219 19.30 -22.11 -14.82
C ILE B 219 19.29 -21.52 -13.42
N GLU B 220 20.48 -21.22 -12.86
CA GLU B 220 20.54 -20.57 -11.56
C GLU B 220 19.95 -19.17 -11.61
N LEU B 221 20.27 -18.42 -12.67
CA LEU B 221 19.68 -17.10 -12.82
C LEU B 221 18.17 -17.18 -12.97
N LEU B 222 17.69 -18.13 -13.79
CA LEU B 222 16.26 -18.29 -13.99
C LEU B 222 15.57 -18.74 -12.70
N GLY B 223 16.20 -19.66 -11.97
CA GLY B 223 15.62 -20.14 -10.73
C GLY B 223 15.58 -19.09 -9.64
N ALA B 224 16.63 -18.28 -9.55
CA ALA B 224 16.61 -17.16 -8.63
C ALA B 224 15.53 -16.16 -9.02
N ALA B 225 15.39 -15.89 -10.32
CA ALA B 225 14.35 -14.98 -10.80
C ALA B 225 12.96 -15.49 -10.44
N MET B 226 12.70 -16.77 -10.70
CA MET B 226 11.38 -17.30 -10.46
C MET B 226 11.11 -17.56 -8.97
N TYR B 227 12.15 -17.81 -8.17
CA TYR B 227 11.94 -17.90 -6.74
C TYR B 227 11.68 -16.53 -6.14
N GLY B 228 12.36 -15.50 -6.65
CA GLY B 228 12.00 -14.14 -6.28
C GLY B 228 10.60 -13.79 -6.72
N LEU B 229 10.18 -14.31 -7.87
CA LEU B 229 8.79 -14.14 -8.31
C LEU B 229 7.81 -14.79 -7.35
N VAL B 230 8.13 -16.01 -6.90
CA VAL B 230 7.26 -16.70 -5.95
C VAL B 230 7.20 -15.93 -4.64
N ILE B 231 8.34 -15.47 -4.14
CA ILE B 231 8.38 -14.74 -2.87
C ILE B 231 7.63 -13.42 -3.00
N GLY B 232 7.80 -12.73 -4.13
CA GLY B 232 7.09 -11.48 -4.33
C GLY B 232 5.59 -11.67 -4.45
N ASN B 233 5.16 -12.71 -5.16
CA ASN B 233 3.74 -12.99 -5.27
C ASN B 233 3.15 -13.36 -3.92
N ILE B 234 3.88 -14.13 -3.11
CA ILE B 234 3.42 -14.47 -1.78
C ILE B 234 3.36 -13.22 -0.91
N ALA B 235 4.35 -12.34 -1.03
CA ALA B 235 4.34 -11.09 -0.26
C ALA B 235 3.15 -10.22 -0.66
N SER B 236 2.86 -10.13 -1.95
CA SER B 236 1.69 -9.38 -2.40
C SER B 236 0.41 -10.01 -1.88
N LEU B 237 0.34 -11.35 -1.90
CA LEU B 237 -0.86 -12.04 -1.43
C LEU B 237 -1.11 -11.79 0.05
N VAL B 238 -0.04 -11.82 0.86
CA VAL B 238 -0.21 -11.65 2.31
C VAL B 238 -0.20 -10.20 2.74
N SER B 239 0.17 -9.27 1.86
CA SER B 239 0.12 -7.85 2.22
C SER B 239 -1.31 -7.36 2.30
N LYS B 240 -2.22 -7.95 1.51
CA LYS B 240 -3.63 -7.62 1.56
C LYS B 240 -4.47 -8.82 1.95
N LEU B 241 -3.89 -9.78 2.67
CA LEU B 241 -4.66 -10.92 3.14
C LEU B 241 -5.65 -10.52 4.23
N ASP B 242 -5.31 -9.51 5.03
CA ASP B 242 -6.16 -8.97 6.08
C ASP B 242 -6.28 -7.46 5.93
N ALA B 243 -6.55 -7.01 4.71
CA ALA B 243 -6.57 -5.58 4.42
C ALA B 243 -7.64 -4.85 5.22
N ALA B 244 -8.82 -5.46 5.34
CA ALA B 244 -9.89 -4.83 6.11
C ALA B 244 -9.53 -4.73 7.58
N LYS B 245 -9.01 -5.82 8.16
CA LYS B 245 -8.64 -5.81 9.56
C LYS B 245 -7.49 -4.84 9.83
N LEU B 246 -6.49 -4.81 8.94
CA LEU B 246 -5.38 -3.89 9.10
C LEU B 246 -5.84 -2.44 8.98
N LEU B 247 -6.73 -2.16 8.03
CA LEU B 247 -7.24 -0.80 7.87
C LEU B 247 -8.03 -0.36 9.09
N HIS B 248 -8.90 -1.24 9.60
CA HIS B 248 -9.66 -0.90 10.79
C HIS B 248 -8.76 -0.72 12.00
N ARG B 249 -7.75 -1.59 12.14
CA ARG B 249 -6.86 -1.48 13.29
C ARG B 249 -6.00 -0.23 13.24
N GLU B 250 -5.55 0.16 12.04
CA GLU B 250 -4.77 1.39 11.96
C GLU B 250 -5.65 2.62 12.14
N ARG B 251 -6.91 2.56 11.71
CA ARG B 251 -7.85 3.64 12.04
C ARG B 251 -8.06 3.75 13.54
N VAL B 252 -8.21 2.62 14.22
CA VAL B 252 -8.38 2.61 15.67
C VAL B 252 -7.14 3.15 16.35
N GLU B 253 -5.96 2.74 15.88
CA GLU B 253 -4.71 3.23 16.45
C GLU B 253 -4.56 4.74 16.25
N ARG B 254 -4.93 5.24 15.07
CA ARG B 254 -4.87 6.67 14.81
C ARG B 254 -5.80 7.44 15.74
N VAL B 255 -7.04 6.96 15.88
CA VAL B 255 -8.00 7.62 16.75
C VAL B 255 -7.52 7.59 18.19
N THR B 256 -7.04 6.43 18.65
CA THR B 256 -6.59 6.28 20.03
C THR B 256 -5.38 7.16 20.32
N ALA B 257 -4.43 7.24 19.38
CA ALA B 257 -3.27 8.10 19.55
C ALA B 257 -3.68 9.57 19.61
N PHE B 258 -4.60 9.97 18.75
CA PHE B 258 -5.09 11.35 18.78
C PHE B 258 -5.77 11.67 20.10
N LEU B 259 -6.61 10.75 20.59
CA LEU B 259 -7.32 10.99 21.84
C LEU B 259 -6.38 11.02 23.02
N SER B 260 -5.38 10.13 23.03
CA SER B 260 -4.38 10.16 24.10
C SER B 260 -3.57 11.43 24.08
N TYR B 261 -3.31 11.98 22.88
CA TYR B 261 -2.71 13.31 22.80
C TYR B 261 -3.63 14.37 23.38
N LYS B 262 -4.94 14.24 23.13
CA LYS B 262 -5.92 15.21 23.61
C LYS B 262 -6.27 15.01 25.08
N ARG B 263 -5.59 14.10 25.79
CA ARG B 263 -5.84 13.81 27.20
C ARG B 263 -7.30 13.40 27.43
N ILE B 264 -7.83 12.60 26.51
CA ILE B 264 -9.18 12.07 26.63
C ILE B 264 -9.23 11.09 27.80
N SER B 265 -10.31 11.17 28.58
CA SER B 265 -10.46 10.33 29.76
C SER B 265 -10.49 8.86 29.35
N PRO B 266 -9.93 7.96 30.14
CA PRO B 266 -9.90 6.54 29.77
C PRO B 266 -11.27 5.90 29.64
N GLU B 267 -12.29 6.44 30.31
CA GLU B 267 -13.65 5.92 30.15
C GLU B 267 -14.15 6.14 28.72
N LEU B 268 -13.97 7.36 28.21
CA LEU B 268 -14.39 7.64 26.84
C LEU B 268 -13.53 6.90 25.83
N GLN B 269 -12.24 6.74 26.11
CA GLN B 269 -11.39 5.93 25.24
C GLN B 269 -11.86 4.48 25.19
N ARG B 270 -12.23 3.92 26.34
CA ARG B 270 -12.75 2.56 26.37
C ARG B 270 -14.08 2.46 25.62
N ARG B 271 -14.94 3.47 25.75
CA ARG B 271 -16.20 3.48 25.03
C ARG B 271 -15.96 3.51 23.52
N ILE B 272 -15.00 4.32 23.07
CA ILE B 272 -14.69 4.40 21.66
C ILE B 272 -14.07 3.08 21.18
N ILE B 273 -13.22 2.47 22.01
CA ILE B 273 -12.61 1.19 21.66
C ILE B 273 -13.68 0.12 21.49
N GLU B 274 -14.64 0.05 22.41
CA GLU B 274 -15.68 -0.97 22.28
C GLU B 274 -16.64 -0.65 21.15
N TYR B 275 -16.84 0.64 20.84
CA TYR B 275 -17.61 0.98 19.65
C TYR B 275 -16.93 0.48 18.39
N PHE B 276 -15.61 0.69 18.30
CA PHE B 276 -14.88 0.21 17.13
C PHE B 276 -14.86 -1.31 17.08
N ASP B 277 -14.81 -1.97 18.24
CA ASP B 277 -14.91 -3.42 18.26
C ASP B 277 -16.26 -3.89 17.73
N TYR B 278 -17.35 -3.20 18.12
CA TYR B 278 -18.66 -3.52 17.59
C TYR B 278 -18.72 -3.29 16.09
N LEU B 279 -18.13 -2.18 15.63
CA LEU B 279 -18.12 -1.87 14.21
C LEU B 279 -17.38 -2.93 13.42
N TRP B 280 -16.23 -3.38 13.92
CA TRP B 280 -15.46 -4.42 13.26
C TRP B 280 -16.22 -5.74 13.26
N GLU B 281 -16.83 -6.10 14.39
CA GLU B 281 -17.49 -7.39 14.48
C GLU B 281 -18.81 -7.42 13.72
N THR B 282 -19.36 -6.25 13.37
CA THR B 282 -20.62 -6.21 12.63
C THR B 282 -20.42 -5.98 11.15
N ARG B 283 -19.78 -4.88 10.77
CA ARG B 283 -19.66 -4.52 9.36
C ARG B 283 -18.21 -4.39 8.93
N ARG B 284 -17.32 -5.13 9.60
CA ARG B 284 -15.89 -5.17 9.28
C ARG B 284 -15.25 -3.79 9.38
N GLY B 285 -15.79 -2.93 10.24
CA GLY B 285 -15.23 -1.60 10.40
C GLY B 285 -15.51 -0.65 9.27
N TYR B 286 -16.38 -1.02 8.34
CA TYR B 286 -16.67 -0.18 7.18
C TYR B 286 -17.69 0.89 7.56
N GLU B 287 -17.38 2.13 7.22
CA GLU B 287 -18.34 3.21 7.40
C GLU B 287 -19.47 3.06 6.40
N GLU B 288 -20.71 3.18 6.88
CA GLU B 288 -21.86 2.93 6.02
C GLU B 288 -21.95 3.96 4.89
N ARG B 289 -21.68 5.23 5.19
CA ARG B 289 -21.77 6.27 4.18
C ARG B 289 -20.78 6.03 3.05
N GLU B 290 -19.53 5.67 3.40
CA GLU B 290 -18.49 5.46 2.39
C GLU B 290 -18.84 4.27 1.51
N VAL B 291 -19.41 3.21 2.09
CA VAL B 291 -19.85 2.07 1.30
C VAL B 291 -20.98 2.47 0.37
N LEU B 292 -21.93 3.29 0.87
CA LEU B 292 -23.08 3.64 0.05
C LEU B 292 -22.72 4.54 -1.12
N LYS B 293 -21.73 5.43 -0.97
CA LYS B 293 -21.34 6.24 -2.12
C LYS B 293 -20.73 5.42 -3.25
N GLU B 294 -20.26 4.20 -2.99
CA GLU B 294 -19.74 3.38 -4.08
C GLU B 294 -20.85 2.94 -5.04
N LEU B 295 -22.06 2.82 -4.54
CA LEU B 295 -23.20 2.40 -5.35
C LEU B 295 -23.73 3.57 -6.19
N PRO B 296 -24.29 3.28 -7.35
CA PRO B 296 -24.95 4.33 -8.13
C PRO B 296 -26.31 4.66 -7.53
N HIS B 297 -26.93 5.70 -8.08
CA HIS B 297 -28.20 6.18 -7.53
C HIS B 297 -29.32 5.14 -7.50
N PRO B 298 -29.58 4.35 -8.56
CA PRO B 298 -30.64 3.35 -8.44
C PRO B 298 -30.32 2.23 -7.46
N LEU B 299 -29.07 1.76 -7.46
CA LEU B 299 -28.69 0.70 -6.54
C LEU B 299 -28.67 1.20 -5.11
N ARG B 300 -28.19 2.42 -4.88
CA ARG B 300 -28.26 3.01 -3.56
C ARG B 300 -29.71 3.19 -3.12
N LEU B 301 -30.58 3.60 -4.05
CA LEU B 301 -32.00 3.72 -3.73
C LEU B 301 -32.59 2.39 -3.32
N ALA B 302 -32.31 1.33 -4.07
CA ALA B 302 -32.86 0.02 -3.74
C ALA B 302 -32.29 -0.51 -2.42
N VAL B 303 -30.99 -0.31 -2.20
CA VAL B 303 -30.35 -0.78 -0.97
C VAL B 303 -30.94 -0.08 0.24
N ALA B 304 -31.08 1.24 0.16
CA ALA B 304 -31.63 1.97 1.30
C ALA B 304 -33.13 1.79 1.43
N MET B 305 -33.82 1.39 0.36
CA MET B 305 -35.25 1.09 0.47
C MET B 305 -35.47 -0.23 1.19
N GLU B 306 -34.71 -1.27 0.83
CA GLU B 306 -34.97 -2.55 1.48
C GLU B 306 -34.14 -2.76 2.73
N ILE B 307 -33.19 -1.86 3.04
CA ILE B 307 -32.65 -1.79 4.37
C ILE B 307 -33.72 -1.36 5.35
N HIS B 308 -34.50 -0.35 4.96
CA HIS B 308 -35.67 0.10 5.70
C HIS B 308 -36.96 -0.47 5.11
N GLY B 309 -36.89 -1.70 4.59
CA GLY B 309 -38.02 -2.36 3.97
C GLY B 309 -39.20 -2.54 4.90
N ASP B 310 -40.26 -1.76 4.65
CA ASP B 310 -41.49 -1.67 5.44
C ASP B 310 -41.20 -0.99 6.78
N VAL B 311 -39.93 -0.70 7.05
CA VAL B 311 -39.55 0.00 8.27
C VAL B 311 -39.88 1.48 8.16
N ILE B 312 -39.57 2.09 7.02
CA ILE B 312 -39.78 3.52 6.87
C ILE B 312 -41.26 3.85 6.73
N GLU B 313 -42.02 3.01 6.03
CA GLU B 313 -43.46 3.21 5.94
C GLU B 313 -44.21 2.56 7.11
N LYS B 314 -43.52 2.19 8.18
CA LYS B 314 -44.18 1.71 9.39
C LYS B 314 -44.62 2.84 10.31
N VAL B 315 -44.07 4.04 10.09
CA VAL B 315 -44.38 5.21 10.94
C VAL B 315 -45.64 5.92 10.40
N PRO B 316 -46.41 6.63 11.25
CA PRO B 316 -47.66 7.26 10.80
C PRO B 316 -47.51 8.47 9.89
N LEU B 317 -46.53 9.34 10.15
CA LEU B 317 -46.40 10.59 9.36
C LEU B 317 -46.05 10.26 7.89
N PHE B 318 -45.45 9.10 7.64
CA PHE B 318 -45.05 8.71 6.26
C PHE B 318 -46.12 7.76 5.68
N LYS B 319 -47.26 7.65 6.35
CA LYS B 319 -48.37 6.79 5.83
C LYS B 319 -49.14 7.57 4.74
N GLY B 320 -49.93 6.86 3.92
CA GLY B 320 -50.75 7.53 2.90
C GLY B 320 -49.92 8.48 2.05
N ALA B 321 -48.60 8.37 2.12
CA ALA B 321 -47.74 9.21 1.31
C ALA B 321 -47.33 8.50 0.02
N GLY B 322 -46.93 9.30 -0.96
CA GLY B 322 -46.43 8.72 -2.21
C GLY B 322 -45.11 8.02 -1.98
N GLU B 323 -44.88 6.95 -2.74
CA GLU B 323 -43.63 6.21 -2.64
C GLU B 323 -42.44 7.06 -3.05
N GLU B 324 -42.66 8.07 -3.90
CA GLU B 324 -41.60 9.00 -4.26
C GLU B 324 -41.13 9.78 -3.03
N PHE B 325 -42.05 10.23 -2.20
CA PHE B 325 -41.67 10.95 -0.99
C PHE B 325 -40.99 10.02 0.00
N ILE B 326 -41.43 8.75 0.03
CA ILE B 326 -40.76 7.74 0.86
C ILE B 326 -39.31 7.59 0.42
N ARG B 327 -39.07 7.49 -0.89
CA ARG B 327 -37.71 7.34 -1.38
C ARG B 327 -36.89 8.62 -1.18
N ASP B 328 -37.54 9.78 -1.19
CA ASP B 328 -36.83 11.02 -0.91
C ASP B 328 -36.41 11.08 0.55
N ILE B 329 -37.23 10.54 1.46
CA ILE B 329 -36.76 10.28 2.82
C ILE B 329 -35.61 9.30 2.81
N ILE B 330 -35.74 8.24 2.01
CA ILE B 330 -34.89 7.06 2.13
C ILE B 330 -33.44 7.39 1.75
N LEU B 331 -33.24 8.12 0.66
CA LEU B 331 -31.88 8.50 0.30
C LEU B 331 -31.26 9.52 1.26
N HIS B 332 -32.07 10.18 2.09
CA HIS B 332 -31.57 11.21 2.98
C HIS B 332 -31.44 10.74 4.43
N LEU B 333 -31.62 9.45 4.69
CA LEU B 333 -31.43 8.91 6.03
C LEU B 333 -29.93 8.79 6.32
N GLU B 334 -29.51 9.34 7.47
CA GLU B 334 -28.11 9.31 7.85
C GLU B 334 -27.90 8.25 8.92
N PRO B 335 -27.11 7.21 8.65
CA PRO B 335 -26.83 6.21 9.70
C PRO B 335 -25.97 6.81 10.80
N VAL B 336 -26.18 6.30 12.01
CA VAL B 336 -25.42 6.74 13.17
C VAL B 336 -25.49 5.67 14.25
N ILE B 337 -24.35 5.36 14.84
CA ILE B 337 -24.25 4.29 15.84
C ILE B 337 -24.21 4.92 17.22
N TYR B 338 -25.17 4.57 18.07
CA TYR B 338 -25.20 5.00 19.45
C TYR B 338 -24.79 3.84 20.34
N GLY B 339 -23.69 4.01 21.08
CA GLY B 339 -23.21 2.99 21.96
C GLY B 339 -24.13 2.79 23.15
N PRO B 340 -23.96 1.67 23.87
CA PRO B 340 -24.82 1.41 25.01
C PRO B 340 -24.66 2.47 26.09
N GLY B 341 -25.78 2.83 26.72
CA GLY B 341 -25.76 3.84 27.75
C GLY B 341 -25.60 5.25 27.25
N GLU B 342 -25.77 5.50 25.96
CA GLU B 342 -25.62 6.83 25.40
C GLU B 342 -26.98 7.46 25.15
N TYR B 343 -27.09 8.75 25.43
CA TYR B 343 -28.33 9.49 25.22
C TYR B 343 -28.46 9.84 23.74
N ILE B 344 -29.50 9.33 23.10
CA ILE B 344 -29.81 9.75 21.73
C ILE B 344 -30.42 11.15 21.73
N ILE B 345 -31.56 11.29 22.40
CA ILE B 345 -32.17 12.60 22.65
C ILE B 345 -32.65 12.63 24.09
N ARG B 346 -32.42 13.76 24.75
CA ARG B 346 -32.86 13.94 26.12
C ARG B 346 -34.16 14.73 26.15
N ALA B 347 -34.96 14.51 27.20
CA ALA B 347 -36.15 15.32 27.38
C ALA B 347 -35.78 16.75 27.69
N GLY B 348 -36.48 17.69 27.07
CA GLY B 348 -36.16 19.10 27.17
C GLY B 348 -35.19 19.58 26.12
N GLU B 349 -34.51 18.68 25.42
CA GLU B 349 -33.69 19.06 24.28
C GLU B 349 -34.59 19.58 23.17
N MET B 350 -34.14 20.63 22.49
CA MET B 350 -34.99 21.30 21.52
C MET B 350 -35.30 20.39 20.34
N GLY B 351 -34.33 19.61 19.88
CA GLY B 351 -34.58 18.51 18.96
C GLY B 351 -34.78 18.93 17.52
N SER B 352 -34.03 18.32 16.61
CA SER B 352 -34.15 18.66 15.20
C SER B 352 -34.01 17.45 14.30
N ASP B 353 -34.43 16.28 14.76
CA ASP B 353 -34.23 15.07 13.98
C ASP B 353 -35.18 13.98 14.46
N VAL B 354 -35.34 12.97 13.61
CA VAL B 354 -36.10 11.76 13.93
C VAL B 354 -35.16 10.58 13.71
N TYR B 355 -35.44 9.47 14.39
CA TYR B 355 -34.57 8.31 14.36
C TYR B 355 -35.36 7.06 14.08
N PHE B 356 -34.84 6.23 13.18
CA PHE B 356 -35.42 4.93 12.84
C PHE B 356 -34.44 3.86 13.28
N ILE B 357 -34.82 3.05 14.26
CA ILE B 357 -33.95 2.00 14.75
C ILE B 357 -33.87 0.90 13.69
N ASN B 358 -32.65 0.50 13.35
CA ASN B 358 -32.47 -0.55 12.35
C ASN B 358 -32.39 -1.92 13.01
N ARG B 359 -31.40 -2.13 13.87
CA ARG B 359 -31.27 -3.42 14.54
C ARG B 359 -30.93 -3.32 16.03
N GLY B 360 -30.77 -2.12 16.57
CA GLY B 360 -30.47 -1.95 17.98
C GLY B 360 -31.72 -1.90 18.84
N SER B 361 -31.53 -1.40 20.06
CA SER B 361 -32.63 -1.28 21.01
C SER B 361 -32.40 -0.05 21.87
N VAL B 362 -33.46 0.73 22.06
CA VAL B 362 -33.43 1.94 22.89
C VAL B 362 -34.54 1.85 23.92
N GLU B 363 -34.43 2.68 24.95
CA GLU B 363 -35.45 2.80 25.98
C GLU B 363 -35.87 4.26 26.07
N VAL B 364 -37.18 4.50 26.03
CA VAL B 364 -37.74 5.81 26.26
C VAL B 364 -38.07 5.94 27.74
N LEU B 365 -37.43 6.91 28.39
CA LEU B 365 -37.55 7.19 29.81
C LEU B 365 -37.95 8.65 29.98
N SER B 366 -38.12 9.06 31.24
CA SER B 366 -38.48 10.42 31.56
C SER B 366 -37.25 11.32 31.48
N ALA B 367 -37.45 12.60 31.82
CA ALA B 367 -36.31 13.51 31.94
C ALA B 367 -35.40 13.09 33.09
N ASP B 368 -35.98 12.58 34.16
CA ASP B 368 -35.19 12.04 35.26
C ASP B 368 -34.61 10.66 34.98
N GLU B 369 -35.07 9.99 33.91
CA GLU B 369 -34.56 8.69 33.47
C GLU B 369 -34.66 7.62 34.57
N LYS B 370 -35.73 7.68 35.36
CA LYS B 370 -36.05 6.64 36.33
C LYS B 370 -37.25 5.79 35.93
N THR B 371 -38.29 6.41 35.36
CA THR B 371 -39.45 5.67 34.90
C THR B 371 -39.30 5.38 33.41
N ARG B 372 -39.29 4.09 33.05
CA ARG B 372 -39.13 3.68 31.66
C ARG B 372 -40.49 3.74 30.97
N TYR B 373 -40.62 4.65 30.00
CA TYR B 373 -41.88 4.74 29.26
C TYR B 373 -42.03 3.54 28.32
N ALA B 374 -40.98 3.21 27.57
CA ALA B 374 -41.11 2.17 26.55
C ALA B 374 -39.74 1.60 26.20
N ILE B 375 -39.78 0.50 25.46
CA ILE B 375 -38.59 -0.13 24.88
C ILE B 375 -38.86 -0.29 23.38
N LEU B 376 -37.98 0.24 22.55
CA LEU B 376 -38.16 0.22 21.11
C LEU B 376 -36.99 -0.50 20.45
N SER B 377 -37.28 -1.45 19.57
CA SER B 377 -36.24 -2.18 18.89
C SER B 377 -36.79 -2.78 17.60
N GLU B 378 -35.87 -3.12 16.69
CA GLU B 378 -36.17 -3.88 15.48
C GLU B 378 -37.21 -3.18 14.61
N GLY B 379 -36.83 -2.00 14.12
CA GLY B 379 -37.59 -1.35 13.08
C GLY B 379 -38.53 -0.25 13.53
N GLN B 380 -38.78 -0.10 14.82
CA GLN B 380 -39.62 1.02 15.24
C GLN B 380 -38.76 2.27 15.39
N PHE B 381 -39.38 3.35 15.84
CA PHE B 381 -38.82 4.68 15.71
C PHE B 381 -39.17 5.52 16.92
N PHE B 382 -38.59 6.72 16.97
CA PHE B 382 -38.90 7.69 18.02
C PHE B 382 -38.51 9.08 17.54
N GLY B 383 -39.05 10.09 18.21
CA GLY B 383 -38.71 11.46 17.92
C GLY B 383 -39.49 12.11 16.81
N GLU B 384 -40.70 11.62 16.52
CA GLU B 384 -41.46 12.16 15.40
C GLU B 384 -42.18 13.46 15.74
N MET B 385 -42.37 13.78 17.02
CA MET B 385 -42.95 15.07 17.39
C MET B 385 -42.11 16.22 16.87
N ALA B 386 -40.79 16.14 17.03
CA ALA B 386 -39.91 17.17 16.51
C ALA B 386 -39.95 17.25 14.99
N LEU B 387 -40.53 16.26 14.33
CA LEU B 387 -40.68 16.32 12.87
C LEU B 387 -41.86 17.18 12.44
N ILE B 388 -42.80 17.49 13.32
CA ILE B 388 -43.92 18.36 12.95
C ILE B 388 -44.10 19.54 13.90
N LEU B 389 -43.19 19.72 14.86
CA LEU B 389 -43.17 20.93 15.68
C LEU B 389 -41.77 21.13 16.21
N ARG B 390 -41.49 22.36 16.65
CA ARG B 390 -40.19 22.70 17.22
C ARG B 390 -40.19 22.69 18.74
N ALA B 391 -41.26 22.19 19.37
CA ALA B 391 -41.28 22.06 20.81
C ALA B 391 -40.25 21.02 21.25
N PRO B 392 -39.72 21.16 22.48
CA PRO B 392 -38.67 20.23 22.93
C PRO B 392 -39.19 18.80 23.06
N ARG B 393 -38.23 17.89 23.21
CA ARG B 393 -38.54 16.46 23.31
C ARG B 393 -39.37 16.19 24.55
N THR B 394 -40.40 15.36 24.38
CA THR B 394 -41.28 15.01 25.49
C THR B 394 -40.68 13.96 26.40
N ALA B 395 -39.64 13.25 25.97
CA ALA B 395 -39.04 12.19 26.78
C ALA B 395 -37.60 11.99 26.35
N THR B 396 -36.84 11.35 27.23
CA THR B 396 -35.44 11.05 26.97
C THR B 396 -35.33 9.66 26.33
N VAL B 397 -34.43 9.51 25.37
CA VAL B 397 -34.18 8.23 24.71
C VAL B 397 -32.74 7.82 25.01
N ARG B 398 -32.58 6.64 25.58
CA ARG B 398 -31.29 6.13 26.00
C ARG B 398 -31.00 4.82 25.27
N ALA B 399 -29.79 4.67 24.77
CA ALA B 399 -29.42 3.48 24.01
C ALA B 399 -29.18 2.31 24.97
N ARG B 400 -30.00 1.26 24.83
CA ARG B 400 -29.76 0.04 25.60
C ARG B 400 -28.45 -0.61 25.20
N ALA B 401 -28.23 -0.76 23.89
CA ALA B 401 -27.01 -1.32 23.35
C ALA B 401 -26.65 -0.53 22.11
N PHE B 402 -25.74 -1.07 21.30
CA PHE B 402 -25.43 -0.44 20.02
C PHE B 402 -26.66 -0.45 19.12
N CYS B 403 -26.97 0.70 18.54
CA CYS B 403 -28.28 0.92 17.94
C CYS B 403 -28.29 0.78 16.43
N ASP B 404 -27.29 1.31 15.73
CA ASP B 404 -27.23 1.30 14.27
C ASP B 404 -28.44 1.99 13.64
N LEU B 405 -29.01 2.96 14.35
CA LEU B 405 -30.22 3.61 13.86
C LEU B 405 -29.87 4.68 12.82
N TYR B 406 -30.90 5.18 12.15
CA TYR B 406 -30.75 6.15 11.07
C TYR B 406 -31.40 7.46 11.49
N ARG B 407 -30.70 8.56 11.26
CA ARG B 407 -31.13 9.88 11.68
C ARG B 407 -31.54 10.70 10.46
N LEU B 408 -32.73 11.29 10.53
CA LEU B 408 -33.22 12.21 9.51
C LEU B 408 -33.36 13.59 10.13
N ASP B 409 -32.66 14.57 9.58
CA ASP B 409 -32.64 15.90 10.15
C ASP B 409 -33.92 16.65 9.81
N LYS B 410 -34.28 17.59 10.69
CA LYS B 410 -35.43 18.45 10.42
C LYS B 410 -35.21 19.32 9.19
N GLU B 411 -34.01 19.91 9.08
CA GLU B 411 -33.75 20.82 7.96
C GLU B 411 -33.78 20.07 6.63
N THR B 412 -33.23 18.85 6.60
CA THR B 412 -33.32 18.03 5.39
C THR B 412 -34.78 17.64 5.11
N PHE B 413 -35.54 17.40 6.17
CA PHE B 413 -36.94 17.03 6.01
C PHE B 413 -37.73 18.17 5.36
N ASP B 414 -37.52 19.40 5.81
CA ASP B 414 -38.18 20.53 5.15
C ASP B 414 -37.61 20.78 3.76
N ARG B 415 -36.32 20.54 3.57
CA ARG B 415 -35.70 20.73 2.25
C ARG B 415 -36.33 19.82 1.22
N ILE B 416 -36.62 18.57 1.57
CA ILE B 416 -37.32 17.69 0.64
C ILE B 416 -38.83 17.89 0.68
N LEU B 417 -39.36 18.48 1.74
CA LEU B 417 -40.79 18.76 1.81
C LEU B 417 -41.18 19.93 0.93
N SER B 418 -40.23 20.80 0.61
CA SER B 418 -40.54 22.01 -0.15
C SER B 418 -41.09 21.68 -1.53
N ARG B 419 -40.55 20.66 -2.19
CA ARG B 419 -40.97 20.32 -3.54
C ARG B 419 -42.05 19.24 -3.62
N TYR B 420 -42.58 18.78 -2.49
CA TYR B 420 -43.85 18.05 -2.44
C TYR B 420 -44.86 18.88 -1.65
N PRO B 421 -45.64 19.74 -2.32
CA PRO B 421 -46.59 20.58 -1.59
C PRO B 421 -47.77 19.83 -0.99
N GLU B 422 -48.23 18.75 -1.64
CA GLU B 422 -49.43 18.07 -1.15
C GLU B 422 -49.19 17.40 0.20
N ILE B 423 -48.07 16.70 0.34
CA ILE B 423 -47.77 16.11 1.64
C ILE B 423 -47.26 17.16 2.61
N ALA B 424 -46.76 18.29 2.12
CA ALA B 424 -46.47 19.41 2.99
C ALA B 424 -47.74 19.94 3.64
N ALA B 425 -48.84 19.98 2.88
CA ALA B 425 -50.13 20.30 3.48
C ALA B 425 -50.64 19.17 4.38
N GLN B 426 -50.32 17.92 4.02
CA GLN B 426 -50.81 16.78 4.78
C GLN B 426 -50.23 16.78 6.19
N ILE B 427 -48.91 16.96 6.31
CA ILE B 427 -48.21 16.67 7.57
C ILE B 427 -48.51 17.67 8.67
N GLN B 428 -49.28 18.72 8.37
CA GLN B 428 -49.83 19.55 9.44
C GLN B 428 -50.79 18.75 10.33
N GLU B 429 -51.40 17.70 9.79
CA GLU B 429 -52.19 16.80 10.61
C GLU B 429 -51.32 15.62 11.01
N THR C 26 -11.27 -16.74 32.27
CA THR C 26 -12.35 -17.32 31.49
C THR C 26 -12.10 -18.82 31.28
N TYR C 27 -13.15 -19.62 31.44
CA TYR C 27 -13.04 -21.04 31.21
C TYR C 27 -12.80 -21.37 29.74
N THR C 28 -13.38 -20.57 28.84
CA THR C 28 -13.17 -20.78 27.41
C THR C 28 -11.71 -20.58 27.03
N LEU C 29 -11.08 -19.54 27.56
CA LEU C 29 -9.69 -19.26 27.22
C LEU C 29 -8.76 -20.36 27.71
N VAL C 30 -8.94 -20.80 28.96
CA VAL C 30 -8.06 -21.85 29.49
C VAL C 30 -8.33 -23.18 28.79
N TRP C 31 -9.59 -23.44 28.40
CA TRP C 31 -9.88 -24.66 27.66
C TRP C 31 -9.23 -24.62 26.27
N LYS C 32 -9.25 -23.45 25.63
CA LYS C 32 -8.59 -23.32 24.33
C LYS C 32 -7.08 -23.47 24.46
N VAL C 33 -6.51 -22.95 25.56
CA VAL C 33 -5.08 -23.14 25.80
C VAL C 33 -4.76 -24.61 26.00
N TRP C 34 -5.60 -25.32 26.76
CA TRP C 34 -5.40 -26.75 26.96
C TRP C 34 -5.51 -27.51 25.64
N ILE C 35 -6.48 -27.14 24.81
CA ILE C 35 -6.64 -27.80 23.50
C ILE C 35 -5.43 -27.54 22.62
N LEU C 36 -4.92 -26.30 22.65
CA LEU C 36 -3.72 -25.98 21.87
C LEU C 36 -2.52 -26.79 22.36
N ALA C 37 -2.37 -26.93 23.68
CA ALA C 37 -1.27 -27.73 24.21
C ALA C 37 -1.42 -29.20 23.82
N VAL C 38 -2.65 -29.72 23.87
CA VAL C 38 -2.90 -31.10 23.49
C VAL C 38 -2.58 -31.33 22.01
N THR C 39 -2.99 -30.39 21.16
CA THR C 39 -2.72 -30.54 19.73
C THR C 39 -1.24 -30.37 19.42
N LEU C 40 -0.53 -29.50 20.15
CA LEU C 40 0.90 -29.42 19.99
C LEU C 40 1.58 -30.72 20.41
N TYR C 41 1.10 -31.32 21.50
CA TYR C 41 1.60 -32.62 21.93
C TYR C 41 1.36 -33.68 20.87
N TYR C 42 0.17 -33.67 20.26
CA TYR C 42 -0.13 -34.62 19.19
C TYR C 42 0.76 -34.39 17.98
N ALA C 43 0.96 -33.13 17.59
CA ALA C 43 1.80 -32.84 16.43
C ALA C 43 3.24 -33.25 16.68
N ILE C 44 3.72 -33.10 17.91
CA ILE C 44 5.07 -33.54 18.24
C ILE C 44 5.15 -35.06 18.26
N ARG C 45 4.14 -35.74 18.79
CA ARG C 45 4.26 -37.14 19.12
C ARG C 45 3.86 -38.08 17.99
N ILE C 46 2.74 -37.78 17.31
CA ILE C 46 2.19 -38.74 16.34
C ILE C 46 3.17 -39.13 15.26
N PRO C 47 3.90 -38.22 14.59
CA PRO C 47 4.97 -38.68 13.70
C PRO C 47 6.12 -39.31 14.46
N LEU C 48 6.44 -38.79 15.65
CA LEU C 48 7.54 -39.34 16.44
C LEU C 48 7.25 -40.77 16.87
N THR C 49 6.01 -41.06 17.27
CA THR C 49 5.66 -42.43 17.60
C THR C 49 5.32 -43.25 16.35
N LEU C 50 5.08 -42.59 15.22
CA LEU C 50 4.96 -43.31 13.96
C LEU C 50 6.29 -43.91 13.54
N VAL C 51 7.38 -43.18 13.76
CA VAL C 51 8.70 -43.70 13.47
C VAL C 51 9.31 -44.43 14.66
N PHE C 52 8.75 -44.27 15.85
CA PHE C 52 9.20 -44.98 17.04
C PHE C 52 7.97 -45.62 17.68
N PRO C 53 7.55 -46.79 17.19
CA PRO C 53 6.37 -47.45 17.78
C PRO C 53 6.57 -47.80 19.25
N SER C 54 7.81 -48.03 19.68
CA SER C 54 8.07 -48.32 21.08
C SER C 54 7.75 -47.15 21.99
N LEU C 55 7.58 -45.95 21.44
CA LEU C 55 7.15 -44.79 22.21
C LEU C 55 5.65 -44.77 22.45
N PHE C 56 4.88 -45.59 21.74
CA PHE C 56 3.43 -45.52 21.85
C PHE C 56 2.95 -45.98 23.23
N SER C 57 3.49 -47.10 23.71
CA SER C 57 3.05 -47.66 24.99
C SER C 57 3.35 -46.75 26.19
N PRO C 58 4.56 -46.21 26.39
CA PRO C 58 4.78 -45.40 27.61
C PRO C 58 3.93 -44.15 27.70
N LEU C 59 3.50 -43.59 26.57
CA LEU C 59 2.70 -42.38 26.57
C LEU C 59 1.21 -42.68 26.32
N LEU C 60 0.81 -43.94 26.48
CA LEU C 60 -0.60 -44.29 26.36
C LEU C 60 -1.51 -43.56 27.35
N PRO C 61 -1.19 -43.42 28.65
CA PRO C 61 -2.11 -42.69 29.54
C PRO C 61 -2.36 -41.24 29.13
N LEU C 62 -1.38 -40.59 28.51
CA LEU C 62 -1.61 -39.22 28.04
C LEU C 62 -2.59 -39.21 26.87
N ASP C 63 -2.36 -40.08 25.88
CA ASP C 63 -3.11 -40.06 24.63
C ASP C 63 -4.61 -40.13 24.86
N ILE C 64 -5.05 -41.11 25.64
CA ILE C 64 -6.48 -41.26 25.92
C ILE C 64 -7.04 -39.99 26.55
N LEU C 65 -6.29 -39.42 27.52
CA LEU C 65 -6.70 -38.14 28.09
C LEU C 65 -6.80 -37.08 26.99
N ALA C 66 -5.76 -36.99 26.16
CA ALA C 66 -5.81 -36.11 25.00
C ALA C 66 -6.98 -36.49 24.10
N SER C 67 -7.16 -37.80 23.87
CA SER C 67 -8.29 -38.26 23.07
C SER C 67 -9.60 -37.83 23.70
N LEU C 68 -9.69 -37.89 25.03
CA LEU C 68 -10.88 -37.39 25.71
C LEU C 68 -11.05 -35.91 25.42
N ALA C 69 -9.98 -35.13 25.56
CA ALA C 69 -10.05 -33.73 25.17
C ALA C 69 -10.42 -33.61 23.70
N LEU C 70 -9.90 -34.52 22.88
CA LEU C 70 -10.15 -34.46 21.44
C LEU C 70 -11.62 -34.68 21.14
N ILE C 71 -12.38 -35.33 22.02
CA ILE C 71 -13.82 -35.37 21.86
C ILE C 71 -14.52 -34.38 22.77
N ALA C 72 -13.88 -33.97 23.89
CA ALA C 72 -14.50 -32.99 24.76
C ALA C 72 -14.63 -31.64 24.09
N ASP C 73 -13.81 -31.36 23.08
CA ASP C 73 -13.91 -30.13 22.33
C ASP C 73 -15.00 -30.17 21.27
N ILE C 74 -15.60 -31.35 21.02
CA ILE C 74 -16.69 -31.42 20.03
C ILE C 74 -17.90 -30.59 20.45
N PRO C 75 -18.49 -30.75 21.66
CA PRO C 75 -19.63 -29.90 22.01
C PRO C 75 -19.22 -28.52 22.50
N LEU C 76 -18.12 -28.45 23.25
CA LEU C 76 -17.74 -27.22 23.94
C LEU C 76 -17.47 -26.09 22.96
N ASP C 77 -16.78 -26.39 21.85
CA ASP C 77 -16.62 -25.40 20.79
C ASP C 77 -17.97 -24.92 20.28
N LEU C 78 -18.88 -25.87 20.00
CA LEU C 78 -20.24 -25.51 19.64
C LEU C 78 -20.93 -24.73 20.76
N ALA C 79 -20.57 -25.04 22.01
CA ALA C 79 -21.04 -24.22 23.12
C ALA C 79 -20.38 -22.85 23.10
N PHE C 80 -19.06 -22.82 22.86
CA PHE C 80 -18.32 -21.57 23.00
C PHE C 80 -18.62 -20.60 21.86
N GLU C 81 -18.99 -21.12 20.69
CA GLU C 81 -19.49 -20.26 19.63
C GLU C 81 -20.96 -19.90 19.83
N SER C 82 -21.67 -20.64 20.67
CA SER C 82 -23.07 -20.31 20.93
C SER C 82 -23.20 -19.09 21.84
N ARG C 83 -22.26 -18.92 22.77
CA ARG C 83 -22.30 -17.75 23.64
C ARG C 83 -22.01 -16.47 22.88
N ARG C 84 -21.20 -16.54 21.82
CA ARG C 84 -20.82 -15.38 21.02
C ARG C 84 -21.65 -15.39 19.74
N THR C 85 -22.85 -14.81 19.81
CA THR C 85 -23.75 -14.65 18.67
C THR C 85 -23.94 -15.96 17.92
N SER C 86 -24.65 -16.87 18.60
CA SER C 86 -24.82 -18.24 18.11
C SER C 86 -25.27 -18.30 16.66
N GLY C 87 -26.42 -17.69 16.36
CA GLY C 87 -26.97 -17.70 15.01
C GLY C 87 -27.16 -19.11 14.47
N ARG C 88 -26.43 -19.45 13.42
CA ARG C 88 -26.42 -20.79 12.87
C ARG C 88 -25.09 -21.48 13.17
N LYS C 89 -25.18 -22.75 13.58
CA LYS C 89 -24.00 -23.58 13.87
C LYS C 89 -24.10 -24.89 13.10
N PRO C 90 -23.90 -24.86 11.78
CA PRO C 90 -24.00 -26.09 11.00
C PRO C 90 -22.79 -27.00 11.16
N THR C 91 -22.77 -27.80 12.22
CA THR C 91 -21.68 -28.74 12.41
C THR C 91 -21.89 -29.97 11.53
N LEU C 92 -20.87 -30.83 11.50
CA LEU C 92 -20.81 -32.04 10.67
C LEU C 92 -20.82 -31.72 9.18
N LEU C 93 -20.54 -30.48 8.81
CA LEU C 93 -20.50 -30.02 7.43
C LEU C 93 -19.75 -28.68 7.42
N ALA C 94 -19.68 -28.07 6.22
CA ALA C 94 -19.09 -26.76 5.94
C ALA C 94 -17.56 -26.82 6.10
N PRO C 95 -16.82 -25.88 5.50
CA PRO C 95 -15.36 -25.86 5.71
C PRO C 95 -14.96 -25.67 7.16
N SER C 96 -15.79 -25.01 7.96
CA SER C 96 -15.53 -24.88 9.38
C SER C 96 -16.09 -26.10 10.12
N ARG C 97 -15.40 -26.50 11.18
CA ARG C 97 -15.75 -27.58 12.10
C ARG C 97 -15.69 -28.97 11.49
N LEU C 98 -15.42 -29.09 10.18
CA LEU C 98 -15.23 -30.39 9.57
C LEU C 98 -13.85 -30.97 9.86
N PRO C 99 -12.74 -30.22 9.70
CA PRO C 99 -11.45 -30.77 10.15
C PRO C 99 -11.39 -31.02 11.64
N ASP C 100 -12.09 -30.21 12.44
CA ASP C 100 -12.14 -30.42 13.88
C ASP C 100 -12.78 -31.77 14.21
N LEU C 101 -13.90 -32.09 13.56
CA LEU C 101 -14.56 -33.36 13.83
C LEU C 101 -13.76 -34.52 13.25
N LEU C 102 -13.12 -34.32 12.10
CA LEU C 102 -12.31 -35.39 11.50
C LEU C 102 -11.12 -35.73 12.38
N ALA C 103 -10.46 -34.71 12.94
CA ALA C 103 -9.37 -34.96 13.87
C ALA C 103 -9.86 -35.43 15.23
N ALA C 104 -11.14 -35.21 15.54
CA ALA C 104 -11.64 -35.55 16.87
C ALA C 104 -11.73 -37.05 17.09
N LEU C 105 -12.00 -37.83 16.06
CA LEU C 105 -12.17 -39.27 16.23
C LEU C 105 -10.83 -39.92 16.58
N PRO C 106 -10.82 -40.91 17.49
CA PRO C 106 -9.56 -41.52 17.95
C PRO C 106 -8.99 -42.54 16.98
N LEU C 107 -8.63 -42.07 15.78
CA LEU C 107 -7.99 -42.95 14.81
C LEU C 107 -6.61 -43.38 15.27
N ASP C 108 -5.85 -42.46 15.87
CA ASP C 108 -4.45 -42.72 16.22
C ASP C 108 -4.33 -43.86 17.21
N LEU C 109 -5.19 -43.89 18.22
CA LEU C 109 -5.12 -44.94 19.24
C LEU C 109 -5.33 -46.31 18.63
N LEU C 110 -6.34 -46.45 17.77
CA LEU C 110 -6.63 -47.76 17.20
C LEU C 110 -5.54 -48.18 16.21
N VAL C 111 -5.02 -47.25 15.41
CA VAL C 111 -4.02 -47.66 14.43
C VAL C 111 -2.71 -48.02 15.13
N PHE C 112 -2.33 -47.29 16.17
CA PHE C 112 -1.12 -47.65 16.91
C PHE C 112 -1.31 -48.90 17.74
N ALA C 113 -2.55 -49.22 18.13
CA ALA C 113 -2.79 -50.50 18.80
C ALA C 113 -2.69 -51.66 17.82
N LEU C 114 -3.22 -51.49 16.61
CA LEU C 114 -3.20 -52.56 15.61
C LEU C 114 -1.83 -52.73 14.95
N HIS C 115 -0.94 -51.74 15.08
CA HIS C 115 0.40 -51.79 14.50
C HIS C 115 0.36 -52.01 12.98
N LEU C 116 -0.52 -51.26 12.31
CA LEU C 116 -0.69 -51.41 10.88
C LEU C 116 0.54 -50.90 10.12
N PRO C 117 0.77 -51.41 8.91
CA PRO C 117 1.93 -50.96 8.13
C PRO C 117 1.87 -49.48 7.79
N SER C 118 3.00 -48.99 7.28
CA SER C 118 3.18 -47.55 7.07
C SER C 118 2.16 -46.91 6.13
N PRO C 119 1.81 -47.47 4.96
CA PRO C 119 0.81 -46.80 4.12
C PRO C 119 -0.55 -46.66 4.79
N LEU C 120 -0.92 -47.61 5.65
CA LEU C 120 -2.19 -47.52 6.37
C LEU C 120 -2.05 -46.78 7.70
N SER C 121 -0.89 -46.86 8.35
CA SER C 121 -0.69 -46.14 9.60
C SER C 121 -0.39 -44.67 9.38
N LEU C 122 -0.16 -44.25 8.14
CA LEU C 122 -0.01 -42.83 7.85
C LEU C 122 -1.29 -42.05 8.11
N LEU C 123 -2.43 -42.74 8.21
CA LEU C 123 -3.71 -42.09 8.48
C LEU C 123 -3.82 -41.57 9.90
N SER C 124 -2.87 -41.90 10.78
CA SER C 124 -2.87 -41.34 12.12
C SER C 124 -2.63 -39.83 12.13
N LEU C 125 -2.16 -39.27 11.02
CA LEU C 125 -1.97 -37.84 10.89
C LEU C 125 -3.29 -37.07 10.79
N VAL C 126 -4.41 -37.77 10.65
CA VAL C 126 -5.72 -37.12 10.66
C VAL C 126 -5.94 -36.40 11.98
N ARG C 127 -5.36 -36.93 13.07
CA ARG C 127 -5.41 -36.24 14.35
C ARG C 127 -4.80 -34.85 14.28
N LEU C 128 -3.80 -34.65 13.43
CA LEU C 128 -3.15 -33.36 13.29
C LEU C 128 -4.00 -32.35 12.52
N LEU C 129 -5.11 -32.77 11.93
CA LEU C 129 -5.99 -31.84 11.22
C LEU C 129 -6.68 -30.85 12.15
N LYS C 130 -6.61 -31.07 13.46
CA LYS C 130 -7.13 -30.11 14.43
C LYS C 130 -6.32 -28.83 14.46
N LEU C 131 -5.14 -28.81 13.85
CA LEU C 131 -4.26 -27.66 13.92
C LEU C 131 -4.85 -26.44 13.23
N ILE C 132 -5.60 -26.62 12.14
CA ILE C 132 -6.21 -25.47 11.48
C ILE C 132 -7.27 -24.83 12.36
N SER C 133 -8.08 -25.65 13.04
CA SER C 133 -9.07 -25.12 13.97
C SER C 133 -8.39 -24.46 15.16
N VAL C 134 -7.27 -25.03 15.62
CA VAL C 134 -6.52 -24.44 16.73
C VAL C 134 -5.97 -23.09 16.33
N GLN C 135 -5.43 -22.98 15.11
CA GLN C 135 -4.93 -21.70 14.62
C GLN C 135 -6.06 -20.69 14.50
N ALA C 136 -7.23 -21.11 14.00
CA ALA C 136 -8.36 -20.20 13.90
C ALA C 136 -8.81 -19.71 15.28
N SER C 137 -8.88 -20.63 16.25
CA SER C 137 -9.29 -20.24 17.60
C SER C 137 -8.27 -19.31 18.25
N ALA C 138 -6.98 -19.60 18.07
CA ALA C 138 -5.95 -18.73 18.61
C ALA C 138 -5.97 -17.37 17.93
N THR C 139 -6.35 -17.32 16.66
CA THR C 139 -6.56 -16.05 15.99
C THR C 139 -7.73 -15.29 16.64
N ARG C 140 -8.83 -15.98 16.86
CA ARG C 140 -10.02 -15.33 17.41
C ARG C 140 -9.78 -14.81 18.83
N ILE C 141 -9.08 -15.59 19.65
CA ILE C 141 -8.80 -15.15 21.02
C ILE C 141 -7.62 -14.19 21.11
N LEU C 142 -6.92 -13.93 20.00
CA LEU C 142 -5.78 -13.02 20.03
C LEU C 142 -5.75 -12.09 18.83
N SER C 143 -6.91 -11.71 18.32
CA SER C 143 -7.00 -10.74 17.24
C SER C 143 -7.17 -9.31 17.74
N TYR C 144 -7.03 -9.10 19.06
CA TYR C 144 -7.27 -7.80 19.67
C TYR C 144 -6.01 -7.12 20.13
N ARG C 145 -5.21 -7.80 20.96
CA ARG C 145 -3.96 -7.25 21.47
C ARG C 145 -2.76 -7.58 20.58
N ILE C 146 -2.95 -8.39 19.54
CA ILE C 146 -1.86 -8.82 18.67
C ILE C 146 -2.17 -8.34 17.25
N ASN C 147 -1.15 -7.83 16.57
CA ASN C 147 -1.30 -7.43 15.19
C ASN C 147 -1.65 -8.64 14.33
N PRO C 148 -2.61 -8.54 13.42
CA PRO C 148 -2.95 -9.69 12.57
C PRO C 148 -1.81 -10.16 11.70
N ALA C 149 -0.95 -9.26 11.23
CA ALA C 149 0.24 -9.69 10.49
C ALA C 149 1.19 -10.46 11.39
N LEU C 150 1.44 -9.95 12.60
CA LEU C 150 2.32 -10.65 13.53
C LEU C 150 1.68 -11.94 14.02
N LEU C 151 0.36 -11.95 14.21
CA LEU C 151 -0.32 -13.18 14.60
C LEU C 151 -0.21 -14.24 13.51
N ARG C 152 -0.40 -13.82 12.25
CA ARG C 152 -0.25 -14.75 11.14
C ARG C 152 1.17 -15.26 11.04
N LEU C 153 2.15 -14.38 11.23
CA LEU C 153 3.56 -14.81 11.18
C LEU C 153 3.88 -15.77 12.32
N LEU C 154 3.37 -15.52 13.52
CA LEU C 154 3.60 -16.42 14.64
C LEU C 154 2.95 -17.78 14.41
N SER C 155 1.73 -17.79 13.89
CA SER C 155 1.08 -19.06 13.57
C SER C 155 1.83 -19.79 12.48
N LEU C 156 2.34 -19.07 11.49
CA LEU C 156 3.13 -19.68 10.43
C LEU C 156 4.43 -20.26 10.97
N VAL C 157 5.07 -19.56 11.89
CA VAL C 157 6.33 -20.05 12.46
C VAL C 157 6.08 -21.29 13.31
N GLY C 158 5.02 -21.29 14.11
CA GLY C 158 4.68 -22.47 14.88
C GLY C 158 4.34 -23.66 14.00
N PHE C 159 3.54 -23.42 12.95
CA PHE C 159 3.22 -24.48 12.01
C PHE C 159 4.47 -24.95 11.27
N ILE C 160 5.41 -24.05 11.01
CA ILE C 160 6.65 -24.42 10.33
C ILE C 160 7.51 -25.29 11.25
N LEU C 161 7.55 -24.97 12.54
CA LEU C 161 8.29 -25.82 13.48
C LEU C 161 7.66 -27.20 13.59
N LEU C 162 6.32 -27.26 13.68
CA LEU C 162 5.65 -28.55 13.73
C LEU C 162 5.86 -29.33 12.43
N ALA C 163 5.80 -28.65 11.30
CA ALA C 163 6.05 -29.29 10.01
C ALA C 163 7.48 -29.74 9.88
N ALA C 164 8.42 -28.98 10.45
CA ALA C 164 9.82 -29.40 10.44
C ALA C 164 10.01 -30.66 11.26
N HIS C 165 9.35 -30.75 12.41
CA HIS C 165 9.39 -31.98 13.20
C HIS C 165 8.80 -33.15 12.43
N GLY C 166 7.65 -32.94 11.78
CA GLY C 166 7.04 -34.01 11.02
C GLY C 166 7.87 -34.42 9.83
N ILE C 167 8.51 -33.46 9.17
CA ILE C 167 9.37 -33.76 8.02
C ILE C 167 10.61 -34.50 8.46
N ALA C 168 11.18 -34.13 9.62
CA ALA C 168 12.29 -34.89 10.17
C ALA C 168 11.88 -36.31 10.49
N CYS C 169 10.66 -36.49 11.01
CA CYS C 169 10.16 -37.84 11.25
C CYS C 169 10.01 -38.62 9.95
N GLY C 170 9.52 -37.97 8.89
CA GLY C 170 9.49 -38.62 7.59
C GLY C 170 10.89 -39.00 7.11
N TRP C 171 11.87 -38.15 7.41
CA TRP C 171 13.25 -38.43 7.03
C TRP C 171 13.78 -39.64 7.78
N MET C 172 13.43 -39.75 9.07
CA MET C 172 13.65 -41.01 9.79
C MET C 172 13.04 -42.18 9.05
N SER C 173 11.76 -42.06 8.69
CA SER C 173 11.02 -43.17 8.12
C SER C 173 11.57 -43.58 6.76
N LEU C 174 12.30 -42.70 6.08
CA LEU C 174 12.94 -43.07 4.83
C LEU C 174 14.45 -43.30 4.95
N GLN C 175 15.02 -43.09 6.13
CA GLN C 175 16.41 -43.48 6.35
C GLN C 175 16.53 -44.99 6.40
N PRO C 176 17.66 -45.54 5.96
CA PRO C 176 17.92 -46.97 6.14
C PRO C 176 18.01 -47.31 7.61
N PRO C 177 17.54 -48.50 8.01
CA PRO C 177 17.62 -48.89 9.41
C PRO C 177 19.07 -49.01 9.88
N SER C 178 19.30 -48.60 11.12
CA SER C 178 20.64 -48.63 11.70
C SER C 178 20.52 -48.62 13.20
N GLU C 179 21.62 -48.98 13.87
CA GLU C 179 21.71 -48.96 15.32
C GLU C 179 22.14 -47.61 15.87
N ASN C 180 21.96 -46.54 15.10
CA ASN C 180 22.27 -45.22 15.59
C ASN C 180 21.30 -44.85 16.72
N PRO C 181 21.75 -44.11 17.72
CA PRO C 181 20.84 -43.70 18.81
C PRO C 181 19.71 -42.84 18.27
N ALA C 182 18.53 -43.01 18.89
CA ALA C 182 17.33 -42.34 18.41
C ALA C 182 17.48 -40.81 18.48
N GLY C 183 18.08 -40.31 19.57
CA GLY C 183 18.29 -38.89 19.68
C GLY C 183 19.22 -38.34 18.62
N THR C 184 20.32 -39.04 18.36
CA THR C 184 21.29 -38.57 17.38
C THR C 184 20.70 -38.53 15.97
N ARG C 185 19.97 -39.58 15.60
CA ARG C 185 19.36 -39.60 14.28
C ARG C 185 18.20 -38.62 14.16
N TYR C 186 17.47 -38.37 15.25
CA TYR C 186 16.47 -37.31 15.21
C TYR C 186 17.12 -35.96 15.03
N LEU C 187 18.25 -35.74 15.70
CA LEU C 187 18.98 -34.50 15.54
C LEU C 187 19.45 -34.33 14.10
N SER C 188 19.94 -35.41 13.49
CA SER C 188 20.37 -35.35 12.10
C SER C 188 19.20 -35.06 11.16
N ALA C 189 18.05 -35.69 11.42
CA ALA C 189 16.88 -35.47 10.57
C ALA C 189 16.36 -34.05 10.71
N PHE C 190 16.30 -33.52 11.93
CA PHE C 190 15.86 -32.15 12.12
C PHE C 190 16.86 -31.17 11.51
N TYR C 191 18.15 -31.50 11.59
CA TYR C 191 19.16 -30.67 10.93
C TYR C 191 18.96 -30.65 9.43
N TRP C 192 18.67 -31.81 8.83
CA TRP C 192 18.43 -31.85 7.40
C TRP C 192 17.20 -31.04 7.02
N THR C 193 16.10 -31.19 7.78
CA THR C 193 14.89 -30.46 7.40
C THR C 193 15.01 -28.96 7.69
N ILE C 194 15.89 -28.55 8.61
CA ILE C 194 16.10 -27.12 8.78
C ILE C 194 17.01 -26.57 7.68
N THR C 195 17.99 -27.36 7.22
CA THR C 195 18.75 -26.95 6.04
C THR C 195 17.84 -26.81 4.83
N THR C 196 16.90 -27.74 4.68
CA THR C 196 16.02 -27.72 3.52
C THR C 196 15.00 -26.59 3.61
N LEU C 197 14.36 -26.45 4.76
CA LEU C 197 13.26 -25.49 4.89
C LEU C 197 13.74 -24.06 4.87
N THR C 198 14.95 -23.80 5.35
CA THR C 198 15.52 -22.47 5.35
C THR C 198 16.25 -22.14 4.06
N THR C 199 16.21 -23.05 3.08
CA THR C 199 16.87 -22.91 1.78
C THR C 199 18.38 -22.66 1.93
N ILE C 200 18.98 -23.25 2.95
CA ILE C 200 20.41 -23.14 3.15
C ILE C 200 21.10 -24.29 2.43
N GLY C 201 20.80 -25.52 2.86
CA GLY C 201 21.24 -26.69 2.12
C GLY C 201 22.74 -26.88 2.09
N TYR C 202 23.32 -27.25 3.25
CA TYR C 202 24.74 -27.54 3.29
C TYR C 202 25.11 -28.71 2.38
N GLY C 203 24.28 -29.75 2.38
CA GLY C 203 24.55 -30.91 1.58
C GLY C 203 25.46 -31.94 2.22
N ASP C 204 25.78 -31.79 3.50
CA ASP C 204 26.57 -32.81 4.18
C ASP C 204 25.78 -34.11 4.30
N ILE C 205 24.49 -34.01 4.58
CA ILE C 205 23.59 -35.16 4.55
C ILE C 205 22.58 -34.93 3.42
N THR C 206 22.42 -35.94 2.58
CA THR C 206 21.75 -35.83 1.29
C THR C 206 20.96 -37.09 1.02
N PRO C 207 20.02 -37.05 0.08
CA PRO C 207 19.31 -38.28 -0.31
C PRO C 207 20.27 -39.34 -0.83
N SER C 208 19.94 -40.59 -0.54
CA SER C 208 20.67 -41.74 -1.04
C SER C 208 19.83 -42.65 -1.91
N THR C 209 18.62 -42.95 -1.49
CA THR C 209 17.67 -43.80 -2.20
C THR C 209 16.73 -42.96 -3.04
N PRO C 210 16.17 -43.53 -4.12
CA PRO C 210 15.22 -42.77 -4.94
C PRO C 210 13.99 -42.29 -4.17
N THR C 211 13.48 -43.09 -3.22
CA THR C 211 12.36 -42.63 -2.42
C THR C 211 12.75 -41.45 -1.55
N GLN C 212 13.95 -41.49 -0.97
CA GLN C 212 14.47 -40.33 -0.26
C GLN C 212 14.62 -39.13 -1.17
N THR C 213 14.95 -39.36 -2.44
CA THR C 213 15.11 -38.25 -3.37
C THR C 213 13.77 -37.61 -3.72
N VAL C 214 12.73 -38.42 -3.93
CA VAL C 214 11.39 -37.89 -4.14
C VAL C 214 10.92 -37.12 -2.92
N TYR C 215 11.16 -37.68 -1.75
CA TYR C 215 10.78 -37.01 -0.51
C TYR C 215 11.52 -35.70 -0.35
N THR C 216 12.81 -35.68 -0.69
CA THR C 216 13.57 -34.44 -0.61
C THR C 216 13.09 -33.42 -1.62
N ILE C 217 12.67 -33.86 -2.81
CA ILE C 217 12.12 -32.93 -3.79
C ILE C 217 10.87 -32.26 -3.25
N VAL C 218 9.92 -33.06 -2.75
CA VAL C 218 8.68 -32.46 -2.26
C VAL C 218 8.92 -31.63 -1.01
N ILE C 219 9.85 -32.06 -0.15
CA ILE C 219 10.18 -31.26 1.04
C ILE C 219 10.88 -29.97 0.64
N GLU C 220 11.71 -30.01 -0.40
CA GLU C 220 12.34 -28.79 -0.89
C GLU C 220 11.31 -27.81 -1.42
N LEU C 221 10.34 -28.31 -2.18
CA LEU C 221 9.27 -27.44 -2.67
C LEU C 221 8.47 -26.85 -1.51
N LEU C 222 8.12 -27.69 -0.53
CA LEU C 222 7.37 -27.21 0.63
C LEU C 222 8.18 -26.21 1.44
N GLY C 223 9.47 -26.48 1.62
CA GLY C 223 10.31 -25.59 2.39
C GLY C 223 10.54 -24.26 1.71
N ALA C 224 10.72 -24.28 0.39
CA ALA C 224 10.80 -23.03 -0.36
C ALA C 224 9.48 -22.26 -0.28
N ALA C 225 8.35 -22.97 -0.36
CA ALA C 225 7.05 -22.32 -0.24
C ALA C 225 6.90 -21.66 1.12
N MET C 226 7.22 -22.38 2.19
CA MET C 226 7.02 -21.84 3.53
C MET C 226 8.08 -20.82 3.90
N TYR C 227 9.28 -20.89 3.33
CA TYR C 227 10.25 -19.83 3.55
C TYR C 227 9.86 -18.58 2.81
N GLY C 228 9.31 -18.72 1.60
CA GLY C 228 8.71 -17.58 0.93
C GLY C 228 7.54 -17.01 1.70
N LEU C 229 6.78 -17.88 2.36
CA LEU C 229 5.70 -17.43 3.23
C LEU C 229 6.25 -16.62 4.40
N VAL C 230 7.33 -17.10 5.02
CA VAL C 230 7.94 -16.36 6.13
C VAL C 230 8.45 -15.02 5.66
N ILE C 231 9.13 -15.00 4.52
CA ILE C 231 9.68 -13.74 4.01
C ILE C 231 8.57 -12.78 3.64
N GLY C 232 7.49 -13.29 3.02
CA GLY C 232 6.38 -12.43 2.68
C GLY C 232 5.66 -11.89 3.89
N ASN C 233 5.48 -12.72 4.92
CA ASN C 233 4.84 -12.24 6.14
C ASN C 233 5.71 -11.20 6.84
N ILE C 234 7.02 -11.41 6.84
CA ILE C 234 7.92 -10.42 7.42
C ILE C 234 7.89 -9.12 6.62
N ALA C 235 7.83 -9.23 5.29
CA ALA C 235 7.75 -8.04 4.44
C ALA C 235 6.46 -7.28 4.70
N SER C 236 5.34 -8.00 4.83
CA SER C 236 4.08 -7.35 5.17
C SER C 236 4.14 -6.69 6.54
N LEU C 237 4.77 -7.38 7.51
CA LEU C 237 4.86 -6.83 8.86
C LEU C 237 5.68 -5.54 8.88
N VAL C 238 6.79 -5.50 8.15
CA VAL C 238 7.66 -4.33 8.16
C VAL C 238 7.23 -3.26 7.16
N SER C 239 6.32 -3.58 6.23
CA SER C 239 5.84 -2.55 5.30
C SER C 239 4.95 -1.55 6.00
N LYS C 240 4.24 -1.97 7.05
CA LYS C 240 3.43 -1.07 7.85
C LYS C 240 3.89 -1.02 9.30
N LEU C 241 5.18 -1.29 9.54
CA LEU C 241 5.71 -1.18 10.89
C LEU C 241 5.81 0.27 11.34
N ASP C 242 6.04 1.19 10.41
CA ASP C 242 6.10 2.62 10.67
C ASP C 242 5.18 3.36 9.72
N ALA C 243 3.95 2.87 9.59
CA ALA C 243 3.02 3.43 8.61
C ALA C 243 2.70 4.89 8.89
N ALA C 244 2.51 5.23 10.17
CA ALA C 244 2.23 6.62 10.53
C ALA C 244 3.41 7.53 10.21
N LYS C 245 4.62 7.10 10.58
CA LYS C 245 5.79 7.91 10.31
C LYS C 245 6.05 8.04 8.83
N LEU C 246 5.89 6.96 8.07
CA LEU C 246 6.09 7.01 6.62
C LEU C 246 5.04 7.90 5.96
N LEU C 247 3.79 7.82 6.40
CA LEU C 247 2.74 8.66 5.84
C LEU C 247 3.01 10.14 6.13
N HIS C 248 3.39 10.45 7.36
CA HIS C 248 3.70 11.84 7.70
C HIS C 248 4.91 12.34 6.93
N ARG C 249 5.94 11.50 6.79
CA ARG C 249 7.15 11.92 6.09
C ARG C 249 6.89 12.12 4.60
N GLU C 250 6.06 11.27 3.99
CA GLU C 250 5.77 11.47 2.58
C GLU C 250 4.84 12.67 2.37
N ARG C 251 3.96 12.95 3.34
CA ARG C 251 3.19 14.20 3.26
C ARG C 251 4.11 15.41 3.35
N VAL C 252 5.09 15.37 4.26
CA VAL C 252 6.03 16.46 4.39
C VAL C 252 6.87 16.62 3.13
N GLU C 253 7.30 15.49 2.55
CA GLU C 253 8.08 15.55 1.31
C GLU C 253 7.25 16.12 0.17
N ARG C 254 5.96 15.74 0.08
CA ARG C 254 5.09 16.27 -0.95
C ARG C 254 4.92 17.78 -0.79
N VAL C 255 4.65 18.23 0.43
CA VAL C 255 4.48 19.65 0.68
C VAL C 255 5.76 20.41 0.38
N THR C 256 6.90 19.89 0.82
CA THR C 256 8.18 20.57 0.61
C THR C 256 8.53 20.64 -0.87
N ALA C 257 8.28 19.56 -1.62
CA ALA C 257 8.55 19.57 -3.06
C ALA C 257 7.65 20.58 -3.77
N PHE C 258 6.38 20.63 -3.37
CA PHE C 258 5.47 21.61 -3.98
C PHE C 258 5.92 23.03 -3.68
N LEU C 259 6.32 23.30 -2.45
CA LEU C 259 6.75 24.66 -2.08
C LEU C 259 8.04 25.04 -2.78
N SER C 260 8.97 24.09 -2.90
CA SER C 260 10.21 24.36 -3.62
C SER C 260 9.95 24.62 -5.09
N TYR C 261 8.94 23.95 -5.66
CA TYR C 261 8.52 24.29 -7.01
C TYR C 261 7.95 25.69 -7.06
N LYS C 262 7.20 26.09 -6.04
CA LYS C 262 6.58 27.41 -5.99
C LYS C 262 7.55 28.51 -5.57
N ARG C 263 8.85 28.19 -5.43
CA ARG C 263 9.88 29.15 -5.04
C ARG C 263 9.54 29.81 -3.70
N ILE C 264 9.02 29.00 -2.78
CA ILE C 264 8.72 29.47 -1.44
C ILE C 264 10.02 29.81 -0.70
N SER C 265 10.01 30.91 0.03
CA SER C 265 11.21 31.37 0.72
C SER C 265 11.64 30.33 1.77
N PRO C 266 12.94 30.15 1.98
CA PRO C 266 13.39 29.12 2.93
C PRO C 266 12.96 29.38 4.36
N GLU C 267 12.67 30.62 4.74
CA GLU C 267 12.16 30.89 6.08
C GLU C 267 10.79 30.25 6.27
N LEU C 268 9.89 30.44 5.30
CA LEU C 268 8.57 29.83 5.41
C LEU C 268 8.64 28.32 5.29
N GLN C 269 9.56 27.81 4.45
CA GLN C 269 9.74 26.36 4.38
C GLN C 269 10.21 25.80 5.72
N ARG C 270 11.13 26.49 6.39
CA ARG C 270 11.59 26.05 7.70
C ARG C 270 10.46 26.12 8.73
N ARG C 271 9.62 27.17 8.65
CA ARG C 271 8.49 27.27 9.56
C ARG C 271 7.51 26.13 9.35
N ILE C 272 7.25 25.76 8.09
CA ILE C 272 6.36 24.65 7.80
C ILE C 272 6.97 23.33 8.24
N ILE C 273 8.29 23.19 8.08
CA ILE C 273 8.97 21.98 8.50
C ILE C 273 8.88 21.81 10.01
N GLU C 274 9.10 22.89 10.76
CA GLU C 274 9.02 22.77 12.21
C GLU C 274 7.58 22.61 12.68
N TYR C 275 6.61 23.17 11.94
CA TYR C 275 5.21 22.89 12.25
C TYR C 275 4.90 21.42 12.08
N PHE C 276 5.37 20.82 10.99
CA PHE C 276 5.14 19.40 10.77
C PHE C 276 5.88 18.55 11.81
N ASP C 277 7.05 19.00 12.23
CA ASP C 277 7.75 18.31 13.32
C ASP C 277 6.95 18.35 14.60
N TYR C 278 6.37 19.50 14.93
CA TYR C 278 5.50 19.61 16.10
C TYR C 278 4.28 18.70 15.96
N LEU C 279 3.68 18.68 14.77
CA LEU C 279 2.51 17.84 14.53
C LEU C 279 2.85 16.37 14.73
N TRP C 280 4.00 15.94 14.19
CA TRP C 280 4.41 14.55 14.35
C TRP C 280 4.72 14.22 15.81
N GLU C 281 5.41 15.12 16.50
CA GLU C 281 5.80 14.83 17.89
C GLU C 281 4.62 14.93 18.84
N THR C 282 3.52 15.57 18.44
CA THR C 282 2.37 15.69 19.32
C THR C 282 1.28 14.66 19.00
N ARG C 283 0.76 14.67 17.77
CA ARG C 283 -0.37 13.81 17.42
C ARG C 283 -0.02 12.87 16.27
N ARG C 284 1.26 12.52 16.15
CA ARG C 284 1.75 11.58 15.14
C ARG C 284 1.43 12.05 13.72
N GLY C 285 1.35 13.37 13.53
CA GLY C 285 1.08 13.91 12.22
C GLY C 285 -0.35 13.75 11.76
N TYR C 286 -1.25 13.32 12.63
CA TYR C 286 -2.64 13.10 12.25
C TYR C 286 -3.40 14.42 12.25
N GLU C 287 -4.13 14.67 11.18
CA GLU C 287 -5.01 15.84 11.13
C GLU C 287 -6.20 15.61 12.04
N GLU C 288 -6.52 16.61 12.87
CA GLU C 288 -7.57 16.44 13.87
C GLU C 288 -8.93 16.24 13.21
N ARG C 289 -9.22 16.98 12.14
CA ARG C 289 -10.52 16.85 11.48
C ARG C 289 -10.72 15.45 10.93
N GLU C 290 -9.69 14.90 10.26
CA GLU C 290 -9.78 13.59 9.66
C GLU C 290 -9.99 12.51 10.71
N VAL C 291 -9.32 12.65 11.85
CA VAL C 291 -9.53 11.70 12.95
C VAL C 291 -10.94 11.82 13.50
N LEU C 292 -11.45 13.04 13.62
CA LEU C 292 -12.77 13.22 14.21
C LEU C 292 -13.90 12.70 13.32
N LYS C 293 -13.75 12.79 11.99
CA LYS C 293 -14.80 12.22 11.13
C LYS C 293 -14.89 10.70 11.24
N GLU C 294 -13.86 10.02 11.75
CA GLU C 294 -13.98 8.57 11.93
C GLU C 294 -14.98 8.22 13.01
N LEU C 295 -15.16 9.09 13.99
CA LEU C 295 -16.07 8.87 15.10
C LEU C 295 -17.51 9.14 14.67
N PRO C 296 -18.48 8.45 15.25
CA PRO C 296 -19.88 8.78 15.01
C PRO C 296 -20.28 10.03 15.78
N HIS C 297 -21.49 10.49 15.52
CA HIS C 297 -21.96 11.74 16.10
C HIS C 297 -21.96 11.75 17.64
N PRO C 298 -22.46 10.73 18.35
CA PRO C 298 -22.37 10.82 19.82
C PRO C 298 -20.96 10.75 20.35
N LEU C 299 -20.12 9.91 19.78
CA LEU C 299 -18.74 9.81 20.23
C LEU C 299 -17.96 11.06 19.89
N ARG C 300 -18.18 11.63 18.70
CA ARG C 300 -17.56 12.90 18.35
C ARG C 300 -18.04 14.00 19.29
N LEU C 301 -19.33 13.99 19.64
CA LEU C 301 -19.86 14.97 20.58
C LEU C 301 -19.18 14.85 21.94
N ALA C 302 -19.05 13.62 22.45
CA ALA C 302 -18.42 13.44 23.76
C ALA C 302 -16.94 13.81 23.72
N VAL C 303 -16.25 13.44 22.64
CA VAL C 303 -14.83 13.74 22.50
C VAL C 303 -14.60 15.24 22.48
N ALA C 304 -15.39 15.94 21.66
CA ALA C 304 -15.21 17.39 21.57
C ALA C 304 -15.76 18.12 22.78
N MET C 305 -16.66 17.50 23.55
CA MET C 305 -17.12 18.11 24.79
C MET C 305 -16.05 18.03 25.87
N GLU C 306 -15.42 16.87 26.04
CA GLU C 306 -14.43 16.78 27.10
C GLU C 306 -13.02 17.14 26.66
N ILE C 307 -12.80 17.35 25.35
CA ILE C 307 -11.61 18.07 24.93
C ILE C 307 -11.66 19.50 25.42
N HIS C 308 -12.82 20.14 25.28
CA HIS C 308 -13.10 21.46 25.83
C HIS C 308 -13.85 21.37 27.15
N GLY C 309 -13.57 20.33 27.94
CA GLY C 309 -14.23 20.10 29.21
C GLY C 309 -14.05 21.24 30.20
N ASP C 310 -15.13 21.98 30.44
CA ASP C 310 -15.22 23.18 31.26
C ASP C 310 -14.47 24.34 30.60
N VAL C 311 -13.80 24.06 29.49
CA VAL C 311 -13.10 25.09 28.74
C VAL C 311 -14.08 25.95 27.96
N ILE C 312 -15.04 25.32 27.29
CA ILE C 312 -15.98 26.06 26.46
C ILE C 312 -16.96 26.86 27.31
N GLU C 313 -17.40 26.30 28.44
CA GLU C 313 -18.27 27.05 29.34
C GLU C 313 -17.48 27.87 30.35
N LYS C 314 -16.18 28.10 30.11
CA LYS C 314 -15.41 29.02 30.93
C LYS C 314 -15.53 30.47 30.48
N VAL C 315 -16.02 30.67 29.25
CA VAL C 315 -16.15 32.04 28.68
C VAL C 315 -17.51 32.64 29.10
N PRO C 316 -17.65 33.98 29.19
CA PRO C 316 -18.88 34.60 29.66
C PRO C 316 -20.07 34.52 28.69
N LEU C 317 -19.84 34.69 27.39
CA LEU C 317 -20.98 34.73 26.43
C LEU C 317 -21.69 33.36 26.39
N PHE C 318 -20.98 32.28 26.75
CA PHE C 318 -21.59 30.92 26.72
C PHE C 318 -22.04 30.53 28.14
N LYS C 319 -22.06 31.50 29.06
CA LYS C 319 -22.55 31.23 30.44
C LYS C 319 -24.08 31.25 30.46
N GLY C 320 -24.70 30.70 31.50
CA GLY C 320 -26.17 30.71 31.63
C GLY C 320 -26.84 30.23 30.37
N ALA C 321 -26.10 29.56 29.48
CA ALA C 321 -26.68 29.02 28.27
C ALA C 321 -27.05 27.55 28.46
N GLY C 322 -27.95 27.08 27.62
CA GLY C 322 -28.31 25.67 27.63
C GLY C 322 -27.14 24.82 27.16
N GLU C 323 -27.04 23.61 27.72
CA GLU C 323 -25.99 22.69 27.32
C GLU C 323 -26.13 22.26 25.87
N GLU C 324 -27.36 22.30 25.33
CA GLU C 324 -27.56 22.02 23.92
C GLU C 324 -26.85 23.05 23.04
N PHE C 325 -26.94 24.33 23.42
CA PHE C 325 -26.24 25.37 22.65
C PHE C 325 -24.74 25.25 22.82
N ILE C 326 -24.29 24.81 24.00
CA ILE C 326 -22.87 24.54 24.22
C ILE C 326 -22.40 23.45 23.27
N ARG C 327 -23.18 22.37 23.15
CA ARG C 327 -22.77 21.28 22.26
C ARG C 327 -22.87 21.69 20.80
N ASP C 328 -23.80 22.60 20.46
CA ASP C 328 -23.86 23.10 19.10
C ASP C 328 -22.65 23.96 18.76
N ILE C 329 -22.13 24.70 19.73
CA ILE C 329 -20.80 25.30 19.59
C ILE C 329 -19.75 24.21 19.42
N ILE C 330 -19.84 23.17 20.24
CA ILE C 330 -18.76 22.22 20.44
C ILE C 330 -18.49 21.42 19.16
N LEU C 331 -19.54 20.94 18.50
CA LEU C 331 -19.33 20.23 17.25
C LEU C 331 -18.85 21.13 16.12
N HIS C 332 -18.99 22.45 16.24
CA HIS C 332 -18.62 23.38 15.18
C HIS C 332 -17.29 24.07 15.43
N LEU C 333 -16.54 23.66 16.45
CA LEU C 333 -15.22 24.23 16.69
C LEU C 333 -14.22 23.65 15.69
N GLU C 334 -13.48 24.52 15.02
CA GLU C 334 -12.51 24.10 14.03
C GLU C 334 -11.11 24.19 14.61
N PRO C 335 -10.40 23.08 14.77
CA PRO C 335 -9.02 23.15 15.24
C PRO C 335 -8.11 23.82 14.23
N VAL C 336 -7.08 24.50 14.74
CA VAL C 336 -6.11 25.17 13.89
C VAL C 336 -4.83 25.39 14.69
N ILE C 337 -3.69 25.09 14.08
CA ILE C 337 -2.40 25.18 14.76
C ILE C 337 -1.72 26.46 14.30
N TYR C 338 -1.40 27.33 15.26
CA TYR C 338 -0.64 28.54 14.98
C TYR C 338 0.78 28.36 15.49
N GLY C 339 1.76 28.44 14.59
CA GLY C 339 3.14 28.28 14.95
C GLY C 339 3.64 29.46 15.76
N PRO C 340 4.79 29.29 16.42
CA PRO C 340 5.32 30.38 17.24
C PRO C 340 5.65 31.61 16.41
N GLY C 341 5.36 32.79 16.98
CA GLY C 341 5.60 34.02 16.28
C GLY C 341 4.61 34.34 15.18
N GLU C 342 3.48 33.64 15.12
CA GLU C 342 2.48 33.87 14.09
C GLU C 342 1.33 34.69 14.65
N TYR C 343 0.82 35.61 13.83
CA TYR C 343 -0.30 36.45 14.24
C TYR C 343 -1.60 35.67 14.07
N ILE C 344 -2.30 35.46 15.17
CA ILE C 344 -3.64 34.87 15.08
C ILE C 344 -4.64 35.89 14.57
N ILE C 345 -4.79 36.99 15.30
CA ILE C 345 -5.57 38.14 14.85
C ILE C 345 -4.79 39.40 15.19
N ARG C 346 -4.77 40.35 14.26
CA ARG C 346 -4.10 41.62 14.46
C ARG C 346 -5.12 42.68 14.86
N ALA C 347 -4.65 43.69 15.60
CA ALA C 347 -5.50 44.82 15.91
C ALA C 347 -5.82 45.61 14.65
N GLY C 348 -7.07 46.01 14.52
CA GLY C 348 -7.55 46.66 13.32
C GLY C 348 -8.08 45.71 12.27
N GLU C 349 -7.79 44.41 12.39
CA GLU C 349 -8.39 43.41 11.52
C GLU C 349 -9.89 43.35 11.81
N MET C 350 -10.69 43.20 10.74
CA MET C 350 -12.13 43.28 10.90
C MET C 350 -12.67 42.13 11.74
N GLY C 351 -12.13 40.92 11.56
CA GLY C 351 -12.35 39.84 12.50
C GLY C 351 -13.69 39.14 12.34
N SER C 352 -13.66 37.81 12.20
CA SER C 352 -14.91 37.06 12.03
C SER C 352 -14.87 35.74 12.77
N ASP C 353 -14.15 35.65 13.89
CA ASP C 353 -14.01 34.38 14.57
C ASP C 353 -13.57 34.61 16.01
N VAL C 354 -13.76 33.57 16.81
CA VAL C 354 -13.29 33.52 18.19
C VAL C 354 -12.40 32.29 18.33
N TYR C 355 -11.49 32.33 19.30
CA TYR C 355 -10.49 31.27 19.46
C TYR C 355 -10.45 30.80 20.90
N PHE C 356 -10.43 29.49 21.08
CA PHE C 356 -10.30 28.86 22.39
C PHE C 356 -8.97 28.12 22.42
N ILE C 357 -8.05 28.59 23.26
CA ILE C 357 -6.75 27.94 23.36
C ILE C 357 -6.91 26.60 24.05
N ASN C 358 -6.36 25.55 23.44
CA ASN C 358 -6.46 24.21 24.02
C ASN C 358 -5.26 23.92 24.91
N ARG C 359 -4.05 23.93 24.34
CA ARG C 359 -2.86 23.66 25.14
C ARG C 359 -1.69 24.59 24.84
N GLY C 360 -1.82 25.53 23.91
CA GLY C 360 -0.75 26.45 23.59
C GLY C 360 -0.77 27.68 24.46
N SER C 361 -0.07 28.71 24.00
CA SER C 361 0.01 29.97 24.72
C SER C 361 0.12 31.11 23.71
N VAL C 362 -0.64 32.17 23.95
CA VAL C 362 -0.64 33.36 23.10
C VAL C 362 -0.40 34.57 23.98
N GLU C 363 -0.04 35.67 23.34
CA GLU C 363 0.14 36.95 24.00
C GLU C 363 -0.73 37.99 23.30
N VAL C 364 -1.51 38.72 24.09
CA VAL C 364 -2.29 39.84 23.59
C VAL C 364 -1.45 41.10 23.76
N LEU C 365 -1.16 41.75 22.63
CA LEU C 365 -0.35 42.95 22.54
C LEU C 365 -1.16 44.03 21.83
N SER C 366 -0.55 45.20 21.68
CA SER C 366 -1.19 46.32 21.01
C SER C 366 -1.10 46.14 19.50
N ALA C 367 -1.59 47.14 18.76
CA ALA C 367 -1.41 47.15 17.31
C ALA C 367 0.05 47.29 16.95
N ASP C 368 0.81 48.05 17.74
CA ASP C 368 2.24 48.15 17.54
C ASP C 368 3.02 46.95 18.07
N GLU C 369 2.38 46.07 18.85
CA GLU C 369 2.97 44.84 19.38
C GLU C 369 4.24 45.10 20.19
N LYS C 370 4.24 46.20 20.94
CA LYS C 370 5.32 46.50 21.89
C LYS C 370 4.87 46.36 23.34
N THR C 371 3.65 46.79 23.67
CA THR C 371 3.12 46.64 25.02
C THR C 371 2.28 45.37 25.09
N ARG C 372 2.68 44.45 25.96
CA ARG C 372 1.96 43.19 26.12
C ARG C 372 0.78 43.40 27.05
N TYR C 373 -0.44 43.25 26.52
CA TYR C 373 -1.62 43.39 27.37
C TYR C 373 -1.76 42.19 28.29
N ALA C 374 -1.61 40.98 27.75
CA ALA C 374 -1.89 39.79 28.55
C ALA C 374 -1.19 38.57 27.94
N ILE C 375 -1.17 37.49 28.72
CA ILE C 375 -0.70 36.19 28.28
C ILE C 375 -1.82 35.19 28.59
N LEU C 376 -2.25 34.45 27.56
CA LEU C 376 -3.36 33.51 27.70
C LEU C 376 -2.90 32.11 27.33
N SER C 377 -3.19 31.15 28.20
CA SER C 377 -2.80 29.77 27.93
C SER C 377 -3.68 28.83 28.73
N GLU C 378 -3.71 27.57 28.30
CA GLU C 378 -4.33 26.46 29.02
C GLU C 378 -5.82 26.72 29.29
N GLY C 379 -6.58 26.81 28.20
CA GLY C 379 -8.03 26.80 28.29
C GLY C 379 -8.72 28.14 28.21
N GLN C 380 -7.99 29.25 28.32
CA GLN C 380 -8.66 30.53 28.15
C GLN C 380 -8.77 30.87 26.66
N PHE C 381 -9.28 32.06 26.39
CA PHE C 381 -9.77 32.39 25.05
C PHE C 381 -9.50 33.85 24.74
N PHE C 382 -9.79 34.23 23.50
CA PHE C 382 -9.68 35.61 23.07
C PHE C 382 -10.54 35.81 21.83
N GLY C 383 -10.82 37.08 21.52
CA GLY C 383 -11.55 37.43 20.33
C GLY C 383 -13.05 37.37 20.44
N GLU C 384 -13.61 37.50 21.65
CA GLU C 384 -15.05 37.37 21.82
C GLU C 384 -15.81 38.63 21.44
N MET C 385 -15.15 39.80 21.38
CA MET C 385 -15.83 41.01 20.93
C MET C 385 -16.37 40.84 19.51
N ALA C 386 -15.56 40.27 18.62
CA ALA C 386 -16.03 40.01 17.26
C ALA C 386 -17.17 39.00 17.22
N LEU C 387 -17.42 38.31 18.32
CA LEU C 387 -18.56 37.40 18.36
C LEU C 387 -19.88 38.11 18.63
N ILE C 388 -19.87 39.34 19.11
CA ILE C 388 -21.11 40.09 19.31
C ILE C 388 -21.11 41.46 18.65
N LEU C 389 -20.08 41.79 17.87
CA LEU C 389 -20.09 42.98 17.04
C LEU C 389 -19.13 42.77 15.87
N ARG C 390 -19.29 43.59 14.84
CA ARG C 390 -18.43 43.53 13.66
C ARG C 390 -17.34 44.59 13.68
N ALA C 391 -17.16 45.29 14.81
CA ALA C 391 -16.08 46.24 14.93
C ALA C 391 -14.74 45.51 14.91
N PRO C 392 -13.67 46.17 14.44
CA PRO C 392 -12.37 45.50 14.33
C PRO C 392 -11.81 45.09 15.68
N ARG C 393 -10.78 44.26 15.62
CA ARG C 393 -10.14 43.73 16.81
C ARG C 393 -9.52 44.86 17.63
N THR C 394 -9.73 44.80 18.94
CA THR C 394 -9.18 45.83 19.82
C THR C 394 -7.71 45.63 20.12
N ALA C 395 -7.16 44.45 19.85
CA ALA C 395 -5.77 44.17 20.16
C ALA C 395 -5.27 43.07 19.24
N THR C 396 -3.94 42.97 19.14
CA THR C 396 -3.29 41.95 18.33
C THR C 396 -3.00 40.73 19.20
N VAL C 397 -3.17 39.54 18.63
CA VAL C 397 -2.88 38.30 19.33
C VAL C 397 -1.77 37.59 18.58
N ARG C 398 -0.67 37.28 19.28
CA ARG C 398 0.52 36.69 18.69
C ARG C 398 0.79 35.36 19.38
N ALA C 399 1.09 34.33 18.59
CA ALA C 399 1.33 33.01 19.14
C ALA C 399 2.72 32.94 19.77
N ARG C 400 2.75 32.69 21.09
CA ARG C 400 4.03 32.48 21.76
C ARG C 400 4.71 31.21 21.27
N ALA C 401 3.96 30.11 21.19
CA ALA C 401 4.45 28.85 20.70
C ALA C 401 3.33 28.22 19.87
N PHE C 402 3.46 26.93 19.58
CA PHE C 402 2.40 26.21 18.90
C PHE C 402 1.17 26.18 19.80
N CYS C 403 0.02 26.53 19.23
CA CYS C 403 -1.17 26.85 20.02
C CYS C 403 -2.18 25.73 20.12
N ASP C 404 -2.46 25.03 19.01
CA ASP C 404 -3.47 23.97 18.96
C ASP C 404 -4.85 24.49 19.36
N LEU C 405 -5.12 25.76 19.11
CA LEU C 405 -6.38 26.35 19.53
C LEU C 405 -7.48 26.02 18.54
N TYR C 406 -8.72 26.30 18.94
CA TYR C 406 -9.90 25.99 18.15
C TYR C 406 -10.59 27.28 17.72
N ARG C 407 -10.95 27.35 16.45
CA ARG C 407 -11.53 28.54 15.86
C ARG C 407 -13.02 28.33 15.59
N LEU C 408 -13.84 29.26 16.04
CA LEU C 408 -15.27 29.26 15.76
C LEU C 408 -15.59 30.49 14.92
N ASP C 409 -16.13 30.26 13.73
CA ASP C 409 -16.39 31.36 12.80
C ASP C 409 -17.63 32.14 13.21
N LYS C 410 -17.66 33.42 12.84
CA LYS C 410 -18.83 34.24 13.08
C LYS C 410 -20.04 33.72 12.30
N GLU C 411 -19.84 33.38 11.03
CA GLU C 411 -20.96 32.93 10.21
C GLU C 411 -21.55 31.62 10.72
N THR C 412 -20.70 30.70 11.16
CA THR C 412 -21.20 29.47 11.79
C THR C 412 -21.91 29.78 13.09
N PHE C 413 -21.40 30.77 13.84
CA PHE C 413 -22.01 31.15 15.10
C PHE C 413 -23.43 31.67 14.90
N ASP C 414 -23.62 32.53 13.89
CA ASP C 414 -24.99 32.97 13.59
C ASP C 414 -25.83 31.86 12.99
N ARG C 415 -25.21 30.96 12.21
CA ARG C 415 -25.94 29.85 11.62
C ARG C 415 -26.54 28.95 12.69
N ILE C 416 -25.80 28.69 13.77
CA ILE C 416 -26.36 27.91 14.87
C ILE C 416 -27.16 28.77 15.83
N LEU C 417 -26.95 30.09 15.83
CA LEU C 417 -27.75 30.97 16.67
C LEU C 417 -29.16 31.17 16.14
N SER C 418 -29.36 30.93 14.84
CA SER C 418 -30.67 31.19 14.24
C SER C 418 -31.75 30.31 14.85
N ARG C 419 -31.45 29.06 15.15
CA ARG C 419 -32.45 28.14 15.67
C ARG C 419 -32.48 28.04 17.20
N TYR C 420 -31.69 28.86 17.92
CA TYR C 420 -31.93 29.13 19.33
C TYR C 420 -32.26 30.61 19.51
N PRO C 421 -33.54 30.97 19.47
CA PRO C 421 -33.91 32.39 19.59
C PRO C 421 -33.68 32.97 20.97
N GLU C 422 -33.83 32.19 22.04
CA GLU C 422 -33.73 32.76 23.38
C GLU C 422 -32.30 33.23 23.68
N ILE C 423 -31.30 32.41 23.35
CA ILE C 423 -29.93 32.87 23.56
C ILE C 423 -29.51 33.86 22.47
N ALA C 424 -30.20 33.85 21.33
CA ALA C 424 -30.00 34.91 20.35
C ALA C 424 -30.42 36.26 20.92
N ALA C 425 -31.52 36.29 21.69
CA ALA C 425 -31.88 37.50 22.41
C ALA C 425 -30.91 37.78 23.55
N GLN C 426 -30.38 36.73 24.17
CA GLN C 426 -29.51 36.91 25.33
C GLN C 426 -28.21 37.60 24.92
N ILE C 427 -27.58 37.14 23.84
CA ILE C 427 -26.19 37.53 23.55
C ILE C 427 -26.06 38.98 23.08
N GLN C 428 -27.18 39.68 22.91
CA GLN C 428 -27.09 41.14 22.76
C GLN C 428 -26.52 41.80 24.00
N GLU C 429 -26.67 41.18 25.18
CA GLU C 429 -26.03 41.66 26.38
C GLU C 429 -24.71 40.90 26.55
N THR D 26 26.13 19.46 19.78
CA THR D 26 25.35 19.12 20.97
C THR D 26 26.08 18.07 21.81
N TYR D 27 26.10 18.29 23.13
CA TYR D 27 26.72 17.32 24.02
C TYR D 27 25.96 16.01 24.05
N THR D 28 24.62 16.08 23.93
CA THR D 28 23.81 14.86 23.92
C THR D 28 24.15 13.98 22.72
N LEU D 29 24.30 14.59 21.55
CA LEU D 29 24.58 13.82 20.34
C LEU D 29 25.95 13.14 20.41
N VAL D 30 26.97 13.88 20.86
CA VAL D 30 28.30 13.28 20.93
C VAL D 30 28.36 12.24 22.04
N TRP D 31 27.62 12.44 23.14
CA TRP D 31 27.57 11.41 24.17
C TRP D 31 26.88 10.15 23.68
N LYS D 32 25.81 10.31 22.88
CA LYS D 32 25.14 9.15 22.32
C LYS D 32 26.03 8.43 21.32
N VAL D 33 26.82 9.18 20.55
CA VAL D 33 27.78 8.57 19.63
C VAL D 33 28.84 7.79 20.41
N TRP D 34 29.33 8.37 21.51
CA TRP D 34 30.30 7.66 22.34
C TRP D 34 29.70 6.40 22.95
N ILE D 35 28.45 6.47 23.40
CA ILE D 35 27.78 5.30 23.96
C ILE D 35 27.60 4.22 22.90
N LEU D 36 27.23 4.63 21.67
CA LEU D 36 27.10 3.67 20.58
C LEU D 36 28.44 3.01 20.27
N ALA D 37 29.51 3.79 20.26
CA ALA D 37 30.84 3.22 20.01
C ALA D 37 31.24 2.26 21.12
N VAL D 38 30.94 2.61 22.36
CA VAL D 38 31.27 1.74 23.49
C VAL D 38 30.49 0.44 23.41
N THR D 39 29.20 0.52 23.06
CA THR D 39 28.39 -0.69 22.96
C THR D 39 28.80 -1.54 21.77
N LEU D 40 29.22 -0.92 20.66
CA LEU D 40 29.75 -1.69 19.55
C LEU D 40 31.04 -2.39 19.95
N TYR D 41 31.90 -1.71 20.72
CA TYR D 41 33.10 -2.32 21.24
C TYR D 41 32.77 -3.50 22.14
N TYR D 42 31.76 -3.35 23.00
CA TYR D 42 31.35 -4.45 23.87
C TYR D 42 30.79 -5.61 23.06
N ALA D 43 29.97 -5.32 22.04
CA ALA D 43 29.40 -6.40 21.24
C ALA D 43 30.48 -7.14 20.46
N ILE D 44 31.52 -6.42 20.02
CA ILE D 44 32.63 -7.08 19.34
C ILE D 44 33.45 -7.90 20.32
N ARG D 45 33.70 -7.37 21.52
CA ARG D 45 34.71 -7.95 22.39
C ARG D 45 34.19 -9.02 23.32
N ILE D 46 33.01 -8.80 23.93
CA ILE D 46 32.54 -9.71 24.99
C ILE D 46 32.45 -11.15 24.53
N PRO D 47 31.86 -11.51 23.38
CA PRO D 47 31.98 -12.89 22.92
C PRO D 47 33.40 -13.25 22.51
N LEU D 48 34.13 -12.29 21.92
CA LEU D 48 35.50 -12.55 21.51
C LEU D 48 36.40 -12.86 22.69
N THR D 49 36.24 -12.12 23.80
CA THR D 49 37.00 -12.44 24.99
C THR D 49 36.37 -13.57 25.79
N LEU D 50 35.11 -13.91 25.52
CA LEU D 50 34.52 -15.11 26.09
C LEU D 50 35.17 -16.36 25.54
N VAL D 51 35.47 -16.36 24.24
CA VAL D 51 36.18 -17.47 23.62
C VAL D 51 37.70 -17.31 23.69
N PHE D 52 38.20 -16.12 23.99
CA PHE D 52 39.62 -15.87 24.16
C PHE D 52 39.81 -15.16 25.49
N PRO D 53 39.85 -15.91 26.60
CA PRO D 53 40.05 -15.27 27.91
C PRO D 53 41.36 -14.50 28.01
N SER D 54 42.38 -14.92 27.26
CA SER D 54 43.66 -14.22 27.27
C SER D 54 43.55 -12.81 26.71
N LEU D 55 42.46 -12.49 26.01
CA LEU D 55 42.22 -11.14 25.53
C LEU D 55 41.64 -10.23 26.60
N PHE D 56 41.19 -10.78 27.72
CA PHE D 56 40.53 -9.96 28.74
C PHE D 56 41.51 -9.00 29.41
N SER D 57 42.70 -9.51 29.78
CA SER D 57 43.67 -8.68 30.48
C SER D 57 44.21 -7.51 29.66
N PRO D 58 44.65 -7.67 28.40
CA PRO D 58 45.21 -6.52 27.67
C PRO D 58 44.24 -5.39 27.45
N LEU D 59 42.94 -5.68 27.37
CA LEU D 59 41.93 -4.66 27.14
C LEU D 59 41.19 -4.27 28.41
N LEU D 60 41.75 -4.61 29.58
CA LEU D 60 41.17 -4.19 30.84
C LEU D 60 41.06 -2.68 31.02
N PRO D 61 42.06 -1.85 30.67
CA PRO D 61 41.88 -0.40 30.86
C PRO D 61 40.73 0.18 30.05
N LEU D 62 40.43 -0.38 28.88
CA LEU D 62 39.28 0.10 28.12
C LEU D 62 37.96 -0.24 28.82
N ASP D 63 37.82 -1.50 29.25
CA ASP D 63 36.55 -2.00 29.77
C ASP D 63 36.02 -1.15 30.92
N ILE D 64 36.88 -0.89 31.92
CA ILE D 64 36.47 -0.08 33.05
C ILE D 64 36.00 1.29 32.59
N LEU D 65 36.75 1.92 31.67
CA LEU D 65 36.30 3.18 31.08
C LEU D 65 34.94 2.99 30.44
N ALA D 66 34.80 1.96 29.61
CA ALA D 66 33.50 1.62 29.04
C ALA D 66 32.49 1.36 30.15
N SER D 67 32.91 0.61 31.19
CA SER D 67 32.02 0.36 32.31
C SER D 67 31.62 1.66 32.98
N LEU D 68 32.56 2.60 33.10
CA LEU D 68 32.22 3.91 33.62
C LEU D 68 31.17 4.57 32.74
N ALA D 69 31.38 4.55 31.41
CA ALA D 69 30.36 5.04 30.51
C ALA D 69 29.07 4.25 30.69
N LEU D 70 29.20 2.94 30.92
CA LEU D 70 28.04 2.08 31.08
C LEU D 70 27.21 2.48 32.29
N ILE D 71 27.82 3.12 33.29
CA ILE D 71 27.03 3.69 34.37
C ILE D 71 26.83 5.19 34.20
N ALA D 72 27.72 5.86 33.47
CA ALA D 72 27.55 7.30 33.24
C ALA D 72 26.31 7.59 32.41
N ASP D 73 25.85 6.62 31.62
CA ASP D 73 24.63 6.78 30.85
C ASP D 73 23.38 6.54 31.68
N ILE D 74 23.51 6.05 32.91
CA ILE D 74 22.32 5.85 33.75
C ILE D 74 21.61 7.16 34.07
N PRO D 75 22.27 8.22 34.62
CA PRO D 75 21.52 9.46 34.86
C PRO D 75 21.37 10.32 33.62
N LEU D 76 22.40 10.34 32.77
CA LEU D 76 22.44 11.28 31.66
C LEU D 76 21.29 11.06 30.68
N ASP D 77 20.99 9.78 30.39
CA ASP D 77 19.81 9.48 29.58
C ASP D 77 18.55 10.02 30.24
N LEU D 78 18.41 9.77 31.55
CA LEU D 78 17.29 10.37 32.29
C LEU D 78 17.37 11.89 32.27
N ALA D 79 18.59 12.44 32.22
CA ALA D 79 18.73 13.87 32.00
C ALA D 79 18.33 14.25 30.58
N PHE D 80 18.77 13.46 29.60
CA PHE D 80 18.60 13.85 28.21
C PHE D 80 17.15 13.69 27.76
N GLU D 81 16.41 12.78 28.38
CA GLU D 81 14.97 12.72 28.15
C GLU D 81 14.22 13.76 28.98
N SER D 82 14.86 14.32 30.01
CA SER D 82 14.20 15.35 30.80
C SER D 82 14.15 16.67 30.06
N ARG D 83 15.18 16.97 29.27
CA ARG D 83 15.18 18.21 28.50
C ARG D 83 14.13 18.20 27.40
N ARG D 84 13.81 17.02 26.87
CA ARG D 84 12.83 16.89 25.79
C ARG D 84 11.52 16.38 26.40
N THR D 85 10.70 17.31 26.87
CA THR D 85 9.36 17.04 27.42
C THR D 85 9.41 15.92 28.46
N SER D 86 10.02 16.26 29.60
CA SER D 86 10.30 15.29 30.66
C SER D 86 9.07 14.46 31.03
N GLY D 87 7.99 15.12 31.44
CA GLY D 87 6.78 14.43 31.85
C GLY D 87 7.02 13.42 32.95
N ARG D 88 6.79 12.15 32.65
CA ARG D 88 7.10 11.06 33.56
C ARG D 88 8.30 10.27 33.06
N LYS D 89 9.20 9.93 33.99
CA LYS D 89 10.40 9.14 33.71
C LYS D 89 10.48 7.96 34.67
N PRO D 90 9.61 6.95 34.50
CA PRO D 90 9.64 5.80 35.42
C PRO D 90 10.81 4.86 35.16
N THR D 91 11.98 5.19 35.70
CA THR D 91 13.12 4.30 35.53
C THR D 91 13.01 3.14 36.52
N LEU D 92 13.93 2.18 36.38
CA LEU D 92 13.99 0.95 37.16
C LEU D 92 12.76 0.07 36.95
N LEU D 93 12.00 0.31 35.89
CA LEU D 93 10.80 -0.44 35.54
C LEU D 93 10.47 -0.12 34.09
N ALA D 94 9.34 -0.68 33.61
CA ALA D 94 8.76 -0.48 32.29
C ALA D 94 9.63 -1.12 31.21
N PRO D 95 9.09 -1.43 30.02
CA PRO D 95 9.94 -1.98 28.96
C PRO D 95 11.06 -1.06 28.53
N SER D 96 10.88 0.26 28.67
CA SER D 96 11.97 1.19 28.41
C SER D 96 12.84 1.35 29.66
N ARG D 97 14.13 1.55 29.43
CA ARG D 97 15.17 1.81 30.42
C ARG D 97 15.47 0.63 31.33
N LEU D 98 14.73 -0.48 31.21
CA LEU D 98 15.05 -1.68 31.97
C LEU D 98 16.23 -2.45 31.35
N PRO D 99 16.26 -2.72 30.03
CA PRO D 99 17.48 -3.31 29.47
C PRO D 99 18.70 -2.41 29.60
N ASP D 100 18.51 -1.09 29.56
CA ASP D 100 19.63 -0.17 29.74
C ASP D 100 20.24 -0.33 31.13
N LEU D 101 19.40 -0.41 32.16
CA LEU D 101 19.92 -0.56 33.51
C LEU D 101 20.49 -1.95 33.73
N LEU D 102 19.88 -2.98 33.12
CA LEU D 102 20.39 -4.34 33.26
C LEU D 102 21.77 -4.47 32.62
N ALA D 103 21.97 -3.88 31.45
CA ALA D 103 23.29 -3.88 30.82
C ALA D 103 24.26 -2.93 31.51
N ALA D 104 23.75 -1.97 32.29
CA ALA D 104 24.61 -0.97 32.89
C ALA D 104 25.50 -1.55 33.99
N LEU D 105 25.03 -2.56 34.72
CA LEU D 105 25.81 -3.09 35.82
C LEU D 105 27.04 -3.84 35.29
N PRO D 106 28.19 -3.72 35.97
CA PRO D 106 29.44 -4.32 35.46
C PRO D 106 29.55 -5.82 35.75
N LEU D 107 28.64 -6.59 35.15
CA LEU D 107 28.70 -8.04 35.29
C LEU D 107 29.92 -8.62 34.57
N ASP D 108 30.23 -8.07 33.39
CA ASP D 108 31.29 -8.64 32.55
C ASP D 108 32.64 -8.60 33.25
N LEU D 109 32.95 -7.49 33.91
CA LEU D 109 34.25 -7.35 34.57
C LEU D 109 34.42 -8.39 35.66
N LEU D 110 33.40 -8.57 36.50
CA LEU D 110 33.52 -9.53 37.59
C LEU D 110 33.56 -10.96 37.09
N VAL D 111 32.77 -11.29 36.07
CA VAL D 111 32.76 -12.69 35.62
C VAL D 111 34.07 -13.03 34.91
N PHE D 112 34.61 -12.09 34.13
CA PHE D 112 35.91 -12.34 33.50
C PHE D 112 37.05 -12.32 34.51
N ALA D 113 36.90 -11.60 35.62
CA ALA D 113 37.91 -11.68 36.67
C ALA D 113 37.85 -13.02 37.38
N LEU D 114 36.64 -13.53 37.66
CA LEU D 114 36.51 -14.80 38.37
C LEU D 114 36.79 -16.01 37.49
N HIS D 115 36.80 -15.84 36.17
CA HIS D 115 37.06 -16.93 35.21
C HIS D 115 36.06 -18.08 35.40
N LEU D 116 34.79 -17.74 35.52
CA LEU D 116 33.76 -18.74 35.75
C LEU D 116 33.56 -19.61 34.50
N PRO D 117 33.06 -20.83 34.67
CA PRO D 117 32.84 -21.72 33.52
C PRO D 117 31.81 -21.15 32.55
N SER D 118 31.73 -21.81 31.39
CA SER D 118 30.93 -21.29 30.28
C SER D 118 29.45 -21.12 30.58
N PRO D 119 28.74 -22.07 31.21
CA PRO D 119 27.31 -21.82 31.49
C PRO D 119 27.06 -20.63 32.39
N LEU D 120 27.98 -20.33 33.30
CA LEU D 120 27.84 -19.16 34.17
C LEU D 120 28.47 -17.91 33.56
N SER D 121 29.54 -18.07 32.78
CA SER D 121 30.15 -16.91 32.14
C SER D 121 29.39 -16.44 30.91
N LEU D 122 28.40 -17.20 30.46
CA LEU D 122 27.54 -16.74 29.37
C LEU D 122 26.71 -15.53 29.77
N LEU D 123 26.58 -15.27 31.07
CA LEU D 123 25.83 -14.12 31.56
C LEU D 123 26.51 -12.79 31.30
N SER D 124 27.77 -12.81 30.83
CA SER D 124 28.44 -11.57 30.45
C SER D 124 27.78 -10.90 29.25
N LEU D 125 26.93 -11.62 28.51
CA LEU D 125 26.20 -11.06 27.39
C LEU D 125 25.10 -10.09 27.82
N VAL D 126 24.82 -10.01 29.13
CA VAL D 126 23.86 -9.03 29.64
C VAL D 126 24.33 -7.62 29.32
N ARG D 127 25.64 -7.41 29.25
CA ARG D 127 26.19 -6.13 28.82
C ARG D 127 25.72 -5.74 27.42
N LEU D 128 25.50 -6.74 26.55
CA LEU D 128 25.05 -6.47 25.19
C LEU D 128 23.57 -6.08 25.12
N LEU D 129 22.83 -6.17 26.23
CA LEU D 129 21.43 -5.77 26.22
C LEU D 129 21.25 -4.26 26.05
N LYS D 130 22.33 -3.48 26.15
CA LYS D 130 22.28 -2.06 25.88
C LYS D 130 22.02 -1.75 24.40
N LEU D 131 22.16 -2.75 23.54
CA LEU D 131 22.05 -2.53 22.10
C LEU D 131 20.64 -2.09 21.70
N ILE D 132 19.60 -2.59 22.37
CA ILE D 132 18.25 -2.17 22.02
C ILE D 132 18.04 -0.70 22.36
N SER D 133 18.54 -0.26 23.51
CA SER D 133 18.45 1.16 23.86
C SER D 133 19.30 2.01 22.93
N VAL D 134 20.45 1.49 22.50
CA VAL D 134 21.30 2.21 21.56
C VAL D 134 20.60 2.36 20.22
N GLN D 135 19.93 1.30 19.76
CA GLN D 135 19.16 1.38 18.53
C GLN D 135 18.02 2.37 18.65
N ALA D 136 17.32 2.38 19.79
CA ALA D 136 16.23 3.33 19.99
C ALA D 136 16.75 4.76 19.99
N SER D 137 17.87 5.01 20.66
CA SER D 137 18.44 6.35 20.71
C SER D 137 18.92 6.80 19.33
N ALA D 138 19.57 5.90 18.58
CA ALA D 138 20.00 6.22 17.23
C ALA D 138 18.81 6.47 16.31
N THR D 139 17.69 5.78 16.56
CA THR D 139 16.46 6.08 15.83
C THR D 139 15.97 7.48 16.16
N ARG D 140 15.96 7.83 17.46
CA ARG D 140 15.43 9.13 17.87
C ARG D 140 16.30 10.27 17.35
N ILE D 141 17.63 10.11 17.37
CA ILE D 141 18.51 11.16 16.87
C ILE D 141 18.64 11.16 15.35
N LEU D 142 18.05 10.18 14.66
CA LEU D 142 18.17 10.11 13.21
C LEU D 142 16.85 9.73 12.55
N SER D 143 15.73 10.14 13.13
CA SER D 143 14.43 9.93 12.53
C SER D 143 13.98 11.10 11.68
N TYR D 144 14.86 12.07 11.43
CA TYR D 144 14.52 13.29 10.72
C TYR D 144 15.12 13.35 9.33
N ARG D 145 16.44 13.20 9.22
CA ARG D 145 17.11 13.23 7.93
C ARG D 145 17.24 11.86 7.28
N ILE D 146 16.82 10.79 7.97
CA ILE D 146 16.94 9.43 7.47
C ILE D 146 15.53 8.83 7.37
N ASN D 147 15.29 8.13 6.27
CA ASN D 147 14.02 7.44 6.10
C ASN D 147 13.88 6.37 7.18
N PRO D 148 12.70 6.25 7.81
CA PRO D 148 12.52 5.23 8.84
C PRO D 148 12.71 3.81 8.34
N ALA D 149 12.32 3.53 7.09
CA ALA D 149 12.59 2.22 6.52
C ALA D 149 14.07 1.98 6.35
N LEU D 150 14.80 2.98 5.82
CA LEU D 150 16.24 2.84 5.66
C LEU D 150 16.94 2.82 7.02
N LEU D 151 16.45 3.59 7.98
CA LEU D 151 17.03 3.55 9.32
C LEU D 151 16.83 2.19 9.96
N ARG D 152 15.64 1.61 9.81
CA ARG D 152 15.39 0.28 10.34
C ARG D 152 16.28 -0.76 9.65
N LEU D 153 16.44 -0.63 8.33
CA LEU D 153 17.30 -1.57 7.60
C LEU D 153 18.75 -1.43 8.03
N LEU D 154 19.22 -0.21 8.23
CA LEU D 154 20.60 0.00 8.68
C LEU D 154 20.82 -0.56 10.08
N SER D 155 19.87 -0.33 10.98
CA SER D 155 19.97 -0.89 12.32
C SER D 155 19.95 -2.41 12.27
N LEU D 156 19.10 -2.98 11.41
CA LEU D 156 19.04 -4.43 11.24
C LEU D 156 20.35 -4.97 10.71
N VAL D 157 20.97 -4.28 9.75
CA VAL D 157 22.22 -4.75 9.17
C VAL D 157 23.35 -4.67 10.20
N GLY D 158 23.39 -3.59 10.98
CA GLY D 158 24.39 -3.50 12.04
C GLY D 158 24.20 -4.57 13.10
N PHE D 159 22.95 -4.79 13.51
CA PHE D 159 22.66 -5.86 14.47
C PHE D 159 22.98 -7.22 13.88
N ILE D 160 22.79 -7.40 12.57
CA ILE D 160 23.10 -8.66 11.93
C ILE D 160 24.61 -8.89 11.89
N LEU D 161 25.39 -7.84 11.65
CA LEU D 161 26.83 -7.98 11.69
C LEU D 161 27.33 -8.30 13.10
N LEU D 162 26.77 -7.63 14.11
CA LEU D 162 27.15 -7.94 15.49
C LEU D 162 26.73 -9.36 15.86
N ALA D 163 25.54 -9.77 15.44
CA ALA D 163 25.07 -11.13 15.70
C ALA D 163 25.91 -12.15 14.95
N ALA D 164 26.37 -11.82 13.74
CA ALA D 164 27.26 -12.72 13.01
C ALA D 164 28.58 -12.88 13.75
N HIS D 165 29.12 -11.79 14.30
CA HIS D 165 30.33 -11.90 15.10
C HIS D 165 30.10 -12.76 16.34
N GLY D 166 28.97 -12.55 17.02
CA GLY D 166 28.68 -13.35 18.21
C GLY D 166 28.45 -14.81 17.88
N ILE D 167 27.79 -15.09 16.75
CA ILE D 167 27.55 -16.45 16.33
C ILE D 167 28.84 -17.14 15.93
N ALA D 168 29.74 -16.41 15.27
CA ALA D 168 31.05 -16.96 14.97
C ALA D 168 31.82 -17.27 16.25
N CYS D 169 31.70 -16.41 17.26
CA CYS D 169 32.31 -16.69 18.55
C CYS D 169 31.71 -17.95 19.19
N GLY D 170 30.39 -18.11 19.10
CA GLY D 170 29.78 -19.35 19.55
C GLY D 170 30.31 -20.57 18.80
N TRP D 171 30.56 -20.39 17.50
CA TRP D 171 31.10 -21.47 16.69
C TRP D 171 32.51 -21.83 17.13
N MET D 172 33.32 -20.81 17.46
CA MET D 172 34.58 -21.07 18.17
C MET D 172 34.36 -21.90 19.42
N SER D 173 33.43 -21.46 20.26
CA SER D 173 33.23 -22.09 21.55
C SER D 173 32.73 -23.53 21.44
N LEU D 174 32.16 -23.90 20.31
CA LEU D 174 31.76 -25.28 20.09
C LEU D 174 32.69 -26.03 19.14
N GLN D 175 33.71 -25.38 18.58
CA GLN D 175 34.72 -26.11 17.84
C GLN D 175 35.60 -26.91 18.79
N PRO D 176 36.11 -28.07 18.33
CA PRO D 176 37.08 -28.80 19.12
C PRO D 176 38.35 -27.99 19.30
N PRO D 177 39.01 -28.10 20.45
CA PRO D 177 40.26 -27.35 20.67
C PRO D 177 41.34 -27.79 19.70
N SER D 178 42.13 -26.82 19.24
CA SER D 178 43.21 -27.08 18.29
C SER D 178 44.22 -25.95 18.38
N GLU D 179 45.41 -26.21 17.81
CA GLU D 179 46.46 -25.22 17.75
C GLU D 179 46.38 -24.34 16.52
N ASN D 180 45.19 -24.24 15.91
CA ASN D 180 45.01 -23.35 14.79
C ASN D 180 45.15 -21.90 15.24
N PRO D 181 45.72 -21.03 14.41
CA PRO D 181 45.84 -19.62 14.79
C PRO D 181 44.47 -18.99 15.02
N ALA D 182 44.43 -18.08 16.00
CA ALA D 182 43.15 -17.48 16.41
C ALA D 182 42.51 -16.71 15.27
N GLY D 183 43.31 -15.98 14.49
CA GLY D 183 42.77 -15.26 13.35
C GLY D 183 42.18 -16.17 12.30
N THR D 184 42.88 -17.26 11.97
CA THR D 184 42.42 -18.17 10.94
C THR D 184 41.11 -18.85 11.36
N ARG D 185 41.02 -19.30 12.60
CA ARG D 185 39.81 -19.95 13.04
C ARG D 185 38.66 -18.96 13.22
N TYR D 186 38.96 -17.71 13.60
CA TYR D 186 37.90 -16.70 13.60
C TYR D 186 37.40 -16.44 12.19
N LEU D 187 38.30 -16.41 11.23
CA LEU D 187 37.90 -16.23 9.84
C LEU D 187 37.02 -17.39 9.38
N SER D 188 37.38 -18.61 9.76
CA SER D 188 36.57 -19.76 9.40
C SER D 188 35.20 -19.70 10.06
N ALA D 189 35.14 -19.30 11.32
CA ALA D 189 33.85 -19.21 12.02
C ALA D 189 32.97 -18.12 11.43
N PHE D 190 33.55 -16.96 11.11
CA PHE D 190 32.77 -15.90 10.49
C PHE D 190 32.32 -16.30 9.10
N TYR D 191 33.15 -17.05 8.39
CA TYR D 191 32.76 -17.56 7.08
C TYR D 191 31.59 -18.51 7.21
N TRP D 192 31.61 -19.39 8.20
CA TRP D 192 30.49 -20.30 8.41
C TRP D 192 29.22 -19.55 8.76
N THR D 193 29.30 -18.57 9.65
CA THR D 193 28.09 -17.87 10.03
C THR D 193 27.57 -16.94 8.93
N ILE D 194 28.44 -16.51 8.01
CA ILE D 194 27.94 -15.75 6.88
C ILE D 194 27.32 -16.68 5.84
N THR D 195 27.86 -17.89 5.66
CA THR D 195 27.18 -18.87 4.82
C THR D 195 25.81 -19.21 5.39
N THR D 196 25.72 -19.35 6.71
CA THR D 196 24.46 -19.72 7.34
C THR D 196 23.45 -18.58 7.31
N LEU D 197 23.89 -17.38 7.67
CA LEU D 197 22.97 -16.26 7.83
C LEU D 197 22.45 -15.76 6.49
N THR D 198 23.25 -15.88 5.44
CA THR D 198 22.84 -15.46 4.11
C THR D 198 22.11 -16.56 3.35
N THR D 199 21.85 -17.70 4.00
CA THR D 199 21.18 -18.86 3.41
C THR D 199 21.87 -19.35 2.15
N ILE D 200 23.20 -19.24 2.11
CA ILE D 200 23.98 -19.74 0.99
C ILE D 200 24.40 -21.17 1.28
N GLY D 201 25.16 -21.37 2.34
CA GLY D 201 25.46 -22.70 2.81
C GLY D 201 26.26 -23.55 1.86
N TYR D 202 27.55 -23.21 1.69
CA TYR D 202 28.41 -24.03 0.84
C TYR D 202 28.54 -25.44 1.39
N GLY D 203 28.68 -25.58 2.69
CA GLY D 203 28.84 -26.88 3.29
C GLY D 203 30.25 -27.41 3.34
N ASP D 204 31.24 -26.59 3.00
CA ASP D 204 32.63 -27.02 3.13
C ASP D 204 33.00 -27.22 4.59
N ILE D 205 32.52 -26.35 5.48
CA ILE D 205 32.64 -26.54 6.91
C ILE D 205 31.25 -26.72 7.48
N THR D 206 31.09 -27.76 8.30
CA THR D 206 29.79 -28.28 8.70
C THR D 206 29.87 -28.74 10.14
N PRO D 207 28.72 -28.93 10.80
CA PRO D 207 28.73 -29.50 12.15
C PRO D 207 29.37 -30.87 12.18
N SER D 208 30.06 -31.16 13.27
CA SER D 208 30.64 -32.47 13.52
C SER D 208 30.09 -33.15 14.76
N THR D 209 29.94 -32.42 15.85
CA THR D 209 29.42 -32.90 17.12
C THR D 209 27.94 -32.59 17.24
N PRO D 210 27.20 -33.38 18.02
CA PRO D 210 25.76 -33.09 18.20
C PRO D 210 25.48 -31.71 18.77
N THR D 211 26.31 -31.22 19.69
CA THR D 211 26.10 -29.87 20.20
C THR D 211 26.30 -28.83 19.10
N GLN D 212 27.32 -29.03 18.26
CA GLN D 212 27.49 -28.17 17.09
C GLN D 212 26.29 -28.27 16.15
N THR D 213 25.67 -29.44 16.07
CA THR D 213 24.51 -29.59 15.19
C THR D 213 23.29 -28.86 15.73
N VAL D 214 23.06 -28.93 17.04
CA VAL D 214 21.99 -28.15 17.65
C VAL D 214 22.23 -26.67 17.46
N TYR D 215 23.47 -26.24 17.68
CA TYR D 215 23.83 -24.84 17.50
C TYR D 215 23.63 -24.40 16.07
N THR D 216 23.99 -25.26 15.11
CA THR D 216 23.79 -24.92 13.71
C THR D 216 22.31 -24.88 13.36
N ILE D 217 21.50 -25.73 13.98
CA ILE D 217 20.05 -25.67 13.72
C ILE D 217 19.48 -24.34 14.18
N VAL D 218 19.80 -23.94 15.42
CA VAL D 218 19.23 -22.69 15.92
C VAL D 218 19.83 -21.49 15.18
N ILE D 219 21.10 -21.55 14.79
CA ILE D 219 21.69 -20.47 14.01
C ILE D 219 21.10 -20.42 12.62
N GLU D 220 20.76 -21.56 12.04
CA GLU D 220 20.10 -21.59 10.74
C GLU D 220 18.73 -20.96 10.82
N LEU D 221 17.97 -21.27 11.86
CA LEU D 221 16.66 -20.65 12.05
C LEU D 221 16.80 -19.14 12.23
N LEU D 222 17.76 -18.71 13.06
CA LEU D 222 17.98 -17.29 13.29
C LEU D 222 18.44 -16.58 12.02
N GLY D 223 19.33 -17.23 11.25
CA GLY D 223 19.82 -16.64 10.03
C GLY D 223 18.77 -16.54 8.95
N ALA D 224 17.92 -17.56 8.84
CA ALA D 224 16.79 -17.47 7.93
C ALA D 224 15.82 -16.38 8.35
N ALA D 225 15.58 -16.26 9.66
CA ALA D 225 14.71 -15.21 10.16
C ALA D 225 15.26 -13.83 9.84
N MET D 226 16.55 -13.61 10.09
CA MET D 226 17.12 -12.30 9.87
C MET D 226 17.38 -12.01 8.40
N TYR D 227 17.59 -13.03 7.58
CA TYR D 227 17.67 -12.80 6.14
C TYR D 227 16.30 -12.48 5.57
N GLY D 228 15.26 -13.14 6.06
CA GLY D 228 13.90 -12.73 5.71
C GLY D 228 13.60 -11.32 6.18
N LEU D 229 14.15 -10.95 7.35
CA LEU D 229 14.02 -9.57 7.81
C LEU D 229 14.70 -8.59 6.88
N VAL D 230 15.90 -8.93 6.41
CA VAL D 230 16.62 -8.06 5.47
C VAL D 230 15.84 -7.94 4.17
N ILE D 231 15.34 -9.06 3.65
CA ILE D 231 14.60 -9.04 2.39
C ILE D 231 13.31 -8.26 2.55
N GLY D 232 12.61 -8.43 3.67
CA GLY D 232 11.39 -7.69 3.90
C GLY D 232 11.62 -6.20 4.05
N ASN D 233 12.69 -5.82 4.76
CA ASN D 233 13.02 -4.41 4.90
C ASN D 233 13.40 -3.80 3.56
N ILE D 234 14.14 -4.54 2.74
CA ILE D 234 14.48 -4.05 1.41
C ILE D 234 13.23 -3.93 0.54
N ALA D 235 12.31 -4.90 0.65
CA ALA D 235 11.07 -4.83 -0.10
C ALA D 235 10.23 -3.63 0.32
N SER D 236 10.16 -3.36 1.62
CA SER D 236 9.46 -2.19 2.11
C SER D 236 10.13 -0.91 1.61
N LEU D 237 11.46 -0.88 1.62
CA LEU D 237 12.18 0.31 1.18
C LEU D 237 11.94 0.60 -0.29
N VAL D 238 11.94 -0.45 -1.13
CA VAL D 238 11.76 -0.25 -2.56
C VAL D 238 10.29 -0.20 -2.99
N SER D 239 9.36 -0.56 -2.11
CA SER D 239 7.95 -0.45 -2.47
C SER D 239 7.50 0.99 -2.50
N LYS D 240 8.13 1.86 -1.70
CA LYS D 240 7.84 3.28 -1.71
C LYS D 240 9.06 4.10 -2.09
N LEU D 241 10.00 3.50 -2.84
CA LEU D 241 11.17 4.26 -3.29
C LEU D 241 10.78 5.28 -4.36
N ASP D 242 9.76 4.98 -5.16
CA ASP D 242 9.24 5.89 -6.17
C ASP D 242 7.74 6.04 -6.03
N ALA D 243 7.30 6.30 -4.79
CA ALA D 243 5.87 6.35 -4.49
C ALA D 243 5.18 7.47 -5.25
N ALA D 244 5.82 8.64 -5.35
CA ALA D 244 5.22 9.75 -6.10
C ALA D 244 5.10 9.42 -7.57
N LYS D 245 6.17 8.87 -8.16
CA LYS D 245 6.14 8.53 -9.58
C LYS D 245 5.13 7.43 -9.87
N LEU D 246 5.07 6.42 -8.99
CA LEU D 246 4.11 5.33 -9.18
C LEU D 246 2.67 5.83 -9.04
N LEU D 247 2.44 6.71 -8.06
CA LEU D 247 1.09 7.26 -7.88
C LEU D 247 0.68 8.09 -9.08
N HIS D 248 1.58 8.95 -9.58
CA HIS D 248 1.25 9.75 -10.75
C HIS D 248 1.04 8.88 -11.97
N ARG D 249 1.87 7.85 -12.15
CA ARG D 249 1.74 6.99 -13.31
C ARG D 249 0.46 6.17 -13.27
N GLU D 250 0.05 5.70 -12.08
CA GLU D 250 -1.20 4.96 -12.01
C GLU D 250 -2.40 5.89 -12.16
N ARG D 251 -2.30 7.14 -11.71
CA ARG D 251 -3.35 8.11 -11.99
C ARG D 251 -3.46 8.36 -13.50
N VAL D 252 -2.33 8.49 -14.18
CA VAL D 252 -2.33 8.69 -15.62
C VAL D 252 -2.91 7.48 -16.33
N GLU D 253 -2.54 6.28 -15.89
CA GLU D 253 -3.07 5.07 -16.49
C GLU D 253 -4.58 4.97 -16.27
N ARG D 254 -5.06 5.32 -15.09
CA ARG D 254 -6.49 5.30 -14.81
C ARG D 254 -7.23 6.27 -15.72
N VAL D 255 -6.72 7.50 -15.83
CA VAL D 255 -7.36 8.50 -16.68
C VAL D 255 -7.34 8.06 -18.14
N THR D 256 -6.21 7.54 -18.61
CA THR D 256 -6.09 7.13 -20.00
C THR D 256 -7.01 5.95 -20.31
N ALA D 257 -7.11 4.98 -19.40
CA ALA D 257 -8.01 3.86 -19.60
C ALA D 257 -9.46 4.31 -19.64
N PHE D 258 -9.82 5.23 -18.74
CA PHE D 258 -11.19 5.75 -18.75
C PHE D 258 -11.50 6.48 -20.05
N LEU D 259 -10.55 7.30 -20.53
CA LEU D 259 -10.79 8.05 -21.76
C LEU D 259 -10.85 7.14 -22.97
N SER D 260 -9.99 6.10 -23.01
CA SER D 260 -10.05 5.14 -24.09
C SER D 260 -11.36 4.37 -24.08
N TYR D 261 -11.91 4.10 -22.89
CA TYR D 261 -13.25 3.53 -22.81
C TYR D 261 -14.28 4.51 -23.36
N LYS D 262 -14.12 5.79 -23.09
CA LYS D 262 -15.06 6.82 -23.54
C LYS D 262 -14.85 7.20 -25.00
N ARG D 263 -13.97 6.51 -25.72
CA ARG D 263 -13.68 6.79 -27.13
C ARG D 263 -13.23 8.23 -27.33
N ILE D 264 -12.40 8.72 -26.39
CA ILE D 264 -11.84 10.05 -26.50
C ILE D 264 -10.86 10.11 -27.66
N SER D 265 -10.91 11.19 -28.43
CA SER D 265 -10.08 11.34 -29.60
C SER D 265 -8.60 11.33 -29.20
N PRO D 266 -7.72 10.75 -30.02
CA PRO D 266 -6.30 10.68 -29.66
C PRO D 266 -5.62 12.02 -29.50
N GLU D 267 -6.14 13.07 -30.14
CA GLU D 267 -5.56 14.40 -29.95
C GLU D 267 -5.76 14.87 -28.52
N LEU D 268 -6.98 14.72 -27.99
CA LEU D 268 -7.23 15.12 -26.62
C LEU D 268 -6.51 14.21 -25.63
N GLN D 269 -6.40 12.93 -25.95
CA GLN D 269 -5.62 12.03 -25.11
C GLN D 269 -4.16 12.45 -25.06
N ARG D 270 -3.58 12.83 -26.20
CA ARG D 270 -2.21 13.30 -26.22
C ARG D 270 -2.06 14.61 -25.45
N ARG D 271 -3.05 15.50 -25.55
CA ARG D 271 -3.01 16.75 -24.80
C ARG D 271 -3.05 16.48 -23.29
N ILE D 272 -3.88 15.54 -22.87
CA ILE D 272 -3.95 15.19 -21.45
C ILE D 272 -2.65 14.52 -20.99
N ILE D 273 -2.07 13.68 -21.86
CA ILE D 273 -0.82 13.02 -21.53
C ILE D 273 0.29 14.04 -21.34
N GLU D 274 0.39 15.03 -22.24
CA GLU D 274 1.44 16.02 -22.10
C GLU D 274 1.15 16.97 -20.94
N TYR D 275 -0.12 17.20 -20.61
CA TYR D 275 -0.43 17.97 -19.41
C TYR D 275 0.05 17.22 -18.16
N PHE D 276 -0.19 15.91 -18.11
CA PHE D 276 0.27 15.15 -16.96
C PHE D 276 1.79 15.08 -16.92
N ASP D 277 2.44 15.04 -18.08
CA ASP D 277 3.90 15.09 -18.12
C ASP D 277 4.41 16.42 -17.55
N TYR D 278 3.76 17.52 -17.92
CA TYR D 278 4.11 18.82 -17.36
C TYR D 278 3.89 18.85 -15.85
N LEU D 279 2.77 18.29 -15.40
CA LEU D 279 2.47 18.25 -13.98
C LEU D 279 3.52 17.46 -13.20
N TRP D 280 3.92 16.31 -13.75
CA TRP D 280 4.94 15.49 -13.10
C TRP D 280 6.29 16.19 -13.10
N GLU D 281 6.66 16.82 -14.22
CA GLU D 281 7.97 17.45 -14.30
C GLU D 281 8.04 18.75 -13.51
N THR D 282 6.90 19.34 -13.15
CA THR D 282 6.90 20.57 -12.37
C THR D 282 6.68 20.34 -10.88
N ARG D 283 5.56 19.73 -10.51
CA ARG D 283 5.20 19.59 -9.11
C ARG D 283 5.03 18.13 -8.72
N ARG D 284 5.74 17.23 -9.41
CA ARG D 284 5.73 15.80 -9.13
C ARG D 284 4.33 15.20 -9.23
N GLY D 285 3.48 15.79 -10.07
CA GLY D 285 2.14 15.28 -10.24
C GLY D 285 1.20 15.56 -9.09
N TYR D 286 1.61 16.39 -8.14
CA TYR D 286 0.78 16.69 -6.97
C TYR D 286 -0.25 17.74 -7.32
N GLU D 287 -1.50 17.47 -6.97
CA GLU D 287 -2.55 18.47 -7.13
C GLU D 287 -2.36 19.57 -6.10
N GLU D 288 -2.44 20.82 -6.55
CA GLU D 288 -2.16 21.95 -5.67
C GLU D 288 -3.16 22.05 -4.53
N ARG D 289 -4.44 21.82 -4.82
CA ARG D 289 -5.48 21.92 -3.80
C ARG D 289 -5.26 20.89 -2.69
N GLU D 290 -4.96 19.65 -3.08
CA GLU D 290 -4.75 18.58 -2.10
C GLU D 290 -3.55 18.87 -1.21
N VAL D 291 -2.49 19.42 -1.79
CA VAL D 291 -1.32 19.80 -1.00
C VAL D 291 -1.68 20.93 -0.05
N LEU D 292 -2.46 21.90 -0.51
CA LEU D 292 -2.78 23.05 0.33
C LEU D 292 -3.68 22.69 1.51
N LYS D 293 -4.60 21.73 1.33
CA LYS D 293 -5.42 21.34 2.48
C LYS D 293 -4.62 20.67 3.60
N GLU D 294 -3.41 20.18 3.31
CA GLU D 294 -2.60 19.60 4.38
C GLU D 294 -2.13 20.68 5.36
N LEU D 295 -1.96 21.91 4.90
CA LEU D 295 -1.50 23.00 5.72
C LEU D 295 -2.64 23.54 6.59
N PRO D 296 -2.34 24.07 7.76
CA PRO D 296 -3.35 24.75 8.56
C PRO D 296 -3.64 26.13 8.00
N HIS D 297 -4.65 26.77 8.56
CA HIS D 297 -5.10 28.07 8.05
C HIS D 297 -4.02 29.15 8.04
N PRO D 298 -3.22 29.36 9.10
CA PRO D 298 -2.19 30.40 8.99
C PRO D 298 -1.10 30.05 8.00
N LEU D 299 -0.66 28.80 7.98
CA LEU D 299 0.38 28.41 7.03
C LEU D 299 -0.13 28.43 5.60
N ARG D 300 -1.37 28.01 5.38
CA ARG D 300 -1.97 28.12 4.06
C ARG D 300 -2.09 29.58 3.65
N LEU D 301 -2.46 30.44 4.60
CA LEU D 301 -2.55 31.87 4.33
C LEU D 301 -1.20 32.43 3.91
N ALA D 302 -0.14 32.11 4.65
CA ALA D 302 1.19 32.61 4.33
C ALA D 302 1.68 32.06 2.99
N VAL D 303 1.44 30.77 2.74
CA VAL D 303 1.87 30.14 1.49
C VAL D 303 1.19 30.79 0.31
N ALA D 304 -0.12 30.97 0.39
CA ALA D 304 -0.84 31.56 -0.72
C ALA D 304 -0.61 33.07 -0.82
N MET D 305 -0.19 33.72 0.26
CA MET D 305 0.16 35.13 0.18
C MET D 305 1.48 35.33 -0.55
N GLU D 306 2.49 34.54 -0.21
CA GLU D 306 3.78 34.76 -0.85
C GLU D 306 3.95 33.95 -2.14
N ILE D 307 3.02 33.05 -2.45
CA ILE D 307 2.92 32.52 -3.81
C ILE D 307 2.52 33.65 -4.75
N HIS D 308 1.53 34.44 -4.35
CA HIS D 308 1.12 35.65 -5.04
C HIS D 308 1.74 36.90 -4.43
N GLY D 309 2.97 36.78 -3.92
CA GLY D 309 3.67 37.88 -3.28
C GLY D 309 3.88 39.07 -4.19
N ASP D 310 3.14 40.16 -3.90
CA ASP D 310 3.08 41.40 -4.66
C ASP D 310 2.38 41.17 -6.00
N VAL D 311 2.06 39.91 -6.30
CA VAL D 311 1.33 39.59 -7.52
C VAL D 311 -0.14 39.96 -7.40
N ILE D 312 -0.74 39.64 -6.26
CA ILE D 312 -2.17 39.88 -6.09
C ILE D 312 -2.45 41.37 -5.92
N GLU D 313 -1.59 42.09 -5.21
CA GLU D 313 -1.73 43.53 -5.09
C GLU D 313 -1.06 44.29 -6.23
N LYS D 314 -0.73 43.61 -7.33
CA LYS D 314 -0.24 44.29 -8.52
C LYS D 314 -1.36 44.78 -9.42
N VAL D 315 -2.57 44.26 -9.21
CA VAL D 315 -3.75 44.64 -10.05
C VAL D 315 -4.40 45.90 -9.47
N PRO D 316 -5.10 46.73 -10.29
CA PRO D 316 -5.67 47.98 -9.81
C PRO D 316 -6.89 47.84 -8.89
N LEU D 317 -7.79 46.90 -9.18
CA LEU D 317 -9.04 46.79 -8.37
C LEU D 317 -8.71 46.40 -6.92
N PHE D 318 -7.56 45.76 -6.69
CA PHE D 318 -7.19 45.31 -5.32
C PHE D 318 -6.20 46.33 -4.72
N LYS D 319 -6.05 47.49 -5.37
CA LYS D 319 -5.16 48.55 -4.82
C LYS D 319 -5.90 49.32 -3.72
N GLY D 320 -5.17 50.06 -2.89
CA GLY D 320 -5.79 50.89 -1.83
C GLY D 320 -6.77 50.07 -1.01
N ALA D 321 -6.70 48.74 -1.09
CA ALA D 321 -7.57 47.89 -0.31
C ALA D 321 -6.85 47.44 0.96
N GLY D 322 -7.65 47.04 1.95
CA GLY D 322 -7.09 46.49 3.16
C GLY D 322 -6.43 45.14 2.90
N GLU D 323 -5.37 44.88 3.66
CA GLU D 323 -4.66 43.60 3.52
C GLU D 323 -5.55 42.42 3.92
N GLU D 324 -6.54 42.66 4.77
CA GLU D 324 -7.51 41.62 5.11
C GLU D 324 -8.31 41.20 3.89
N PHE D 325 -8.74 42.16 3.07
CA PHE D 325 -9.48 41.83 1.86
C PHE D 325 -8.57 41.15 0.84
N ILE D 326 -7.29 41.55 0.82
CA ILE D 326 -6.31 40.86 -0.03
C ILE D 326 -6.19 39.40 0.38
N ARG D 327 -6.11 39.13 1.69
CA ARG D 327 -6.00 37.75 2.13
C ARG D 327 -7.30 36.98 1.92
N ASP D 328 -8.44 37.67 1.97
CA ASP D 328 -9.71 37.00 1.67
C ASP D 328 -9.79 36.61 0.20
N ILE D 329 -9.23 37.43 -0.69
CA ILE D 329 -9.00 37.00 -2.06
C ILE D 329 -8.05 35.80 -2.08
N ILE D 330 -6.98 35.88 -1.31
CA ILE D 330 -5.84 35.00 -1.45
C ILE D 330 -6.20 33.56 -1.09
N LEU D 331 -6.94 33.35 -0.01
CA LEU D 331 -7.35 31.99 0.32
C LEU D 331 -8.40 31.44 -0.64
N HIS D 332 -9.04 32.29 -1.44
CA HIS D 332 -10.09 31.84 -2.34
C HIS D 332 -9.62 31.73 -3.80
N LEU D 333 -8.34 31.87 -4.05
CA LEU D 333 -7.83 31.69 -5.41
C LEU D 333 -7.75 30.21 -5.74
N GLU D 334 -8.31 29.83 -6.89
CA GLU D 334 -8.33 28.44 -7.30
C GLU D 334 -7.30 28.21 -8.38
N PRO D 335 -6.27 27.40 -8.14
CA PRO D 335 -5.30 27.10 -9.20
C PRO D 335 -5.93 26.29 -10.32
N VAL D 336 -5.42 26.51 -11.53
CA VAL D 336 -5.89 25.80 -12.71
C VAL D 336 -4.83 25.85 -13.79
N ILE D 337 -4.55 24.72 -14.41
CA ILE D 337 -3.50 24.61 -15.42
C ILE D 337 -4.14 24.63 -16.79
N TYR D 338 -3.76 25.59 -17.61
CA TYR D 338 -4.20 25.66 -18.99
C TYR D 338 -3.06 25.23 -19.91
N GLY D 339 -3.29 24.17 -20.68
CA GLY D 339 -2.27 23.66 -21.58
C GLY D 339 -2.06 24.61 -22.74
N PRO D 340 -0.95 24.43 -23.47
CA PRO D 340 -0.66 25.31 -24.60
C PRO D 340 -1.74 25.21 -25.67
N GLY D 341 -2.06 26.35 -26.26
CA GLY D 341 -3.08 26.38 -27.29
C GLY D 341 -4.50 26.26 -26.79
N GLU D 342 -4.73 26.41 -25.49
CA GLU D 342 -6.06 26.29 -24.92
C GLU D 342 -6.64 27.66 -24.64
N TYR D 343 -7.93 27.82 -24.91
CA TYR D 343 -8.63 29.07 -24.66
C TYR D 343 -8.97 29.18 -23.18
N ILE D 344 -8.41 30.19 -22.51
CA ILE D 344 -8.82 30.47 -21.14
C ILE D 344 -10.19 31.12 -21.12
N ILE D 345 -10.30 32.29 -21.75
CA ILE D 345 -11.59 32.94 -21.98
C ILE D 345 -11.62 33.46 -23.40
N ARG D 346 -12.76 33.29 -24.07
CA ARG D 346 -12.94 33.76 -25.43
C ARG D 346 -13.69 35.09 -25.41
N ALA D 347 -13.46 35.90 -26.44
CA ALA D 347 -14.22 37.13 -26.59
C ALA D 347 -15.66 36.80 -26.91
N GLY D 348 -16.59 37.53 -26.26
CA GLY D 348 -17.99 37.25 -26.36
C GLY D 348 -18.51 36.28 -25.32
N GLU D 349 -17.62 35.54 -24.66
CA GLU D 349 -18.01 34.71 -23.53
C GLU D 349 -18.50 35.61 -22.39
N MET D 350 -19.55 35.17 -21.71
CA MET D 350 -20.20 36.01 -20.71
C MET D 350 -19.27 36.28 -19.53
N GLY D 351 -18.51 35.26 -19.10
CA GLY D 351 -17.40 35.46 -18.19
C GLY D 351 -17.80 35.64 -16.75
N SER D 352 -17.21 34.84 -15.85
CA SER D 352 -17.55 34.94 -14.43
C SER D 352 -16.33 34.75 -13.54
N ASP D 353 -15.14 35.13 -14.02
CA ASP D 353 -13.93 34.89 -13.24
C ASP D 353 -12.82 35.80 -13.71
N VAL D 354 -11.81 35.92 -12.86
CA VAL D 354 -10.57 36.64 -13.17
C VAL D 354 -9.42 35.67 -12.99
N TYR D 355 -8.31 35.92 -13.67
CA TYR D 355 -7.18 35.00 -13.67
C TYR D 355 -5.89 35.75 -13.37
N PHE D 356 -5.08 35.19 -12.49
CA PHE D 356 -3.77 35.72 -12.15
C PHE D 356 -2.72 34.71 -12.62
N ILE D 357 -1.92 35.10 -13.61
CA ILE D 357 -0.89 34.21 -14.11
C ILE D 357 0.21 34.06 -13.07
N ASN D 358 0.57 32.82 -12.76
CA ASN D 358 1.62 32.58 -11.77
C ASN D 358 2.99 32.47 -12.44
N ARG D 359 3.17 31.50 -13.33
CA ARG D 359 4.44 31.34 -14.02
C ARG D 359 4.32 31.05 -15.51
N GLY D 360 3.11 30.94 -16.05
CA GLY D 360 2.93 30.68 -17.46
C GLY D 360 2.91 31.94 -18.29
N SER D 361 2.39 31.81 -19.51
CA SER D 361 2.30 32.93 -20.43
C SER D 361 1.06 32.75 -21.29
N VAL D 362 0.30 33.85 -21.46
CA VAL D 362 -0.90 33.87 -22.27
C VAL D 362 -0.78 35.01 -23.28
N GLU D 363 -1.62 34.94 -24.30
CA GLU D 363 -1.72 35.99 -25.30
C GLU D 363 -3.17 36.46 -25.38
N VAL D 364 -3.35 37.77 -25.31
CA VAL D 364 -4.67 38.38 -25.50
C VAL D 364 -4.79 38.74 -26.97
N LEU D 365 -5.78 38.15 -27.63
CA LEU D 365 -6.07 38.32 -29.05
C LEU D 365 -7.51 38.77 -29.21
N SER D 366 -7.92 38.98 -30.45
CA SER D 366 -9.28 39.40 -30.75
C SER D 366 -10.22 38.20 -30.70
N ALA D 367 -11.49 38.44 -31.02
CA ALA D 367 -12.44 37.34 -31.16
C ALA D 367 -12.06 36.44 -32.33
N ASP D 368 -11.53 37.02 -33.40
CA ASP D 368 -11.03 36.24 -34.52
C ASP D 368 -9.66 35.62 -34.26
N GLU D 369 -8.97 36.02 -33.19
CA GLU D 369 -7.68 35.46 -32.78
C GLU D 369 -6.62 35.56 -33.87
N LYS D 370 -6.64 36.65 -34.63
CA LYS D 370 -5.61 36.95 -35.62
C LYS D 370 -4.72 38.12 -35.19
N THR D 371 -5.30 39.16 -34.60
CA THR D 371 -4.52 40.29 -34.11
C THR D 371 -4.21 40.09 -32.62
N ARG D 372 -2.93 40.03 -32.28
CA ARG D 372 -2.52 39.83 -30.89
C ARG D 372 -2.53 41.18 -30.16
N TYR D 373 -3.43 41.32 -29.19
CA TYR D 373 -3.46 42.55 -28.42
C TYR D 373 -2.27 42.64 -27.48
N ALA D 374 -1.95 41.57 -26.77
CA ALA D 374 -0.92 41.65 -25.75
C ALA D 374 -0.39 40.25 -25.43
N ILE D 375 0.73 40.23 -24.71
CA ILE D 375 1.31 39.02 -24.15
C ILE D 375 1.50 39.24 -22.65
N LEU D 376 0.94 38.36 -21.84
CA LEU D 376 0.98 38.51 -20.39
C LEU D 376 1.67 37.30 -19.77
N SER D 377 2.63 37.54 -18.89
CA SER D 377 3.34 36.45 -18.23
C SER D 377 3.96 36.95 -16.94
N GLU D 378 4.27 36.00 -16.06
CA GLU D 378 5.05 36.24 -14.85
C GLU D 378 4.39 37.28 -13.94
N GLY D 379 3.21 36.94 -13.45
CA GLY D 379 2.58 37.70 -12.38
C GLY D 379 1.52 38.68 -12.81
N GLN D 380 1.36 38.97 -14.09
CA GLN D 380 0.27 39.84 -14.49
C GLN D 380 -1.01 39.03 -14.64
N PHE D 381 -2.07 39.70 -15.08
CA PHE D 381 -3.42 39.17 -14.94
C PHE D 381 -4.26 39.58 -16.15
N PHE D 382 -5.47 39.05 -16.20
CA PHE D 382 -6.43 39.41 -17.23
C PHE D 382 -7.84 39.05 -16.74
N GLY D 383 -8.83 39.64 -17.40
CA GLY D 383 -10.21 39.33 -17.11
C GLY D 383 -10.84 40.11 -15.97
N GLU D 384 -10.30 41.29 -15.66
CA GLU D 384 -10.81 42.05 -14.52
C GLU D 384 -12.10 42.81 -14.83
N MET D 385 -12.42 43.04 -16.11
CA MET D 385 -13.68 43.68 -16.44
C MET D 385 -14.86 42.86 -15.94
N ALA D 386 -14.82 41.54 -16.13
CA ALA D 386 -15.88 40.69 -15.63
C ALA D 386 -15.95 40.69 -14.11
N LEU D 387 -14.93 41.23 -13.43
CA LEU D 387 -14.97 41.34 -11.98
C LEU D 387 -15.79 42.53 -11.50
N ILE D 388 -16.08 43.51 -12.36
CA ILE D 388 -16.91 44.63 -11.96
C ILE D 388 -18.08 44.88 -12.91
N LEU D 389 -18.30 44.01 -13.88
CA LEU D 389 -19.51 44.04 -14.69
C LEU D 389 -19.77 42.66 -15.25
N ARG D 390 -21.01 42.43 -15.70
CA ARG D 390 -21.39 41.16 -16.28
C ARG D 390 -21.40 41.20 -17.81
N ALA D 391 -20.87 42.25 -18.41
CA ALA D 391 -20.75 42.31 -19.85
C ALA D 391 -19.74 41.26 -20.33
N PRO D 392 -19.90 40.76 -21.56
CA PRO D 392 -19.01 39.70 -22.04
C PRO D 392 -17.57 40.17 -22.18
N ARG D 393 -16.69 39.19 -22.36
CA ARG D 393 -15.26 39.45 -22.46
C ARG D 393 -14.95 40.31 -23.68
N THR D 394 -14.09 41.31 -23.49
CA THR D 394 -13.73 42.19 -24.59
C THR D 394 -12.70 41.58 -25.52
N ALA D 395 -12.03 40.51 -25.11
CA ALA D 395 -11.00 39.91 -25.95
C ALA D 395 -10.85 38.44 -25.55
N THR D 396 -10.22 37.68 -26.45
CA THR D 396 -9.96 36.27 -26.22
C THR D 396 -8.58 36.11 -25.60
N VAL D 397 -8.46 35.17 -24.67
CA VAL D 397 -7.18 34.86 -24.03
C VAL D 397 -6.82 33.43 -24.36
N ARG D 398 -5.64 33.24 -24.94
CA ARG D 398 -5.18 31.93 -25.40
C ARG D 398 -3.88 31.60 -24.69
N ALA D 399 -3.76 30.36 -24.21
CA ALA D 399 -2.58 29.94 -23.48
C ALA D 399 -1.43 29.69 -24.45
N ARG D 400 -0.35 30.46 -24.30
CA ARG D 400 0.86 30.21 -25.08
C ARG D 400 1.48 28.86 -24.71
N ALA D 401 1.61 28.61 -23.41
CA ALA D 401 2.15 27.36 -22.91
C ALA D 401 1.36 27.01 -21.65
N PHE D 402 1.87 26.05 -20.88
CA PHE D 402 1.24 25.74 -19.60
C PHE D 402 1.30 26.94 -18.68
N CYS D 403 0.16 27.28 -18.09
CA CYS D 403 -0.02 28.57 -17.44
C CYS D 403 0.13 28.56 -15.94
N ASP D 404 -0.43 27.55 -15.26
CA ASP D 404 -0.40 27.45 -13.80
C ASP D 404 -1.05 28.68 -13.14
N LEU D 405 -2.00 29.30 -13.83
CA LEU D 405 -2.62 30.50 -13.30
C LEU D 405 -3.70 30.17 -12.27
N TYR D 406 -4.14 31.19 -11.56
CA TYR D 406 -5.12 31.06 -10.48
C TYR D 406 -6.41 31.75 -10.88
N ARG D 407 -7.53 31.08 -10.65
CA ARG D 407 -8.84 31.56 -11.05
C ARG D 407 -9.63 31.97 -9.82
N LEU D 408 -10.19 33.18 -9.86
CA LEU D 408 -11.08 33.68 -8.83
C LEU D 408 -12.46 33.88 -9.43
N ASP D 409 -13.46 33.19 -8.89
CA ASP D 409 -14.80 33.23 -9.44
C ASP D 409 -15.50 34.53 -9.07
N LYS D 410 -16.43 34.94 -9.93
CA LYS D 410 -17.26 36.11 -9.64
C LYS D 410 -18.12 35.88 -8.40
N GLU D 411 -18.75 34.71 -8.31
CA GLU D 411 -19.66 34.45 -7.19
C GLU D 411 -18.90 34.42 -5.87
N THR D 412 -17.70 33.83 -5.85
CA THR D 412 -16.87 33.87 -4.65
C THR D 412 -16.43 35.30 -4.35
N PHE D 413 -16.17 36.09 -5.39
CA PHE D 413 -15.76 37.47 -5.20
C PHE D 413 -16.86 38.27 -4.52
N ASP D 414 -18.11 38.12 -4.97
CA ASP D 414 -19.21 38.80 -4.28
C ASP D 414 -19.47 38.21 -2.90
N ARG D 415 -19.27 36.90 -2.74
CA ARG D 415 -19.47 36.26 -1.45
C ARG D 415 -18.54 36.84 -0.39
N ILE D 416 -17.27 37.09 -0.76
CA ILE D 416 -16.37 37.73 0.19
C ILE D 416 -16.52 39.25 0.19
N LEU D 417 -17.10 39.83 -0.87
CA LEU D 417 -17.33 41.26 -0.90
C LEU D 417 -18.49 41.68 -0.01
N SER D 418 -19.38 40.74 0.31
CA SER D 418 -20.57 41.08 1.08
C SER D 418 -20.22 41.59 2.48
N ARG D 419 -19.21 41.00 3.11
CA ARG D 419 -18.85 41.37 4.47
C ARG D 419 -17.73 42.41 4.56
N TYR D 420 -17.27 42.96 3.44
CA TYR D 420 -16.50 44.21 3.43
C TYR D 420 -17.30 45.26 2.65
N PRO D 421 -18.12 46.05 3.35
CA PRO D 421 -18.94 47.04 2.64
C PRO D 421 -18.16 48.20 2.08
N GLU D 422 -17.07 48.63 2.72
CA GLU D 422 -16.35 49.81 2.26
C GLU D 422 -15.69 49.58 0.91
N ILE D 423 -15.03 48.44 0.72
CA ILE D 423 -14.45 48.16 -0.58
C ILE D 423 -15.53 47.71 -1.56
N ALA D 424 -16.67 47.23 -1.06
CA ALA D 424 -17.82 46.99 -1.94
C ALA D 424 -18.30 48.30 -2.55
N ALA D 425 -18.30 49.38 -1.77
CA ALA D 425 -18.59 50.70 -2.34
C ALA D 425 -17.44 51.18 -3.23
N GLN D 426 -16.21 50.81 -2.89
CA GLN D 426 -15.05 51.28 -3.65
C GLN D 426 -15.08 50.74 -5.07
N ILE D 427 -15.31 49.43 -5.22
CA ILE D 427 -15.04 48.75 -6.49
C ILE D 427 -16.04 49.11 -7.59
N GLN D 428 -17.07 49.91 -7.26
CA GLN D 428 -17.88 50.52 -8.31
C GLN D 428 -17.06 51.47 -9.18
N GLU D 429 -15.98 52.03 -8.64
CA GLU D 429 -15.07 52.81 -9.44
C GLU D 429 -13.92 51.90 -9.87
#